data_6EOJ
#
_entry.id   6EOJ
#
_cell.length_a   1
_cell.length_b   1
_cell.length_c   1
_cell.angle_alpha   90
_cell.angle_beta   90
_cell.angle_gamma   90
#
_symmetry.space_group_name_H-M   'P 1'
#
loop_
_entity.id
_entity.type
_entity.pdbx_description
1 polymer 'Protein CFT1'
2 polymer "mRNA 3'-end-processing protein YTH1"
3 polymer 'Polyadenylation factor subunit 2,Polyadenylation factor subunit 2'
4 non-polymer 'ZINC ION'
#
loop_
_entity_poly.entity_id
_entity_poly.type
_entity_poly.pdbx_seq_one_letter_code
_entity_poly.pdbx_strand_id
1 'polypeptide(L)'
;MNVYDDVLDATVVSHSLATHFTTSDYEELLVVRTNILSVYRPTRDGKLYLTDEFKFHGLITDIGLIPQKDSPLSCLLLCT
GVAKISILKFNTLTNSIDTLSLHYYEGKFKGKSLVELAKISTLRMDPGSSCALLFNNDIIAFLPFHVNKNDDDEEEEDED
ENIDDSELIHSMNQKSQGTNTFNKRKRTKLGDKFTAPSVVLVASELYEGAKNIIDIQFLKNFTKPTIALLYQPKLVWAGN
TTISKLPTQYVILTLNIQPAESATKIESTTIAFVKELPWDLHTIVPVSNGAIIVGTNELAFLDNTGVLQSTVLLNSFADK
ELQKTKIINNSSLEIMFREKNTTSIWIPSSKSKNGGSNNDETLLLMDLKSNIYYIQMEAEGRLLIKFDIFKLPIVNDLLK
ENSNPKCITRLNATNSNKNMDLFIGFGSGNALVLRLNNLKSTIETREAHNPSSGTNSLMDINDDDDEEMDDLYADEAPEN
GLTTNDSKGTVETVQPFDIELLSSLRNVGPITSLTVGKVSSIDDVVKGLPNPNKNEYSLVATSGNGSGSHLTVIQTSVQP
EIELALKFISITQIWNLKIKGRDRYLITTDSTKSRSDIYESDNNFKLHKGGRLRRDATTVYISMFGEEKRIIQVTTNHLY
LYDTHFRRLTTIKFDYEVIHVSVMDPYILVTVSRGDIKIFELEEKNKRKLLKVDLPEILNEMVITSGLILKSNMCNEFLI
GLSKSQEEQLLFTFVTADNQIIFFTKDHNDRIFQLNGVDQLNESLYISTYQLGDEIVPDPSIKQVMINKLGHDNKEEYLT
ILTFGGEIYQYRKLPQRRSRFYRNVTRNDLAITGAPDNAYAKGVSSIERIMHYFPDYNGYSVIFVTGSVPYILIKEDDST
PKIFKFGNIPLVSVTPWSERSVMCVDDIKNARVYTLTTDNMYYGNKLPLKQIKISNVLDDYKTLQKLVYHERAQLFLVSY
CKRVPYEALGEDGEKVIGYDENVPHAEGFQSGILLINPKSWKVIDKIDFPKNSVVNEMRSSMIQINSKTKRKREYIIAGV
ANATTEDTPPTGAFHIYDVIEVVPEPGKPDTNYKLKEIFQEEVSGTVSTVCEVSGRFMISQSQKVLVRDIQEDNSVIPVA
FLDIPVFVTDSKSFGNLLIIGDAMQGFQFIGFDAEPYRMISLGRSMSKFQTMSLEFLVNGGDMYFAATDADRNVHVLKYA
PDEPNSLSGQRLVHCSSFTLHSTNSCMMLLPRNEEFGSPQVPSFQNVGGQVDGSVFKIVPLSEEKYRRLYVIQQQIIDRE
LQLGGLNPRMERLANDFYQMGHSMRPMLDFNVIRRFCGLAIDRRKSIAQKAGRHAHFEAWRDIINIEFSMRSLCQGK
;
A
2 'polypeptide(L)'
;PSLIHPDTAKYPFKFEPFLRQEYSFSLDPDRPICEFYNSREGPKSCPRGPLCPKKHVLPIFQNKIVCRHWLRGLCKKNDQ
CEYLHEYNLRKMPECVFFSKNGYCTQSPDCQYLHIDPASKIPKCENYEMGFCPLGSSCPRRHIKKVFCQRYMTGFCPLGK
DECDMEHPQFIIPDEGSKLRIKRDDEINTRKMDEEKERRLNAIINGEV
;
B
3 'polypeptide(L)'
;MDGHNQNQYQNQNQIQQSQQPPLKKYVTQRRSVDVSSPYINLYYNRRHGLPNLVVEPETSYTIDIMPPNAYRGRDRVINL
PSKFTHLSSNKVKHVIPAIQWTPEGRRLVVATYSGEFSLWNASSFTFETLMQAHDSAVTTMKYSHDSDWMISGDADGMIK
IWQPNFSMVKEIDAAHTESIRDMAFSSNDSKFVTCSDDNILKIWNFSNGKQERVLSGHHWDVKSCDWHPEMGLIASASKD
NLVKLWDPRSGNCISSILKFKHTVLKTRFQPTKGNLLMAISKDKSCRVFDIRYSMKELMCVRDETDYMTLEWHPINESMF
TLACYDGSLKHFDLLQNLNEPILTIPYAHDKCITSLSYNPVGHIFATAAKDRTIRFWTRARPIDPNAYDDPTYNNKKING
WFFGINNDINAVREKSEFGAAPPPPATLEPHALPNMNGFINKKPRQEIPGIDSNIKSSTLPGLSI(UNK)(UNK)(UNK)
(UNK)(UNK)
;
D
#
loop_
_chem_comp.id
_chem_comp.type
_chem_comp.name
_chem_comp.formula
ZN non-polymer 'ZINC ION' 'Zn 2'
#
# COMPACT_ATOMS: atom_id res chain seq x y z
N MET A 1 17.22 -8.91 4.61
CA MET A 1 18.13 -8.17 3.68
C MET A 1 17.54 -8.11 2.28
N ASN A 2 16.77 -7.04 2.01
CA ASN A 2 15.94 -6.94 0.80
C ASN A 2 16.02 -5.58 0.11
N VAL A 3 15.65 -5.58 -1.16
CA VAL A 3 15.40 -4.36 -1.92
C VAL A 3 13.92 -4.22 -2.19
N TYR A 4 13.46 -2.97 -2.16
CA TYR A 4 12.08 -2.62 -2.48
C TYR A 4 12.09 -1.81 -3.76
N ASP A 5 11.48 -2.34 -4.81
CA ASP A 5 11.25 -1.58 -6.02
C ASP A 5 9.77 -1.52 -6.32
N ASP A 6 9.31 -0.34 -6.73
CA ASP A 6 7.99 -0.22 -7.34
C ASP A 6 8.08 -0.79 -8.75
N VAL A 7 7.47 -1.98 -8.92
CA VAL A 7 7.35 -2.62 -10.23
C VAL A 7 6.43 -1.74 -11.08
N LEU A 8 5.27 -1.44 -10.51
CA LEU A 8 4.34 -0.49 -11.07
C LEU A 8 4.34 0.70 -10.13
N ASP A 9 4.69 1.87 -10.67
CA ASP A 9 4.68 3.08 -9.86
C ASP A 9 3.24 3.52 -9.56
N ALA A 10 3.08 4.20 -8.43
CA ALA A 10 1.77 4.62 -7.92
C ALA A 10 0.97 5.42 -8.94
N THR A 11 -0.37 5.33 -8.82
CA THR A 11 -1.26 5.88 -9.82
C THR A 11 -2.53 6.57 -9.29
N VAL A 12 -3.02 6.15 -8.12
CA VAL A 12 -4.14 6.80 -7.44
C VAL A 12 -3.80 8.26 -7.21
N VAL A 13 -4.59 9.14 -7.80
CA VAL A 13 -4.38 10.57 -7.63
C VAL A 13 -4.99 11.00 -6.30
N SER A 14 -4.10 11.28 -5.34
CA SER A 14 -4.49 11.71 -4.01
C SER A 14 -4.64 13.22 -3.94
N HIS A 15 -3.71 13.95 -4.56
CA HIS A 15 -3.70 15.41 -4.51
C HIS A 15 -3.39 16.01 -5.87
N SER A 16 -3.93 17.21 -6.11
CA SER A 16 -3.76 17.93 -7.38
C SER A 16 -4.10 19.41 -7.30
N LEU A 17 -3.17 20.23 -7.74
CA LEU A 17 -3.35 21.67 -7.76
C LEU A 17 -2.93 22.29 -9.09
N ALA A 18 -3.79 23.15 -9.63
CA ALA A 18 -3.55 23.78 -10.91
C ALA A 18 -3.07 25.23 -10.76
N THR A 19 -1.78 25.38 -10.53
CA THR A 19 -1.13 26.69 -10.45
C THR A 19 0.27 26.60 -11.06
N HIS A 20 0.70 27.70 -11.70
CA HIS A 20 2.00 27.81 -12.35
C HIS A 20 3.14 27.38 -11.44
N PHE A 21 3.81 26.29 -11.82
CA PHE A 21 4.92 25.74 -11.07
C PHE A 21 6.15 25.54 -11.95
N THR A 22 6.01 24.69 -12.97
CA THR A 22 7.08 24.40 -13.92
C THR A 22 7.32 25.61 -14.85
N THR A 23 6.24 26.12 -15.45
CA THR A 23 6.32 27.24 -16.39
C THR A 23 5.21 28.25 -16.11
N SER A 24 5.56 29.53 -16.25
CA SER A 24 4.61 30.64 -16.10
C SER A 24 3.74 30.86 -17.33
N ASP A 25 4.04 30.13 -18.42
CA ASP A 25 3.35 30.27 -19.70
C ASP A 25 1.90 29.76 -19.68
N TYR A 26 1.73 28.52 -19.22
CA TYR A 26 0.41 27.88 -19.15
C TYR A 26 0.07 27.39 -17.75
N GLU A 27 -1.22 27.40 -17.42
CA GLU A 27 -1.72 26.94 -16.13
C GLU A 27 -1.49 25.44 -16.00
N GLU A 28 -0.58 25.07 -15.09
CA GLU A 28 -0.13 23.69 -14.97
C GLU A 28 -0.78 22.93 -13.83
N LEU A 29 -1.38 21.80 -14.19
CA LEU A 29 -2.01 20.89 -13.26
C LEU A 29 -0.96 19.95 -12.69
N LEU A 30 -0.48 20.27 -11.50
CA LEU A 30 0.36 19.35 -10.74
C LEU A 30 -0.55 18.27 -10.20
N VAL A 31 -0.10 17.03 -10.35
CA VAL A 31 -0.86 15.89 -9.88
C VAL A 31 0.07 15.02 -9.06
N VAL A 32 -0.26 14.92 -7.78
CA VAL A 32 0.35 13.98 -6.89
C VAL A 32 -0.39 12.66 -7.08
N ARG A 33 0.36 11.63 -7.43
CA ARG A 33 -0.13 10.27 -7.31
C ARG A 33 -0.07 9.93 -5.82
N THR A 34 1.03 9.36 -5.34
CA THR A 34 1.26 9.27 -3.90
C THR A 34 2.67 9.64 -3.50
N ASN A 35 3.63 9.21 -4.30
CA ASN A 35 5.02 9.63 -4.13
C ASN A 35 5.52 10.31 -5.40
N ILE A 36 4.69 10.26 -6.44
CA ILE A 36 5.06 10.77 -7.75
C ILE A 36 4.24 12.00 -8.11
N LEU A 37 4.88 13.17 -8.00
CA LEU A 37 4.31 14.44 -8.40
C LEU A 37 4.54 14.63 -9.90
N SER A 38 3.45 14.70 -10.64
CA SER A 38 3.48 14.77 -12.09
C SER A 38 2.75 16.02 -12.58
N VAL A 39 3.49 16.88 -13.26
CA VAL A 39 2.99 18.16 -13.75
C VAL A 39 2.45 18.01 -15.16
N TYR A 40 1.16 18.27 -15.32
CA TYR A 40 0.48 18.18 -16.62
C TYR A 40 0.04 19.55 -17.09
N ARG A 41 0.16 19.78 -18.39
CA ARG A 41 -0.41 20.97 -19.02
C ARG A 41 -1.68 20.62 -19.79
N PRO A 42 -2.87 20.93 -19.21
CA PRO A 42 -4.12 20.64 -19.91
C PRO A 42 -4.29 21.54 -21.14
N THR A 43 -4.60 20.90 -22.27
CA THR A 43 -4.86 21.61 -23.52
C THR A 43 -6.33 22.05 -23.60
N ARG A 44 -6.66 22.81 -24.65
CA ARG A 44 -8.04 23.23 -24.94
C ARG A 44 -8.97 22.05 -25.17
N ASP A 45 -8.42 20.99 -25.77
CA ASP A 45 -9.13 19.71 -25.95
C ASP A 45 -9.30 18.95 -24.64
N GLY A 46 -8.47 19.28 -23.64
CA GLY A 46 -8.57 18.71 -22.30
C GLY A 46 -7.49 17.72 -21.91
N LYS A 47 -6.89 17.07 -22.92
CA LYS A 47 -5.88 16.03 -22.72
C LYS A 47 -4.65 16.52 -21.96
N LEU A 48 -4.31 15.81 -20.88
CA LEU A 48 -3.21 16.17 -20.02
C LEU A 48 -1.89 15.68 -20.60
N TYR A 49 -1.05 16.63 -20.97
CA TYR A 49 0.29 16.33 -21.45
C TYR A 49 1.30 16.62 -20.36
N LEU A 50 2.02 15.58 -19.94
CA LEU A 50 3.00 15.68 -18.87
C LEU A 50 4.22 16.45 -19.33
N THR A 51 4.48 17.56 -18.64
CA THR A 51 5.67 18.39 -18.86
C THR A 51 6.85 17.85 -18.06
N ASP A 52 6.62 17.58 -16.79
CA ASP A 52 7.66 17.16 -15.85
C ASP A 52 7.10 16.24 -14.80
N GLU A 53 7.80 15.13 -14.57
CA GLU A 53 7.43 14.17 -13.53
C GLU A 53 8.54 14.09 -12.48
N PHE A 54 8.12 13.97 -11.22
CA PHE A 54 9.04 14.00 -10.09
C PHE A 54 8.69 12.91 -9.08
N LYS A 55 9.66 12.04 -8.80
CA LYS A 55 9.47 10.95 -7.84
C LYS A 55 10.13 11.30 -6.53
N PHE A 56 9.29 11.52 -5.52
CA PHE A 56 9.75 11.86 -4.18
C PHE A 56 9.90 10.61 -3.35
N HIS A 57 11.05 10.51 -2.70
CA HIS A 57 11.36 9.39 -1.81
C HIS A 57 10.60 9.61 -0.51
N GLY A 58 9.33 9.24 -0.55
CA GLY A 58 8.40 9.55 0.53
C GLY A 58 7.04 9.94 0.00
N LEU A 59 6.00 9.54 0.72
CA LEU A 59 4.62 9.78 0.34
C LEU A 59 4.28 11.27 0.44
N ILE A 60 3.70 11.81 -0.64
CA ILE A 60 3.19 13.17 -0.65
C ILE A 60 1.80 13.13 -0.04
N THR A 61 1.75 13.46 1.24
CA THR A 61 0.54 13.34 2.05
C THR A 61 -0.47 14.42 1.71
N ASP A 62 0.02 15.64 1.48
CA ASP A 62 -0.81 16.78 1.10
C ASP A 62 0.04 17.84 0.41
N ILE A 63 -0.55 18.52 -0.57
CA ILE A 63 0.18 19.52 -1.35
C ILE A 63 -0.57 20.86 -1.45
N GLY A 64 0.19 21.93 -1.66
CA GLY A 64 -0.34 23.28 -1.84
C GLY A 64 0.66 24.21 -2.47
N LEU A 65 0.17 25.29 -3.09
CA LEU A 65 1.03 26.27 -3.74
C LEU A 65 1.11 27.60 -3.00
N ILE A 66 2.33 27.99 -2.66
CA ILE A 66 2.62 29.28 -2.07
C ILE A 66 3.38 30.16 -3.07
N PRO A 67 2.78 31.30 -3.48
CA PRO A 67 3.43 32.22 -4.42
C PRO A 67 4.71 32.83 -3.86
N GLN A 68 5.76 32.81 -4.66
CA GLN A 68 7.06 33.40 -4.29
C GLN A 68 7.27 34.77 -4.93
N LYS A 69 8.00 35.63 -4.22
CA LYS A 69 8.32 36.99 -4.69
C LYS A 69 9.37 36.98 -5.80
N ASP A 70 9.38 38.07 -6.58
CA ASP A 70 10.32 38.30 -7.71
C ASP A 70 10.19 37.37 -8.93
N SER A 71 9.42 36.29 -8.78
CA SER A 71 9.23 35.30 -9.86
C SER A 71 7.77 34.88 -10.01
N PRO A 72 7.27 34.80 -11.27
CA PRO A 72 5.86 34.48 -11.54
C PRO A 72 5.48 33.02 -11.23
N LEU A 73 6.41 32.09 -11.44
CA LEU A 73 6.19 30.67 -11.16
C LEU A 73 6.14 30.41 -9.65
N SER A 74 4.97 29.97 -9.19
CA SER A 74 4.67 29.84 -7.77
C SER A 74 5.31 28.60 -7.15
N CYS A 75 5.89 28.80 -5.96
CA CYS A 75 6.52 27.72 -5.19
C CYS A 75 5.52 26.69 -4.71
N LEU A 76 6.03 25.47 -4.56
CA LEU A 76 5.24 24.35 -4.11
C LEU A 76 5.50 24.04 -2.65
N LEU A 77 4.54 23.40 -2.02
CA LEU A 77 4.63 23.00 -0.62
C LEU A 77 4.00 21.62 -0.52
N LEU A 78 4.81 20.62 -0.21
CA LEU A 78 4.31 19.26 0.01
C LEU A 78 4.67 18.67 1.35
N CYS A 79 3.80 17.80 1.84
CA CYS A 79 3.99 17.12 3.13
C CYS A 79 4.33 15.67 2.93
N THR A 80 5.37 15.22 3.63
CA THR A 80 5.91 13.87 3.45
C THR A 80 5.69 12.99 4.68
N GLY A 81 4.76 12.04 4.54
CA GLY A 81 4.36 11.14 5.63
C GLY A 81 3.75 11.93 6.77
N VAL A 82 4.13 11.57 7.99
CA VAL A 82 3.64 12.24 9.19
C VAL A 82 4.40 13.56 9.36
N ALA A 83 3.72 14.66 9.02
CA ALA A 83 4.15 16.04 9.26
C ALA A 83 5.60 16.38 8.87
N LYS A 84 5.80 16.62 7.59
CA LYS A 84 7.13 16.95 7.05
C LYS A 84 6.97 17.85 5.82
N ILE A 85 6.80 19.14 6.09
CA ILE A 85 6.65 20.15 5.05
C ILE A 85 7.95 20.30 4.24
N SER A 86 7.81 20.26 2.92
CA SER A 86 8.92 20.54 2.01
C SER A 86 8.51 21.63 1.02
N ILE A 87 9.19 22.78 1.14
CA ILE A 87 8.99 23.89 0.21
C ILE A 87 9.79 23.61 -1.05
N LEU A 88 9.14 23.77 -2.20
CA LEU A 88 9.75 23.42 -3.48
C LEU A 88 9.67 24.52 -4.53
N LYS A 89 10.83 25.09 -4.85
CA LYS A 89 10.97 25.96 -5.99
C LYS A 89 11.35 25.10 -7.18
N PHE A 90 10.68 25.32 -8.30
CA PHE A 90 11.12 24.73 -9.56
C PHE A 90 12.16 25.66 -10.17
N ASN A 91 13.39 25.16 -10.25
CA ASN A 91 14.46 25.90 -10.92
C ASN A 91 14.35 25.65 -12.42
N THR A 92 14.20 26.75 -13.16
CA THR A 92 14.02 26.72 -14.61
C THR A 92 15.30 26.29 -15.33
N LEU A 93 16.46 26.61 -14.74
CA LEU A 93 17.77 26.33 -15.31
C LEU A 93 18.14 24.84 -15.32
N THR A 94 17.87 24.15 -14.21
CA THR A 94 18.11 22.70 -14.11
C THR A 94 16.91 21.86 -14.59
N ASN A 95 15.76 22.52 -14.74
CA ASN A 95 14.46 21.90 -15.06
C ASN A 95 14.04 20.80 -14.07
N SER A 96 14.54 20.93 -12.84
CA SER A 96 14.24 20.02 -11.75
C SER A 96 13.87 20.80 -10.49
N ILE A 97 13.33 20.09 -9.51
CA ILE A 97 12.92 20.70 -8.24
C ILE A 97 14.10 20.80 -7.28
N ASP A 98 14.31 22.00 -6.74
CA ASP A 98 15.19 22.18 -5.59
C ASP A 98 14.39 22.58 -4.35
N THR A 99 14.79 22.03 -3.22
CA THR A 99 14.16 22.33 -1.94
C THR A 99 14.69 23.67 -1.43
N LEU A 100 13.76 24.59 -1.15
CA LEU A 100 14.12 25.85 -0.51
C LEU A 100 14.27 25.65 0.98
N SER A 101 13.30 24.95 1.57
CA SER A 101 13.30 24.65 3.00
C SER A 101 12.56 23.36 3.30
N LEU A 102 13.14 22.59 4.23
CA LEU A 102 12.51 21.38 4.75
C LEU A 102 12.13 21.64 6.21
N HIS A 103 10.93 21.23 6.57
CA HIS A 103 10.42 21.42 7.93
C HIS A 103 9.89 20.13 8.53
N TYR A 104 10.74 19.52 9.36
CA TYR A 104 10.37 18.32 10.11
C TYR A 104 9.52 18.75 11.31
N TYR A 105 8.31 18.20 11.38
CA TYR A 105 7.42 18.45 12.51
C TYR A 105 7.11 17.19 13.31
N GLU A 106 7.35 16.01 12.72
CA GLU A 106 7.09 14.71 13.34
C GLU A 106 7.64 14.61 14.76
N GLY A 107 8.82 15.18 14.98
CA GLY A 107 9.43 15.28 16.31
C GLY A 107 8.70 16.23 17.24
N LYS A 108 8.43 17.44 16.73
CA LYS A 108 7.72 18.50 17.48
C LYS A 108 6.27 18.13 17.80
N PHE A 109 5.66 17.33 16.91
CA PHE A 109 4.28 16.90 17.02
C PHE A 109 4.08 15.84 18.09
N LYS A 110 5.02 14.89 18.17
CA LYS A 110 5.02 13.86 19.22
C LYS A 110 5.19 14.48 20.60
N GLY A 111 5.92 15.60 20.65
CA GLY A 111 6.11 16.37 21.88
C GLY A 111 4.99 17.32 22.24
N LYS A 112 3.84 17.19 21.55
CA LYS A 112 2.64 17.97 21.86
C LYS A 112 1.45 17.04 22.01
N SER A 113 1.41 15.99 21.18
CA SER A 113 0.34 14.99 21.21
C SER A 113 0.60 13.94 22.29
N LEU A 114 -0.47 13.61 23.02
CA LEU A 114 -0.43 12.56 24.03
C LEU A 114 -0.82 11.23 23.40
N VAL A 115 -1.63 11.32 22.36
CA VAL A 115 -2.03 10.19 21.52
C VAL A 115 -1.03 10.01 20.36
N GLU A 116 -1.08 8.85 19.71
CA GLU A 116 -0.39 8.60 18.45
C GLU A 116 -0.93 9.54 17.38
N LEU A 117 -0.01 10.15 16.62
CA LEU A 117 -0.35 11.05 15.52
C LEU A 117 -0.96 10.29 14.36
N ALA A 118 -2.05 10.85 13.82
CA ALA A 118 -2.71 10.30 12.63
C ALA A 118 -1.73 10.28 11.45
N LYS A 119 -1.74 9.17 10.72
CA LYS A 119 -0.82 8.92 9.60
C LYS A 119 -0.86 10.03 8.55
N ILE A 120 -2.08 10.46 8.19
CA ILE A 120 -2.29 11.51 7.20
C ILE A 120 -2.34 12.89 7.86
N SER A 121 -1.17 13.48 8.06
CA SER A 121 -1.06 14.86 8.56
C SER A 121 -1.46 15.81 7.44
N THR A 122 -2.64 16.41 7.60
CA THR A 122 -3.27 17.20 6.55
C THR A 122 -2.84 18.67 6.60
N LEU A 123 -2.49 19.19 5.42
CA LEU A 123 -1.99 20.55 5.24
C LEU A 123 -3.09 21.49 4.76
N ARG A 124 -3.02 22.74 5.23
CA ARG A 124 -3.90 23.80 4.79
C ARG A 124 -3.13 25.02 4.31
N MET A 125 -3.57 25.57 3.18
CA MET A 125 -2.99 26.78 2.61
C MET A 125 -3.91 27.96 2.86
N ASP A 126 -3.32 29.13 3.10
CA ASP A 126 -4.11 30.36 3.22
C ASP A 126 -4.26 31.07 1.86
N PRO A 127 -5.47 31.60 1.59
CA PRO A 127 -5.73 32.38 0.37
C PRO A 127 -4.96 33.69 0.33
N GLY A 128 -4.66 34.24 1.51
CA GLY A 128 -3.82 35.43 1.66
C GLY A 128 -2.35 35.20 1.36
N SER A 129 -1.97 33.92 1.27
CA SER A 129 -0.60 33.46 0.94
C SER A 129 0.46 33.98 1.91
N SER A 130 0.17 33.85 3.21
CA SER A 130 0.99 34.39 4.29
C SER A 130 1.41 33.34 5.32
N CYS A 131 0.52 32.41 5.64
CA CYS A 131 0.85 31.29 6.52
C CYS A 131 0.10 30.02 6.15
N ALA A 132 0.86 28.95 5.94
CA ALA A 132 0.29 27.66 5.62
C ALA A 132 0.46 26.72 6.80
N LEU A 133 -0.66 26.30 7.38
CA LEU A 133 -0.63 25.40 8.52
C LEU A 133 -0.62 23.94 8.12
N LEU A 134 -0.10 23.12 9.03
CA LEU A 134 -0.16 21.68 8.92
C LEU A 134 -0.63 21.13 10.25
N PHE A 135 -1.83 20.53 10.25
CA PHE A 135 -2.36 19.93 11.47
C PHE A 135 -2.50 18.42 11.38
N ASN A 136 -2.17 17.74 12.48
CA ASN A 136 -2.27 16.30 12.55
C ASN A 136 -3.61 15.90 13.15
N ASN A 137 -3.71 16.03 14.48
CA ASN A 137 -4.94 15.76 15.22
C ASN A 137 -4.95 16.61 16.48
N ASP A 138 -5.52 17.81 16.34
CA ASP A 138 -5.54 18.86 17.38
C ASP A 138 -4.19 19.60 17.57
N ILE A 139 -3.14 19.07 16.95
CA ILE A 139 -1.81 19.65 17.03
C ILE A 139 -1.47 20.28 15.68
N ILE A 140 -1.11 21.56 15.70
CA ILE A 140 -0.93 22.34 14.48
C ILE A 140 0.48 22.92 14.36
N ALA A 141 1.09 22.69 13.21
CA ALA A 141 2.27 23.42 12.78
C ALA A 141 1.81 24.64 12.01
N PHE A 142 2.46 25.78 12.26
CA PHE A 142 2.27 26.96 11.44
C PHE A 142 3.55 27.32 10.73
N LEU A 143 3.44 27.46 9.41
CA LEU A 143 4.56 27.85 8.57
C LEU A 143 4.25 29.23 7.96
N PRO A 144 4.76 30.30 8.58
CA PRO A 144 4.53 31.64 8.04
C PRO A 144 5.51 31.98 6.92
N PHE A 145 5.15 32.98 6.11
CA PHE A 145 5.94 33.40 4.96
C PHE A 145 6.19 34.91 4.99
N HIS A 146 7.38 35.31 4.55
CA HIS A 146 7.73 36.73 4.40
C HIS A 146 7.06 37.28 3.14
N VAL A 147 6.25 38.32 3.34
CA VAL A 147 5.49 38.95 2.24
C VAL A 147 5.93 40.39 1.99
N LYS A 193 15.61 34.80 3.34
CA LYS A 193 14.99 33.48 3.21
C LYS A 193 13.50 33.54 2.87
N PHE A 194 12.99 32.43 2.34
CA PHE A 194 11.59 32.33 1.91
C PHE A 194 10.63 32.13 3.09
N THR A 195 10.89 31.10 3.90
CA THR A 195 10.02 30.73 5.02
C THR A 195 10.48 31.33 6.35
N ALA A 196 9.51 31.81 7.12
CA ALA A 196 9.72 32.25 8.50
C ALA A 196 9.91 31.02 9.41
N PRO A 197 10.65 31.18 10.54
CA PRO A 197 10.76 30.09 11.52
C PRO A 197 9.39 29.58 11.98
N SER A 198 9.24 28.27 11.99
CA SER A 198 7.93 27.62 12.17
C SER A 198 7.60 27.31 13.62
N VAL A 199 6.33 27.51 13.97
CA VAL A 199 5.83 27.18 15.31
C VAL A 199 5.00 25.90 15.28
N VAL A 200 4.95 25.20 16.41
CA VAL A 200 4.07 24.06 16.61
C VAL A 200 3.29 24.29 17.90
N LEU A 201 1.97 24.31 17.78
CA LEU A 201 1.08 24.52 18.92
C LEU A 201 -0.18 23.67 18.84
N VAL A 202 -0.61 23.18 20.00
CA VAL A 202 -1.86 22.46 20.15
C VAL A 202 -3.01 23.47 20.05
N ALA A 203 -4.17 23.02 19.57
CA ALA A 203 -5.34 23.88 19.37
C ALA A 203 -5.85 24.54 20.65
N SER A 204 -5.59 23.89 21.78
CA SER A 204 -5.88 24.43 23.12
C SER A 204 -5.12 25.74 23.41
N GLU A 205 -4.00 25.94 22.73
CA GLU A 205 -3.24 27.19 22.82
C GLU A 205 -3.88 28.30 21.98
N LEU A 206 -4.49 27.93 20.86
CA LEU A 206 -5.19 28.87 19.99
C LEU A 206 -6.50 29.36 20.61
N TYR A 207 -7.43 28.43 20.83
CA TYR A 207 -8.69 28.71 21.49
C TYR A 207 -8.80 27.97 22.82
N GLU A 208 -9.48 28.59 23.79
CA GLU A 208 -9.67 28.04 25.14
C GLU A 208 -10.25 26.61 25.17
N GLY A 209 -11.20 26.35 24.27
CA GLY A 209 -11.71 25.01 24.02
C GLY A 209 -10.78 24.30 23.06
N ALA A 210 -11.28 24.05 21.84
CA ALA A 210 -10.56 23.37 20.76
C ALA A 210 -9.84 22.11 21.23
N LYS A 211 -10.63 21.13 21.68
CA LYS A 211 -10.12 19.95 22.37
C LYS A 211 -9.64 18.84 21.43
N ASN A 212 -10.40 18.60 20.37
CA ASN A 212 -9.95 17.74 19.27
C ASN A 212 -10.51 18.22 17.94
N ILE A 213 -9.60 18.61 17.06
CA ILE A 213 -9.93 19.24 15.79
C ILE A 213 -10.57 18.25 14.83
N ILE A 214 -11.74 18.63 14.32
CA ILE A 214 -12.38 17.87 13.25
C ILE A 214 -11.70 18.21 11.93
N ASP A 215 -11.64 19.51 11.62
CA ASP A 215 -10.96 20.02 10.43
C ASP A 215 -10.69 21.50 10.58
N ILE A 216 -9.47 21.91 10.24
CA ILE A 216 -9.14 23.32 10.07
C ILE A 216 -9.18 23.64 8.59
N GLN A 217 -9.60 24.85 8.26
CA GLN A 217 -9.41 25.42 6.93
C GLN A 217 -9.20 26.91 7.06
N PHE A 218 -8.37 27.46 6.18
CA PHE A 218 -8.19 28.91 6.11
C PHE A 218 -9.35 29.57 5.39
N LEU A 219 -9.79 30.71 5.90
CA LEU A 219 -10.98 31.38 5.37
C LEU A 219 -10.68 32.50 4.37
N LYS A 220 -11.64 32.70 3.47
CA LYS A 220 -11.49 33.63 2.35
C LYS A 220 -11.71 35.09 2.75
N ASN A 221 -11.09 35.99 1.97
CA ASN A 221 -11.13 37.46 2.16
C ASN A 221 -10.98 38.00 3.60
N PHE A 222 -9.75 37.90 4.10
CA PHE A 222 -9.33 38.51 5.35
C PHE A 222 -7.95 39.15 5.17
N THR A 223 -7.79 40.36 5.69
CA THR A 223 -6.54 41.13 5.57
C THR A 223 -5.38 40.41 6.23
N LYS A 224 -5.58 40.01 7.49
CA LYS A 224 -4.65 39.13 8.20
C LYS A 224 -5.22 37.70 8.19
N PRO A 225 -4.34 36.67 8.00
CA PRO A 225 -4.78 35.29 7.79
C PRO A 225 -5.63 34.73 8.93
N THR A 226 -6.64 33.95 8.57
CA THR A 226 -7.56 33.40 9.56
C THR A 226 -7.87 31.92 9.36
N ILE A 227 -7.62 31.16 10.42
CA ILE A 227 -7.99 29.76 10.51
C ILE A 227 -9.43 29.67 10.98
N ALA A 228 -10.08 28.55 10.68
CA ALA A 228 -11.39 28.26 11.22
C ALA A 228 -11.44 26.81 11.74
N LEU A 229 -11.13 26.68 13.02
CA LEU A 229 -11.09 25.42 13.72
C LEU A 229 -12.48 24.89 13.99
N LEU A 230 -12.88 23.90 13.19
CA LEU A 230 -14.07 23.10 13.49
C LEU A 230 -13.62 21.95 14.37
N TYR A 231 -14.23 21.84 15.54
CA TYR A 231 -13.83 20.84 16.53
C TYR A 231 -14.98 20.32 17.38
N GLN A 232 -14.77 19.16 17.99
CA GLN A 232 -15.66 18.68 19.03
C GLN A 232 -14.92 18.74 20.37
N PRO A 233 -15.52 19.40 21.38
CA PRO A 233 -14.94 19.33 22.73
C PRO A 233 -15.21 17.95 23.31
N LYS A 234 -16.49 17.58 23.39
CA LYS A 234 -16.90 16.22 23.68
C LYS A 234 -17.03 15.52 22.34
N LEU A 235 -16.27 14.44 22.15
CA LEU A 235 -16.37 13.64 20.94
C LEU A 235 -17.68 12.89 20.86
N VAL A 236 -18.21 12.82 19.66
CA VAL A 236 -19.55 12.29 19.42
C VAL A 236 -19.66 11.65 18.04
N TRP A 237 -20.08 10.40 18.05
CA TRP A 237 -20.39 9.63 16.85
C TRP A 237 -21.84 9.17 17.00
N ALA A 238 -22.38 8.56 15.95
CA ALA A 238 -23.70 7.96 15.99
C ALA A 238 -23.70 6.86 17.07
N GLY A 239 -24.21 7.22 18.24
CA GLY A 239 -24.12 6.37 19.43
C GLY A 239 -24.01 7.22 20.67
N ASN A 240 -23.25 8.31 20.55
CA ASN A 240 -23.18 9.35 21.57
C ASN A 240 -24.23 10.44 21.35
N THR A 241 -24.94 10.36 20.22
CA THR A 241 -25.94 11.36 19.79
C THR A 241 -27.12 11.52 20.75
N THR A 242 -27.48 10.43 21.43
CA THR A 242 -28.61 10.41 22.38
C THR A 242 -28.36 11.25 23.64
N ILE A 243 -27.11 11.29 24.09
CA ILE A 243 -26.72 12.08 25.27
C ILE A 243 -26.20 13.48 24.92
N SER A 244 -25.25 13.55 23.99
CA SER A 244 -24.69 14.82 23.55
C SER A 244 -25.37 15.30 22.27
N LYS A 245 -26.03 16.45 22.38
CA LYS A 245 -26.76 17.05 21.25
C LYS A 245 -26.14 18.36 20.81
N LEU A 246 -26.03 18.53 19.49
CA LEU A 246 -25.33 19.64 18.82
C LEU A 246 -23.95 19.95 19.43
N PRO A 247 -23.02 18.97 19.37
CA PRO A 247 -21.79 19.04 20.16
C PRO A 247 -20.51 19.35 19.38
N THR A 248 -20.64 19.96 18.21
CA THR A 248 -19.51 20.40 17.41
C THR A 248 -19.38 21.91 17.49
N GLN A 249 -18.20 22.38 17.88
CA GLN A 249 -17.93 23.81 17.98
C GLN A 249 -17.00 24.28 16.87
N TYR A 250 -17.40 25.38 16.23
CA TYR A 250 -16.65 25.96 15.13
C TYR A 250 -16.19 27.36 15.50
N VAL A 251 -14.87 27.56 15.49
CA VAL A 251 -14.27 28.84 15.88
C VAL A 251 -13.40 29.36 14.76
N ILE A 252 -13.67 30.60 14.35
CA ILE A 252 -12.81 31.32 13.42
C ILE A 252 -11.83 32.16 14.23
N LEU A 253 -10.53 31.94 13.98
CA LEU A 253 -9.47 32.64 14.70
C LEU A 253 -8.62 33.47 13.74
N THR A 254 -8.71 34.79 13.86
CA THR A 254 -7.89 35.69 13.04
C THR A 254 -6.50 35.75 13.65
N LEU A 255 -5.56 35.08 12.97
CA LEU A 255 -4.20 34.93 13.44
C LEU A 255 -3.38 36.19 13.26
N ASN A 256 -2.48 36.41 14.21
CA ASN A 256 -1.44 37.43 14.08
C ASN A 256 -0.09 36.73 13.99
N ILE A 257 0.24 36.27 12.78
CA ILE A 257 1.54 35.67 12.50
C ILE A 257 2.64 36.74 12.56
N GLN A 258 3.31 36.79 13.71
CA GLN A 258 4.35 37.78 13.98
C GLN A 258 5.71 37.09 13.98
N PRO A 259 6.41 37.09 12.82
CA PRO A 259 7.63 36.30 12.68
C PRO A 259 8.91 37.04 13.09
N ALA A 260 9.63 36.46 14.04
CA ALA A 260 11.00 36.87 14.37
C ALA A 260 11.96 35.89 13.70
N GLU A 261 13.16 36.36 13.40
CA GLU A 261 14.19 35.59 12.68
C GLU A 261 14.73 34.36 13.46
N SER A 262 14.42 34.29 14.74
CA SER A 262 14.77 33.14 15.59
C SER A 262 13.58 32.19 15.77
N ALA A 263 12.48 32.71 16.34
CA ALA A 263 11.24 31.96 16.58
C ALA A 263 10.04 32.89 16.62
N THR A 264 8.94 32.45 16.00
CA THR A 264 7.71 33.25 15.89
C THR A 264 6.77 33.11 17.10
N LYS A 265 6.06 34.20 17.40
CA LYS A 265 5.00 34.22 18.41
C LYS A 265 3.64 34.33 17.73
N ILE A 266 2.74 33.44 18.09
CA ILE A 266 1.42 33.37 17.47
C ILE A 266 0.30 33.66 18.47
N GLU A 267 -0.33 34.82 18.29
CA GLU A 267 -1.52 35.21 19.05
C GLU A 267 -2.74 35.19 18.12
N SER A 268 -3.78 34.47 18.55
CA SER A 268 -4.98 34.29 17.75
C SER A 268 -6.17 35.03 18.35
N THR A 269 -6.62 36.07 17.65
CA THR A 269 -7.82 36.81 18.03
C THR A 269 -9.05 36.03 17.59
N THR A 270 -9.95 35.79 18.53
CA THR A 270 -11.14 34.97 18.31
C THR A 270 -12.25 35.84 17.76
N ILE A 271 -12.37 35.85 16.43
CA ILE A 271 -13.33 36.72 15.74
C ILE A 271 -14.77 36.19 15.82
N ALA A 272 -14.92 34.87 15.87
CA ALA A 272 -16.23 34.22 15.89
C ALA A 272 -16.18 32.85 16.56
N PHE A 273 -17.17 32.61 17.41
CA PHE A 273 -17.32 31.32 18.10
C PHE A 273 -18.76 30.82 17.98
N VAL A 274 -18.91 29.65 17.37
CA VAL A 274 -20.19 28.99 17.22
C VAL A 274 -20.16 27.69 18.04
N LYS A 275 -21.13 27.54 18.94
CA LYS A 275 -21.12 26.46 19.92
C LYS A 275 -21.90 25.22 19.49
N GLU A 276 -23.17 25.40 19.09
CA GLU A 276 -24.05 24.27 18.83
C GLU A 276 -24.22 23.94 17.36
N LEU A 277 -23.56 22.87 16.94
CA LEU A 277 -23.55 22.39 15.56
C LEU A 277 -23.62 20.87 15.48
N PRO A 278 -24.24 20.33 14.40
CA PRO A 278 -24.37 18.90 14.18
C PRO A 278 -23.07 18.11 14.36
N TRP A 279 -23.18 16.98 15.03
CA TRP A 279 -22.07 16.09 15.39
C TRP A 279 -21.22 15.63 14.20
N ASP A 280 -21.90 15.44 13.07
CA ASP A 280 -21.34 14.82 11.88
C ASP A 280 -20.46 15.77 11.05
N LEU A 281 -20.52 17.06 11.34
CA LEU A 281 -19.75 18.08 10.62
C LEU A 281 -18.27 17.72 10.61
N HIS A 282 -17.78 17.32 9.45
CA HIS A 282 -16.43 16.77 9.33
C HIS A 282 -15.49 17.58 8.45
N THR A 283 -16.02 18.18 7.39
CA THR A 283 -15.21 18.97 6.46
C THR A 283 -15.66 20.41 6.46
N ILE A 284 -14.71 21.30 6.65
CA ILE A 284 -14.94 22.74 6.46
C ILE A 284 -14.39 23.15 5.10
N VAL A 285 -15.26 23.72 4.27
CA VAL A 285 -14.89 24.24 2.96
C VAL A 285 -15.15 25.74 2.92
N PRO A 286 -14.11 26.55 2.66
CA PRO A 286 -14.27 27.99 2.70
C PRO A 286 -14.81 28.59 1.41
N VAL A 287 -15.80 29.47 1.57
CA VAL A 287 -16.39 30.23 0.46
C VAL A 287 -16.22 31.71 0.80
N SER A 288 -16.19 32.56 -0.23
CA SER A 288 -15.98 34.01 -0.09
C SER A 288 -16.82 34.70 1.01
N ASN A 289 -18.09 34.33 1.11
CA ASN A 289 -18.99 34.88 2.13
C ASN A 289 -18.69 34.31 3.52
N GLY A 290 -18.22 33.06 3.53
CA GLY A 290 -17.87 32.33 4.75
C GLY A 290 -17.79 30.84 4.49
N ALA A 291 -17.39 30.08 5.51
CA ALA A 291 -17.22 28.63 5.38
C ALA A 291 -18.52 27.85 5.23
N ILE A 292 -18.45 26.80 4.42
CA ILE A 292 -19.45 25.73 4.39
C ILE A 292 -18.89 24.62 5.26
N ILE A 293 -19.74 24.01 6.08
CA ILE A 293 -19.33 22.82 6.82
C ILE A 293 -20.06 21.59 6.27
N VAL A 294 -19.31 20.77 5.56
CA VAL A 294 -19.81 19.55 4.96
C VAL A 294 -19.76 18.44 6.01
N GLY A 295 -20.91 18.19 6.61
CA GLY A 295 -21.05 17.09 7.55
C GLY A 295 -21.50 15.83 6.84
N THR A 296 -21.63 14.75 7.60
CA THR A 296 -22.04 13.46 7.06
C THR A 296 -23.50 13.53 6.64
N ASN A 297 -24.33 14.13 7.48
CA ASN A 297 -25.76 14.24 7.19
C ASN A 297 -26.28 15.67 7.15
N GLU A 298 -25.58 16.61 7.79
CA GLU A 298 -25.99 18.02 7.78
C GLU A 298 -24.91 18.88 7.15
N LEU A 299 -25.33 19.93 6.45
CA LEU A 299 -24.40 20.81 5.75
C LEU A 299 -24.67 22.28 6.08
N ALA A 300 -23.82 22.83 6.93
CA ALA A 300 -24.04 24.15 7.54
C ALA A 300 -23.11 25.23 6.98
N PHE A 301 -23.70 26.29 6.45
CA PHE A 301 -22.95 27.48 6.07
C PHE A 301 -22.74 28.35 7.31
N LEU A 302 -21.47 28.60 7.61
CA LEU A 302 -21.06 29.47 8.70
C LEU A 302 -20.21 30.60 8.16
N ASP A 303 -20.80 31.79 8.12
CA ASP A 303 -20.15 32.97 7.53
C ASP A 303 -18.93 33.46 8.30
N ASN A 304 -18.19 34.38 7.68
CA ASN A 304 -16.97 34.97 8.26
C ASN A 304 -17.21 35.72 9.57
N THR A 305 -18.42 36.28 9.72
CA THR A 305 -18.83 36.95 10.96
C THR A 305 -19.21 35.95 12.06
N GLY A 306 -19.51 34.71 11.68
CA GLY A 306 -19.71 33.61 12.62
C GLY A 306 -21.04 32.91 12.54
N VAL A 307 -22.09 33.62 12.92
CA VAL A 307 -23.46 33.10 13.02
C VAL A 307 -23.89 32.23 11.82
N LEU A 308 -24.49 31.07 12.12
CA LEU A 308 -25.03 30.17 11.12
C LEU A 308 -26.15 30.86 10.36
N GLN A 309 -25.88 31.16 9.09
CA GLN A 309 -26.87 31.80 8.21
C GLN A 309 -27.92 30.78 7.78
N SER A 310 -27.45 29.69 7.18
CA SER A 310 -28.33 28.60 6.73
C SER A 310 -27.63 27.25 6.81
N THR A 311 -28.41 26.23 7.15
CA THR A 311 -27.95 24.84 7.14
C THR A 311 -28.90 23.94 6.34
N VAL A 312 -28.33 23.04 5.54
CA VAL A 312 -29.11 22.08 4.78
C VAL A 312 -28.95 20.66 5.33
N LEU A 313 -30.07 20.11 5.82
CA LEU A 313 -30.16 18.73 6.24
C LEU A 313 -30.17 17.85 4.98
N LEU A 314 -29.02 17.23 4.73
CA LEU A 314 -28.78 16.49 3.49
C LEU A 314 -29.59 15.21 3.38
N ASN A 315 -29.86 14.56 4.51
CA ASN A 315 -30.62 13.32 4.53
C ASN A 315 -31.48 13.16 5.79
N SER A 316 -31.84 11.91 6.09
CA SER A 316 -32.75 11.58 7.19
C SER A 316 -32.10 11.61 8.58
N PHE A 317 -30.78 11.52 8.63
CA PHE A 317 -30.04 11.39 9.89
C PHE A 317 -29.77 12.70 10.63
N ALA A 318 -29.90 13.82 9.93
CA ALA A 318 -29.61 15.14 10.50
C ALA A 318 -30.81 15.74 11.23
N ASP A 319 -30.54 16.31 12.40
CA ASP A 319 -31.52 17.03 13.22
C ASP A 319 -30.86 18.08 14.12
N LYS A 320 -31.57 19.20 14.31
CA LYS A 320 -31.09 20.30 15.16
C LYS A 320 -31.75 20.28 16.52
N LYS A 326 -30.44 30.23 11.81
CA LYS A 326 -31.10 28.93 11.96
C LYS A 326 -32.10 28.63 10.85
N ILE A 327 -31.73 28.99 9.61
CA ILE A 327 -32.54 28.67 8.43
C ILE A 327 -32.32 27.20 8.07
N ILE A 328 -33.37 26.41 8.25
CA ILE A 328 -33.32 24.95 8.06
C ILE A 328 -33.81 24.57 6.65
N ASN A 329 -33.02 23.75 5.96
CA ASN A 329 -33.37 23.25 4.64
C ASN A 329 -33.40 21.72 4.63
N ASN A 330 -34.61 21.17 4.57
CA ASN A 330 -34.80 19.72 4.61
C ASN A 330 -34.75 19.14 3.20
N SER A 331 -33.81 18.24 2.97
CA SER A 331 -33.67 17.53 1.70
C SER A 331 -34.02 16.05 1.85
N SER A 332 -35.03 15.63 1.08
CA SER A 332 -35.51 14.25 1.06
C SER A 332 -34.62 13.34 0.21
N LEU A 333 -33.83 13.94 -0.67
CA LEU A 333 -32.80 13.23 -1.45
C LEU A 333 -31.71 12.70 -0.53
N GLU A 334 -31.76 11.40 -0.28
CA GLU A 334 -30.95 10.74 0.76
C GLU A 334 -29.49 10.63 0.33
N ILE A 335 -28.77 11.75 0.48
CA ILE A 335 -27.34 11.82 0.15
C ILE A 335 -26.53 12.08 1.42
N MET A 336 -25.36 11.47 1.50
CA MET A 336 -24.51 11.59 2.69
C MET A 336 -23.03 11.62 2.37
N PHE A 337 -22.29 12.40 3.17
CA PHE A 337 -20.85 12.54 3.00
C PHE A 337 -20.13 11.75 4.09
N ARG A 338 -20.00 10.45 3.86
CA ARG A 338 -19.42 9.53 4.85
C ARG A 338 -17.89 9.50 4.90
N GLU A 339 -17.26 10.34 4.06
CA GLU A 339 -15.81 10.54 4.10
C GLU A 339 -15.43 11.35 5.34
N LYS A 340 -14.23 11.10 5.86
CA LYS A 340 -13.67 11.87 6.98
C LYS A 340 -13.37 13.30 6.52
N ASN A 341 -12.88 13.42 5.29
CA ASN A 341 -12.68 14.70 4.61
C ASN A 341 -13.14 14.59 3.15
N THR A 342 -14.25 15.27 2.84
CA THR A 342 -14.81 15.25 1.49
C THR A 342 -14.08 16.21 0.57
N THR A 343 -13.80 15.73 -0.63
CA THR A 343 -13.18 16.56 -1.67
C THR A 343 -14.19 17.55 -2.20
N SER A 344 -13.70 18.78 -2.42
CA SER A 344 -14.55 19.92 -2.73
C SER A 344 -13.77 20.94 -3.52
N ILE A 345 -14.29 21.29 -4.69
CA ILE A 345 -13.71 22.37 -5.48
C ILE A 345 -14.54 23.65 -5.33
N TRP A 346 -13.91 24.66 -4.74
CA TRP A 346 -14.49 25.98 -4.66
C TRP A 346 -13.88 26.84 -5.74
N ILE A 347 -14.73 27.46 -6.55
CA ILE A 347 -14.28 28.34 -7.62
C ILE A 347 -14.80 29.76 -7.36
N PRO A 348 -13.88 30.75 -7.29
CA PRO A 348 -14.25 32.17 -7.14
C PRO A 348 -14.87 32.77 -8.41
N SER A 349 -15.54 33.91 -8.24
CA SER A 349 -16.15 34.66 -9.34
C SER A 349 -15.10 35.43 -10.13
N SER A 350 -15.41 35.74 -11.39
CA SER A 350 -14.51 36.50 -12.27
C SER A 350 -15.26 37.41 -13.25
N LYS A 351 -14.68 38.60 -13.47
CA LYS A 351 -15.18 39.63 -14.41
C LYS A 351 -16.63 40.08 -14.14
N ASN A 358 -17.90 40.35 -10.54
CA ASN A 358 -19.00 39.41 -10.73
C ASN A 358 -19.43 38.77 -9.40
N ASN A 359 -20.70 38.37 -9.33
CA ASN A 359 -21.23 37.63 -8.19
C ASN A 359 -21.78 36.28 -8.64
N ASP A 360 -20.86 35.41 -9.03
CA ASP A 360 -21.17 34.04 -9.46
C ASP A 360 -20.03 33.09 -9.12
N GLU A 361 -20.11 32.51 -7.92
CA GLU A 361 -19.12 31.54 -7.45
C GLU A 361 -19.73 30.16 -7.23
N THR A 362 -18.93 29.12 -7.43
CA THR A 362 -19.39 27.74 -7.32
C THR A 362 -18.61 26.94 -6.29
N LEU A 363 -19.32 26.04 -5.62
CA LEU A 363 -18.70 25.00 -4.83
C LEU A 363 -19.33 23.65 -5.15
N LEU A 364 -18.49 22.74 -5.63
CA LEU A 364 -18.90 21.37 -5.91
C LEU A 364 -18.30 20.44 -4.87
N LEU A 365 -19.14 19.60 -4.29
CA LEU A 365 -18.70 18.60 -3.31
C LEU A 365 -18.85 17.22 -3.92
N MET A 366 -18.10 16.26 -3.40
CA MET A 366 -18.18 14.90 -3.91
C MET A 366 -18.33 13.82 -2.84
N ASP A 367 -19.40 13.04 -2.97
CA ASP A 367 -19.61 11.82 -2.21
C ASP A 367 -18.56 10.78 -2.62
N LEU A 368 -18.24 9.88 -1.69
CA LEU A 368 -17.37 8.72 -1.97
C LEU A 368 -17.91 7.88 -3.13
N LYS A 369 -19.24 7.75 -3.21
CA LYS A 369 -19.94 7.07 -4.31
C LYS A 369 -19.82 7.80 -5.66
N SER A 370 -19.02 8.88 -5.67
CA SER A 370 -18.70 9.69 -6.86
C SER A 370 -19.91 10.38 -7.51
N ASN A 371 -20.56 11.23 -6.71
CA ASN A 371 -21.61 12.14 -7.18
C ASN A 371 -21.17 13.57 -6.91
N ILE A 372 -21.28 14.43 -7.93
CA ILE A 372 -21.00 15.85 -7.78
C ILE A 372 -22.19 16.53 -7.12
N TYR A 373 -21.91 17.43 -6.18
CA TYR A 373 -22.95 18.23 -5.54
C TYR A 373 -22.62 19.72 -5.60
N TYR A 374 -23.22 20.39 -6.58
CA TYR A 374 -23.13 21.84 -6.70
C TYR A 374 -23.99 22.48 -5.63
N ILE A 375 -23.38 23.38 -4.86
CA ILE A 375 -24.09 24.13 -3.82
C ILE A 375 -24.24 25.59 -4.27
N GLN A 376 -25.44 26.15 -4.10
CA GLN A 376 -25.72 27.52 -4.54
C GLN A 376 -25.52 28.54 -3.42
N MET A 377 -25.15 29.76 -3.83
CA MET A 377 -24.79 30.85 -2.91
C MET A 377 -25.44 32.17 -3.31
N GLU A 378 -25.62 33.05 -2.32
CA GLU A 378 -26.01 34.45 -2.55
C GLU A 378 -25.37 35.36 -1.48
N ALA A 379 -24.20 35.90 -1.81
CA ALA A 379 -23.43 36.73 -0.88
C ALA A 379 -23.99 38.14 -0.76
N GLU A 380 -24.45 38.48 0.44
CA GLU A 380 -25.00 39.80 0.77
C GLU A 380 -24.89 40.11 2.27
N LEU A 383 -25.44 38.51 5.43
CA LEU A 383 -26.72 37.95 4.98
C LEU A 383 -26.52 36.90 3.88
N LEU A 384 -27.35 35.86 3.92
CA LEU A 384 -27.29 34.75 2.96
C LEU A 384 -28.66 34.13 2.71
N ILE A 385 -29.06 34.12 1.43
CA ILE A 385 -30.25 33.39 0.96
C ILE A 385 -29.84 32.41 -0.15
N LYS A 386 -30.82 31.67 -0.69
CA LYS A 386 -30.62 30.67 -1.76
C LYS A 386 -29.51 29.67 -1.42
N PHE A 387 -29.82 28.77 -0.48
CA PHE A 387 -28.85 27.79 -0.02
C PHE A 387 -29.39 26.36 -0.08
N ASP A 388 -28.99 25.63 -1.11
CA ASP A 388 -29.38 24.25 -1.31
C ASP A 388 -28.32 23.50 -2.12
N ILE A 389 -28.12 22.24 -1.78
CA ILE A 389 -27.24 21.36 -2.55
C ILE A 389 -28.01 20.76 -3.73
N PHE A 390 -27.30 20.49 -4.82
CA PHE A 390 -27.90 19.86 -6.00
C PHE A 390 -26.98 18.81 -6.60
N LYS A 391 -27.47 17.58 -6.64
CA LYS A 391 -26.79 16.49 -7.33
C LYS A 391 -26.86 16.76 -8.82
N LEU A 392 -25.71 16.98 -9.42
CA LEU A 392 -25.62 17.27 -10.85
C LEU A 392 -26.05 16.07 -11.68
N PRO A 393 -27.05 16.26 -12.57
CA PRO A 393 -27.56 15.16 -13.41
C PRO A 393 -26.48 14.55 -14.29
N ILE A 394 -25.97 13.40 -13.84
CA ILE A 394 -24.94 12.63 -14.56
C ILE A 394 -25.61 11.56 -15.43
N VAL A 395 -26.48 12.03 -16.32
CA VAL A 395 -27.34 11.18 -17.18
C VAL A 395 -26.53 10.24 -18.10
N ASN A 396 -25.40 10.75 -18.60
CA ASN A 396 -24.39 9.92 -19.26
C ASN A 396 -23.36 9.50 -18.20
N ASP A 397 -23.60 8.32 -17.62
CA ASP A 397 -22.80 7.81 -16.50
C ASP A 397 -21.35 7.54 -16.90
N LEU A 398 -20.52 8.55 -16.64
CA LEU A 398 -19.08 8.45 -16.90
C LEU A 398 -18.25 8.51 -15.60
N LEU A 399 -18.87 8.97 -14.52
CA LEU A 399 -18.28 8.88 -13.18
C LEU A 399 -18.69 7.61 -12.45
N LYS A 400 -19.52 6.80 -13.11
CA LYS A 400 -19.90 5.46 -12.64
C LYS A 400 -18.65 4.57 -12.51
N GLU A 401 -17.72 4.73 -13.45
CA GLU A 401 -16.46 3.98 -13.45
C GLU A 401 -15.47 4.40 -12.35
N ASN A 402 -15.80 5.48 -11.63
CA ASN A 402 -14.95 5.98 -10.55
C ASN A 402 -15.65 5.96 -9.20
N SER A 403 -14.84 6.02 -8.15
CA SER A 403 -15.28 6.12 -6.76
C SER A 403 -14.14 6.72 -5.93
N ASN A 404 -14.43 7.04 -4.67
CA ASN A 404 -13.49 7.67 -3.73
C ASN A 404 -12.72 8.84 -4.37
N PRO A 405 -13.40 9.98 -4.60
CA PRO A 405 -12.71 11.13 -5.18
C PRO A 405 -11.83 11.77 -4.13
N LYS A 406 -10.57 11.97 -4.47
CA LYS A 406 -9.57 12.40 -3.50
C LYS A 406 -9.22 13.87 -3.67
N CYS A 407 -9.20 14.34 -4.92
CA CYS A 407 -8.87 15.73 -5.21
C CYS A 407 -9.53 16.24 -6.48
N ILE A 408 -10.37 17.27 -6.33
CA ILE A 408 -10.91 17.99 -7.48
C ILE A 408 -10.15 19.31 -7.62
N THR A 409 -9.87 19.67 -8.86
CA THR A 409 -9.21 20.94 -9.19
C THR A 409 -9.59 21.45 -10.58
N ARG A 410 -9.98 22.72 -10.62
CA ARG A 410 -10.26 23.44 -11.86
C ARG A 410 -8.93 23.75 -12.55
N LEU A 411 -8.78 23.27 -13.79
CA LEU A 411 -7.53 23.43 -14.53
C LEU A 411 -7.50 24.57 -15.55
N ASN A 412 -8.62 24.80 -16.23
CA ASN A 412 -8.76 25.89 -17.18
C ASN A 412 -9.64 27.00 -16.60
N ALA A 413 -9.03 28.18 -16.45
CA ALA A 413 -9.68 29.33 -15.82
C ALA A 413 -10.80 29.95 -16.68
N THR A 414 -10.61 29.92 -18.00
CA THR A 414 -11.54 30.48 -19.03
C THR A 414 -12.15 31.86 -18.76
N ASN A 415 -11.60 32.59 -17.78
CA ASN A 415 -12.10 33.88 -17.24
C ASN A 415 -13.63 33.98 -17.00
N SER A 416 -14.27 32.83 -16.81
CA SER A 416 -15.72 32.73 -16.56
C SER A 416 -16.02 31.51 -15.71
N ASN A 417 -16.97 31.67 -14.79
CA ASN A 417 -17.36 30.62 -13.83
C ASN A 417 -18.07 29.44 -14.50
N LYS A 418 -18.92 29.73 -15.48
CA LYS A 418 -19.59 28.70 -16.28
C LYS A 418 -18.63 28.03 -17.28
N ASN A 419 -19.09 26.95 -17.90
CA ASN A 419 -18.29 26.07 -18.78
C ASN A 419 -16.86 25.80 -18.30
N MET A 420 -16.76 25.11 -17.18
CA MET A 420 -15.47 24.79 -16.55
C MET A 420 -14.97 23.38 -16.86
N ASP A 421 -13.65 23.28 -17.06
CA ASP A 421 -12.97 22.00 -17.23
C ASP A 421 -12.24 21.72 -15.92
N LEU A 422 -12.63 20.65 -15.24
CA LEU A 422 -11.97 20.29 -13.97
C LEU A 422 -11.54 18.85 -13.87
N PHE A 423 -10.30 18.69 -13.38
CA PHE A 423 -9.68 17.41 -13.12
C PHE A 423 -10.11 16.92 -11.75
N ILE A 424 -10.66 15.70 -11.71
CA ILE A 424 -10.94 15.03 -10.44
C ILE A 424 -10.09 13.78 -10.36
N GLY A 425 -9.25 13.74 -9.33
CA GLY A 425 -8.47 12.56 -9.02
C GLY A 425 -9.28 11.60 -8.18
N PHE A 426 -9.31 10.34 -8.60
CA PHE A 426 -10.05 9.32 -7.88
C PHE A 426 -9.14 8.26 -7.30
N GLY A 427 -9.50 7.79 -6.11
CA GLY A 427 -8.81 6.68 -5.46
C GLY A 427 -9.22 5.32 -5.97
N SER A 428 -10.18 5.29 -6.90
CA SER A 428 -10.67 4.05 -7.48
C SER A 428 -10.55 4.06 -8.99
N GLY A 429 -11.42 4.81 -9.66
CA GLY A 429 -11.42 4.86 -11.11
C GLY A 429 -10.33 5.75 -11.68
N ASN A 430 -10.26 5.81 -13.00
CA ASN A 430 -9.36 6.71 -13.73
C ASN A 430 -9.62 8.14 -13.31
N ALA A 431 -8.54 8.86 -13.01
CA ALA A 431 -8.60 10.26 -12.61
C ALA A 431 -9.07 11.14 -13.78
N LEU A 432 -10.38 11.38 -13.81
CA LEU A 432 -11.02 12.04 -14.95
C LEU A 432 -10.81 13.54 -14.98
N VAL A 433 -10.73 14.08 -16.20
CA VAL A 433 -10.84 15.51 -16.44
C VAL A 433 -12.23 15.72 -17.04
N LEU A 434 -13.11 16.31 -16.25
CA LEU A 434 -14.47 16.58 -16.69
C LEU A 434 -14.56 17.96 -17.33
N ARG A 435 -15.59 18.14 -18.16
CA ARG A 435 -16.00 19.45 -18.61
C ARG A 435 -17.47 19.66 -18.27
N LEU A 436 -17.70 20.44 -17.22
CA LEU A 436 -19.02 20.95 -16.88
C LEU A 436 -19.32 22.11 -17.83
N ASN A 437 -20.43 22.02 -18.56
CA ASN A 437 -20.76 23.01 -19.59
C ASN A 437 -21.66 24.14 -19.09
N ASN A 438 -22.61 23.80 -18.21
CA ASN A 438 -23.52 24.78 -17.62
C ASN A 438 -23.69 24.53 -16.12
N LEU A 439 -24.45 25.41 -15.45
CA LEU A 439 -24.73 25.29 -14.02
C LEU A 439 -26.19 25.61 -13.73
N LYS A 440 -26.99 24.56 -13.52
CA LYS A 440 -28.43 24.68 -13.28
C LYS A 440 -28.87 24.04 -11.95
N SER A 441 -29.87 24.66 -11.32
CA SER A 441 -30.38 24.24 -10.02
C SER A 441 -31.63 23.37 -10.15
N PRO A 496 -29.32 23.62 -19.83
CA PRO A 496 -28.84 22.56 -20.73
C PRO A 496 -27.48 22.00 -20.30
N PHE A 497 -27.36 21.68 -19.01
CA PHE A 497 -26.11 21.17 -18.43
C PHE A 497 -25.83 19.72 -18.81
N ASP A 498 -24.61 19.49 -19.28
CA ASP A 498 -24.09 18.15 -19.55
C ASP A 498 -22.58 18.10 -19.26
N ILE A 499 -22.18 17.10 -18.49
CA ILE A 499 -20.77 16.77 -18.30
C ILE A 499 -20.26 15.86 -19.40
N GLU A 500 -19.00 16.02 -19.75
CA GLU A 500 -18.33 15.18 -20.73
C GLU A 500 -16.94 14.77 -20.25
N LEU A 501 -16.59 13.51 -20.50
CA LEU A 501 -15.27 12.98 -20.18
C LEU A 501 -14.27 13.58 -21.17
N LEU A 502 -13.76 14.75 -20.80
CA LEU A 502 -12.88 15.55 -21.66
C LEU A 502 -11.50 14.91 -21.82
N SER A 503 -11.02 14.30 -20.74
CA SER A 503 -9.76 13.54 -20.74
C SER A 503 -9.77 12.54 -19.59
N SER A 504 -8.91 11.53 -19.71
CA SER A 504 -8.76 10.51 -18.68
C SER A 504 -7.29 10.29 -18.34
N LEU A 505 -7.02 10.15 -17.05
CA LEU A 505 -5.71 9.77 -16.54
C LEU A 505 -5.87 8.41 -15.90
N ARG A 506 -5.20 7.40 -16.48
CA ARG A 506 -5.38 6.00 -16.08
C ARG A 506 -4.94 5.74 -14.64
N ASN A 507 -5.88 5.25 -13.85
CA ASN A 507 -5.62 4.88 -12.48
C ASN A 507 -5.91 3.40 -12.23
N VAL A 508 -4.88 2.69 -11.80
CA VAL A 508 -4.93 1.26 -11.50
C VAL A 508 -5.43 1.08 -10.06
N GLY A 509 -6.57 1.72 -9.78
CA GLY A 509 -7.32 1.64 -8.53
C GLY A 509 -6.56 1.32 -7.26
N PRO A 510 -7.10 0.37 -6.47
CA PRO A 510 -6.39 0.00 -5.27
C PRO A 510 -5.68 -1.36 -5.34
N ILE A 511 -5.58 -1.95 -6.55
CA ILE A 511 -4.94 -3.26 -6.77
C ILE A 511 -5.29 -4.20 -5.61
N THR A 512 -6.59 -4.52 -5.56
CA THR A 512 -7.19 -5.27 -4.47
C THR A 512 -6.49 -6.61 -4.22
N SER A 513 -6.31 -7.36 -5.30
CA SER A 513 -5.50 -8.56 -5.28
C SER A 513 -4.53 -8.55 -6.44
N LEU A 514 -3.62 -9.51 -6.40
CA LEU A 514 -2.58 -9.60 -7.39
C LEU A 514 -2.21 -11.06 -7.56
N THR A 515 -2.32 -11.55 -8.79
CA THR A 515 -1.95 -12.91 -9.12
C THR A 515 -1.33 -13.01 -10.50
N VAL A 516 -0.23 -13.76 -10.59
CA VAL A 516 0.35 -14.13 -11.86
C VAL A 516 -0.59 -15.06 -12.61
N GLY A 517 -0.58 -14.94 -13.94
CA GLY A 517 -1.43 -15.75 -14.78
C GLY A 517 -1.29 -15.46 -16.25
N LYS A 518 -1.49 -16.49 -17.07
CA LYS A 518 -1.35 -16.39 -18.52
C LYS A 518 -2.53 -15.67 -19.13
N VAL A 519 -2.24 -14.53 -19.76
CA VAL A 519 -3.24 -13.75 -20.50
C VAL A 519 -2.98 -13.86 -22.00
N SER A 520 -1.69 -13.78 -22.35
CA SER A 520 -1.16 -14.29 -23.60
C SER A 520 -0.47 -15.61 -23.24
N SER A 521 0.10 -16.29 -24.24
CA SER A 521 0.60 -17.68 -24.11
C SER A 521 -0.54 -18.70 -23.92
N ILE A 522 -1.77 -18.20 -23.78
CA ILE A 522 -2.98 -19.03 -23.82
C ILE A 522 -3.17 -19.59 -25.24
N ASP A 523 -2.83 -18.78 -26.24
CA ASP A 523 -2.67 -19.22 -27.62
C ASP A 523 -1.19 -19.55 -27.82
N ASP A 524 -0.90 -20.82 -28.06
CA ASP A 524 0.48 -21.27 -28.32
C ASP A 524 0.94 -20.85 -29.71
N VAL A 525 0.02 -20.86 -30.67
CA VAL A 525 0.25 -20.33 -32.01
C VAL A 525 -0.85 -19.34 -32.40
N VAL A 526 -0.42 -18.15 -32.85
CA VAL A 526 -1.32 -17.08 -33.26
C VAL A 526 -0.93 -16.55 -34.64
N LYS A 527 -1.92 -16.50 -35.54
CA LYS A 527 -1.75 -16.18 -36.97
C LYS A 527 -0.80 -17.16 -37.68
N GLY A 528 -0.85 -18.43 -37.28
CA GLY A 528 0.00 -19.47 -37.81
C GLY A 528 1.28 -19.67 -37.01
N LEU A 529 2.07 -18.61 -36.92
CA LEU A 529 3.37 -18.62 -36.25
C LEU A 529 3.26 -18.67 -34.71
N PRO A 530 4.33 -19.08 -34.01
CA PRO A 530 4.36 -19.06 -32.53
C PRO A 530 4.07 -17.69 -31.92
N ASN A 531 3.55 -17.71 -30.69
CA ASN A 531 3.14 -16.51 -29.95
C ASN A 531 4.33 -15.59 -29.62
N PRO A 532 4.14 -14.27 -29.78
CA PRO A 532 5.13 -13.27 -29.34
C PRO A 532 5.39 -13.32 -27.83
N ASN A 533 4.34 -13.60 -27.06
CA ASN A 533 4.47 -13.78 -25.61
C ASN A 533 4.28 -15.26 -25.27
N LYS A 534 5.00 -16.12 -25.96
CA LYS A 534 4.97 -17.57 -25.69
C LYS A 534 5.72 -17.87 -24.41
N ASN A 535 5.09 -18.68 -23.55
CA ASN A 535 5.58 -19.01 -22.20
C ASN A 535 5.79 -17.74 -21.36
N GLU A 536 4.83 -16.82 -21.46
CA GLU A 536 4.86 -15.55 -20.74
C GLU A 536 3.61 -15.40 -19.89
N TYR A 537 3.84 -15.32 -18.58
CA TYR A 537 2.81 -15.01 -17.59
C TYR A 537 2.88 -13.53 -17.32
N SER A 538 1.84 -13.00 -16.68
CA SER A 538 1.80 -11.59 -16.29
C SER A 538 0.96 -11.44 -15.04
N LEU A 539 1.45 -10.66 -14.08
CA LEU A 539 0.72 -10.47 -12.83
C LEU A 539 -0.48 -9.55 -13.02
N VAL A 540 -1.66 -10.11 -12.81
CA VAL A 540 -2.92 -9.44 -13.05
C VAL A 540 -3.51 -8.95 -11.74
N ALA A 541 -3.75 -7.64 -11.69
CA ALA A 541 -4.31 -6.95 -10.55
C ALA A 541 -5.82 -6.90 -10.63
N THR A 542 -6.43 -6.48 -9.52
CA THR A 542 -7.84 -6.13 -9.51
C THR A 542 -8.02 -4.68 -9.10
N SER A 543 -7.75 -3.81 -10.07
CA SER A 543 -7.94 -2.38 -9.96
C SER A 543 -9.42 -1.99 -9.83
N GLY A 544 -9.65 -0.76 -9.38
CA GLY A 544 -10.99 -0.24 -9.18
C GLY A 544 -11.61 -0.72 -7.88
N ASN A 545 -12.53 0.10 -7.38
CA ASN A 545 -13.24 -0.17 -6.13
C ASN A 545 -14.62 0.45 -6.27
N GLY A 546 -15.47 -0.24 -7.02
CA GLY A 546 -16.81 0.26 -7.33
C GLY A 546 -17.31 -0.28 -8.66
N SER A 547 -18.29 0.40 -9.24
CA SER A 547 -18.95 -0.06 -10.48
C SER A 547 -18.05 -0.07 -11.72
N GLY A 548 -16.88 0.57 -11.62
CA GLY A 548 -15.87 0.53 -12.67
C GLY A 548 -14.62 -0.24 -12.31
N SER A 549 -14.75 -1.20 -11.39
CA SER A 549 -13.63 -2.05 -11.01
C SER A 549 -13.31 -3.05 -12.10
N HIS A 550 -12.02 -3.24 -12.32
CA HIS A 550 -11.54 -3.97 -13.47
C HIS A 550 -10.25 -4.68 -13.18
N LEU A 551 -10.13 -5.88 -13.74
CA LEU A 551 -8.89 -6.62 -13.80
C LEU A 551 -7.86 -5.80 -14.57
N THR A 552 -6.70 -5.57 -13.96
CA THR A 552 -5.62 -4.91 -14.67
C THR A 552 -4.47 -5.87 -14.87
N VAL A 553 -4.22 -6.20 -16.13
CA VAL A 553 -3.12 -7.07 -16.48
C VAL A 553 -1.84 -6.24 -16.51
N ILE A 554 -1.18 -6.18 -15.36
CA ILE A 554 0.13 -5.56 -15.24
C ILE A 554 1.11 -6.47 -15.95
N GLN A 555 1.28 -6.20 -17.25
CA GLN A 555 2.07 -7.05 -18.13
C GLN A 555 3.54 -6.81 -17.96
N THR A 556 4.30 -7.90 -17.94
CA THR A 556 5.76 -7.83 -17.95
C THR A 556 6.25 -7.32 -19.30
N SER A 557 5.50 -7.63 -20.36
CA SER A 557 5.84 -7.28 -21.72
C SER A 557 4.65 -6.67 -22.44
N VAL A 558 4.90 -5.76 -23.37
CA VAL A 558 3.86 -5.24 -24.27
C VAL A 558 3.37 -6.41 -25.13
N GLN A 559 2.09 -6.74 -24.97
CA GLN A 559 1.44 -7.78 -25.74
C GLN A 559 0.97 -7.15 -27.06
N PRO A 560 1.69 -7.44 -28.17
CA PRO A 560 1.39 -6.78 -29.42
C PRO A 560 0.41 -7.56 -30.30
N GLU A 561 -0.62 -6.87 -30.79
CA GLU A 561 -1.62 -7.48 -31.67
C GLU A 561 -1.03 -7.73 -33.06
N ILE A 562 -1.15 -8.97 -33.54
CA ILE A 562 -0.61 -9.36 -34.84
C ILE A 562 -1.63 -9.10 -35.95
N GLU A 563 -1.19 -8.40 -36.99
CA GLU A 563 -1.97 -8.20 -38.20
C GLU A 563 -1.67 -9.26 -39.24
N LEU A 564 -0.38 -9.56 -39.44
CA LEU A 564 0.07 -10.51 -40.46
C LEU A 564 1.37 -11.17 -40.05
N ALA A 565 1.39 -12.50 -40.07
CA ALA A 565 2.56 -13.27 -39.64
C ALA A 565 3.01 -14.27 -40.70
N LEU A 566 4.27 -14.17 -41.11
CA LEU A 566 4.86 -15.05 -42.12
C LEU A 566 6.26 -15.53 -41.76
N LYS A 567 6.52 -16.80 -42.05
CA LYS A 567 7.82 -17.43 -41.81
C LYS A 567 8.81 -17.06 -42.90
N PHE A 568 10.06 -16.80 -42.50
CA PHE A 568 11.13 -16.41 -43.42
C PHE A 568 12.35 -17.33 -43.32
N ILE A 569 13.10 -17.41 -44.42
CA ILE A 569 14.28 -18.29 -44.51
C ILE A 569 15.59 -17.52 -44.68
N SER A 570 16.52 -17.77 -43.76
CA SER A 570 17.88 -17.19 -43.74
C SER A 570 17.91 -15.65 -43.86
N ILE A 571 17.35 -14.97 -42.87
CA ILE A 571 17.30 -13.49 -42.83
C ILE A 571 17.71 -12.91 -41.47
N THR A 572 18.13 -11.64 -41.48
CA THR A 572 18.51 -10.93 -40.24
C THR A 572 18.02 -9.48 -40.16
N GLN A 573 17.94 -8.78 -41.30
CA GLN A 573 17.44 -7.40 -41.31
C GLN A 573 16.40 -7.14 -42.40
N ILE A 574 15.24 -6.63 -41.97
CA ILE A 574 14.13 -6.32 -42.86
C ILE A 574 13.95 -4.81 -43.09
N TRP A 575 13.74 -4.44 -44.35
CA TRP A 575 13.56 -3.05 -44.76
C TRP A 575 12.40 -2.93 -45.73
N ASN A 576 11.20 -2.69 -45.21
CA ASN A 576 10.04 -2.47 -46.07
C ASN A 576 9.98 -1.01 -46.51
N LEU A 577 9.43 -0.78 -47.69
CA LEU A 577 9.40 0.55 -48.29
C LEU A 577 7.97 0.95 -48.68
N LYS A 578 7.63 2.20 -48.40
CA LYS A 578 6.33 2.76 -48.76
C LYS A 578 6.50 3.78 -49.90
N ILE A 579 6.27 3.30 -51.13
CA ILE A 579 6.53 4.07 -52.36
C ILE A 579 5.71 5.35 -52.52
N LYS A 580 4.47 5.31 -52.04
CA LYS A 580 3.54 6.45 -52.09
C LYS A 580 2.64 6.44 -50.84
N GLY A 581 3.23 6.02 -49.71
CA GLY A 581 2.48 5.81 -48.46
C GLY A 581 2.15 4.34 -48.25
N ARG A 582 1.75 3.67 -49.32
CA ARG A 582 1.44 2.25 -49.32
C ARG A 582 2.71 1.41 -49.43
N ASP A 583 2.82 0.40 -48.57
CA ASP A 583 3.93 -0.56 -48.59
C ASP A 583 3.82 -1.48 -49.80
N ARG A 584 4.85 -1.45 -50.64
CA ARG A 584 4.88 -2.24 -51.87
C ARG A 584 6.08 -3.17 -51.98
N TYR A 585 7.24 -2.72 -51.51
CA TYR A 585 8.48 -3.49 -51.64
C TYR A 585 9.16 -3.71 -50.29
N LEU A 586 9.39 -4.99 -49.98
CA LEU A 586 10.06 -5.40 -48.75
C LEU A 586 11.43 -5.99 -49.08
N ILE A 587 12.40 -5.73 -48.21
CA ILE A 587 13.77 -6.21 -48.39
C ILE A 587 14.21 -7.04 -47.19
N THR A 588 14.77 -8.21 -47.49
CA THR A 588 15.36 -9.09 -46.48
C THR A 588 16.84 -9.27 -46.79
N THR A 589 17.66 -9.41 -45.74
CA THR A 589 19.10 -9.64 -45.90
C THR A 589 19.67 -10.58 -44.83
N ASP A 590 20.80 -11.21 -45.15
CA ASP A 590 21.52 -12.08 -44.22
C ASP A 590 23.01 -11.72 -44.16
N SER A 591 23.52 -11.58 -42.93
CA SER A 591 24.92 -11.24 -42.69
C SER A 591 25.84 -12.44 -42.86
N THR A 592 25.36 -13.62 -42.47
CA THR A 592 26.13 -14.86 -42.48
C THR A 592 26.23 -15.50 -43.87
N LYS A 593 25.10 -15.60 -44.55
CA LYS A 593 25.01 -16.29 -45.85
C LYS A 593 25.41 -15.40 -47.04
N SER A 594 25.51 -14.08 -46.79
CA SER A 594 25.81 -13.04 -47.80
C SER A 594 24.83 -13.03 -48.98
N ARG A 595 23.64 -12.47 -48.73
CA ARG A 595 22.53 -12.42 -49.70
C ARG A 595 21.48 -11.41 -49.20
N SER A 596 20.89 -10.67 -50.13
CA SER A 596 19.84 -9.71 -49.82
C SER A 596 18.70 -9.74 -50.84
N ASP A 597 17.76 -10.67 -50.62
CA ASP A 597 16.62 -10.87 -51.52
C ASP A 597 15.47 -9.91 -51.24
N ILE A 598 14.81 -9.48 -52.32
CA ILE A 598 13.74 -8.47 -52.26
C ILE A 598 12.34 -9.10 -52.46
N TYR A 599 11.48 -8.92 -51.46
CA TYR A 599 10.09 -9.37 -51.51
C TYR A 599 9.15 -8.23 -51.97
N GLU A 600 7.84 -8.52 -51.96
CA GLU A 600 6.82 -7.55 -52.37
C GLU A 600 5.76 -7.30 -51.29
N SER A 601 4.68 -6.62 -51.66
CA SER A 601 3.54 -6.34 -50.78
C SER A 601 2.77 -7.62 -50.41
N ASP A 602 2.69 -8.55 -51.37
CA ASP A 602 2.09 -9.88 -51.16
C ASP A 602 3.13 -10.94 -50.75
N ASN A 603 4.34 -10.47 -50.43
CA ASN A 603 5.49 -11.29 -50.00
C ASN A 603 5.92 -12.37 -51.01
N ASN A 604 6.34 -11.91 -52.18
CA ASN A 604 6.92 -12.76 -53.23
C ASN A 604 8.23 -12.15 -53.72
N PHE A 605 9.26 -12.99 -53.85
CA PHE A 605 10.62 -12.55 -54.16
C PHE A 605 10.78 -12.02 -55.59
N LYS A 606 11.88 -11.27 -55.81
CA LYS A 606 12.21 -10.54 -57.07
C LYS A 606 11.05 -9.78 -57.74
N LEU A 607 10.28 -9.06 -56.91
CA LEU A 607 9.16 -8.24 -57.38
C LEU A 607 9.15 -6.90 -56.66
N GLY A 610 10.82 -7.25 -60.34
CA GLY A 610 11.88 -6.60 -59.56
C GLY A 610 13.26 -7.16 -59.88
N GLY A 611 14.19 -6.27 -60.20
CA GLY A 611 15.57 -6.65 -60.53
C GLY A 611 16.59 -5.55 -60.30
N ARG A 612 17.83 -5.83 -60.74
CA ARG A 612 18.99 -4.93 -60.64
C ARG A 612 19.49 -4.57 -59.23
N LEU A 613 18.92 -5.21 -58.21
CA LEU A 613 19.40 -5.08 -56.83
C LEU A 613 20.72 -5.82 -56.63
N ARG A 614 21.48 -5.40 -55.61
CA ARG A 614 22.65 -6.14 -55.17
C ARG A 614 22.18 -7.30 -54.28
N ARG A 615 21.59 -8.30 -54.94
CA ARG A 615 20.94 -9.44 -54.29
C ARG A 615 21.95 -10.45 -53.75
N ASP A 616 23.13 -10.48 -54.36
CA ASP A 616 24.18 -11.46 -54.03
C ASP A 616 25.05 -11.06 -52.83
N ALA A 617 24.83 -9.85 -52.30
CA ALA A 617 25.61 -9.32 -51.17
C ALA A 617 24.76 -8.66 -50.10
N THR A 618 25.25 -8.70 -48.86
CA THR A 618 24.53 -8.21 -47.67
C THR A 618 24.35 -6.70 -47.66
N THR A 619 23.10 -6.25 -47.83
CA THR A 619 22.75 -4.83 -47.69
C THR A 619 22.70 -4.42 -46.21
N VAL A 620 23.09 -3.17 -45.95
CA VAL A 620 23.16 -2.63 -44.60
C VAL A 620 21.99 -1.69 -44.33
N TYR A 621 21.50 -1.01 -45.38
CA TYR A 621 20.35 -0.11 -45.28
C TYR A 621 19.66 0.13 -46.61
N ILE A 622 18.34 -0.05 -46.63
CA ILE A 622 17.50 0.31 -47.78
C ILE A 622 16.30 1.13 -47.29
N SER A 623 16.08 2.27 -47.93
CA SER A 623 14.96 3.18 -47.58
C SER A 623 14.45 4.00 -48.76
N MET A 624 13.28 4.61 -48.55
CA MET A 624 12.74 5.65 -49.43
C MET A 624 13.62 6.88 -49.40
N PHE A 625 13.69 7.57 -50.53
CA PHE A 625 14.61 8.70 -50.71
C PHE A 625 14.12 9.72 -51.74
N GLY A 626 14.45 10.99 -51.50
CA GLY A 626 14.12 12.09 -52.41
C GLY A 626 12.63 12.32 -52.59
N GLU A 627 11.94 12.52 -51.46
CA GLU A 627 10.48 12.65 -51.39
C GLU A 627 9.74 11.47 -52.05
N GLU A 628 10.09 10.26 -51.59
CA GLU A 628 9.50 8.98 -52.02
C GLU A 628 9.56 8.73 -53.55
N LYS A 629 10.73 8.97 -54.13
CA LYS A 629 10.97 8.72 -55.56
C LYS A 629 12.15 7.79 -55.79
N ARG A 630 13.25 8.04 -55.08
CA ARG A 630 14.47 7.24 -55.20
C ARG A 630 14.64 6.25 -54.05
N ILE A 631 15.52 5.27 -54.24
CA ILE A 631 15.79 4.22 -53.24
C ILE A 631 17.30 4.05 -53.08
N ILE A 632 17.77 4.21 -51.85
CA ILE A 632 19.19 4.01 -51.53
C ILE A 632 19.38 2.63 -50.93
N GLN A 633 20.21 1.82 -51.59
CA GLN A 633 20.65 0.53 -51.06
C GLN A 633 22.12 0.65 -50.70
N VAL A 634 22.42 0.61 -49.41
CA VAL A 634 23.81 0.63 -48.95
C VAL A 634 24.23 -0.80 -48.66
N THR A 635 24.97 -1.38 -49.60
CA THR A 635 25.52 -2.72 -49.44
C THR A 635 26.95 -2.57 -48.90
N THR A 636 27.34 -3.53 -48.05
CA THR A 636 28.62 -3.54 -47.30
C THR A 636 29.80 -2.80 -47.94
N ASN A 637 30.01 -3.04 -49.24
CA ASN A 637 31.12 -2.46 -49.99
C ASN A 637 30.71 -1.37 -50.98
N HIS A 638 29.45 -1.43 -51.46
CA HIS A 638 28.95 -0.52 -52.49
C HIS A 638 27.59 0.09 -52.15
N LEU A 639 27.54 1.42 -52.15
CA LEU A 639 26.28 2.16 -52.07
C LEU A 639 25.61 2.16 -53.44
N TYR A 640 24.29 2.10 -53.45
CA TYR A 640 23.50 2.09 -54.69
C TYR A 640 22.32 3.04 -54.64
N LEU A 641 21.88 3.49 -55.82
CA LEU A 641 20.73 4.36 -55.97
C LEU A 641 19.77 3.78 -56.99
N TYR A 642 18.48 3.85 -56.69
CA TYR A 642 17.43 3.24 -57.51
C TYR A 642 16.25 4.17 -57.72
N ASP A 643 15.50 3.93 -58.80
CA ASP A 643 14.21 4.57 -59.02
C ASP A 643 13.12 3.75 -58.32
N THR A 644 11.90 4.30 -58.25
CA THR A 644 10.72 3.61 -57.68
C THR A 644 10.58 2.18 -58.21
N HIS A 645 10.67 2.04 -59.53
CA HIS A 645 10.89 0.75 -60.18
C HIS A 645 12.40 0.53 -60.23
N PHE A 646 12.84 -0.58 -59.64
CA PHE A 646 14.26 -0.81 -59.32
C PHE A 646 15.20 -0.92 -60.52
N ARG A 647 16.09 0.06 -60.63
CA ARG A 647 17.15 0.14 -61.64
C ARG A 647 18.31 0.99 -61.15
N ARG A 648 19.53 0.47 -61.30
CA ARG A 648 20.75 1.15 -60.82
C ARG A 648 21.02 2.46 -61.56
N LEU A 649 21.06 3.55 -60.80
CA LEU A 649 21.27 4.89 -61.34
C LEU A 649 22.63 5.44 -60.94
N THR A 650 22.96 5.32 -59.65
CA THR A 650 24.23 5.79 -59.11
C THR A 650 24.81 4.74 -58.15
N THR A 651 26.09 4.43 -58.35
CA THR A 651 26.82 3.52 -57.47
C THR A 651 28.08 4.18 -56.90
N ILE A 652 28.27 4.04 -55.59
CA ILE A 652 29.43 4.59 -54.89
C ILE A 652 30.21 3.45 -54.22
N LYS A 653 31.49 3.34 -54.56
CA LYS A 653 32.37 2.33 -53.97
C LYS A 653 33.06 2.83 -52.70
N PHE A 654 33.38 1.91 -51.80
CA PHE A 654 34.09 2.21 -50.55
C PHE A 654 35.30 1.31 -50.36
N ASP A 655 36.35 1.87 -49.76
CA ASP A 655 37.57 1.13 -49.43
C ASP A 655 37.35 0.19 -48.24
N TYR A 656 36.44 0.57 -47.35
CA TYR A 656 36.15 -0.18 -46.13
C TYR A 656 34.69 -0.58 -46.04
N GLU A 657 34.40 -1.57 -45.20
CA GLU A 657 33.04 -2.11 -45.00
C GLU A 657 32.16 -1.14 -44.22
N VAL A 658 31.00 -0.83 -44.79
CA VAL A 658 30.04 0.11 -44.18
C VAL A 658 29.27 -0.58 -43.04
N ILE A 659 29.29 0.07 -41.87
CA ILE A 659 28.63 -0.47 -40.68
C ILE A 659 27.40 0.35 -40.25
N HIS A 660 27.59 1.65 -39.99
CA HIS A 660 26.51 2.53 -39.56
C HIS A 660 26.05 3.43 -40.70
N VAL A 661 24.75 3.45 -40.94
CA VAL A 661 24.17 4.18 -42.07
C VAL A 661 22.77 4.73 -41.77
N SER A 662 22.62 6.04 -41.97
CA SER A 662 21.37 6.75 -41.73
C SER A 662 20.92 7.51 -42.97
N VAL A 663 19.62 7.77 -43.06
CA VAL A 663 19.00 8.47 -44.19
C VAL A 663 17.95 9.47 -43.72
N MET A 664 18.06 10.71 -44.21
CA MET A 664 16.94 11.65 -44.24
C MET A 664 16.56 11.95 -45.69
N ASP A 665 15.45 12.67 -45.88
CA ASP A 665 14.85 12.90 -47.21
C ASP A 665 15.82 13.24 -48.36
N PRO A 666 16.77 14.20 -48.16
CA PRO A 666 17.74 14.42 -49.23
C PRO A 666 19.19 14.02 -48.91
N TYR A 667 19.40 13.26 -47.83
CA TYR A 667 20.77 12.92 -47.37
C TYR A 667 20.97 11.45 -46.99
N ILE A 668 22.16 10.93 -47.32
CA ILE A 668 22.63 9.64 -46.80
C ILE A 668 23.93 9.88 -46.06
N LEU A 669 24.09 9.19 -44.93
CA LEU A 669 25.34 9.18 -44.19
C LEU A 669 25.79 7.74 -43.99
N VAL A 670 27.06 7.49 -44.32
CA VAL A 670 27.66 6.16 -44.17
C VAL A 670 28.93 6.21 -43.31
N THR A 671 29.05 5.22 -42.42
CA THR A 671 30.23 5.05 -41.58
C THR A 671 30.91 3.74 -41.97
N VAL A 672 32.18 3.86 -42.38
CA VAL A 672 32.97 2.69 -42.82
C VAL A 672 33.74 2.03 -41.67
N SER A 673 34.41 0.92 -41.98
CA SER A 673 35.12 0.10 -40.99
C SER A 673 36.30 0.79 -40.29
N ARG A 674 36.94 1.73 -41.01
CA ARG A 674 38.06 2.52 -40.47
C ARG A 674 37.61 3.48 -39.36
N GLY A 675 36.40 4.03 -39.51
CA GLY A 675 35.87 5.05 -38.61
C GLY A 675 35.58 6.35 -39.32
N ASP A 676 35.98 6.40 -40.60
CA ASP A 676 35.72 7.54 -41.48
C ASP A 676 34.24 7.61 -41.86
N ILE A 677 33.75 8.84 -42.01
CA ILE A 677 32.34 9.06 -42.40
C ILE A 677 32.22 9.80 -43.74
N LYS A 678 31.21 9.42 -44.51
CA LYS A 678 30.89 10.07 -45.77
C LYS A 678 29.42 10.45 -45.80
N ILE A 679 29.14 11.72 -46.05
CA ILE A 679 27.77 12.22 -46.19
C ILE A 679 27.51 12.52 -47.65
N PHE A 680 26.37 12.04 -48.15
CA PHE A 680 25.98 12.22 -49.54
C PHE A 680 24.63 12.94 -49.69
N GLU A 681 24.62 13.94 -50.55
CA GLU A 681 23.39 14.68 -50.90
C GLU A 681 22.96 14.34 -52.31
N LEU A 682 21.65 14.18 -52.48
CA LEU A 682 21.03 13.98 -53.80
C LEU A 682 21.00 15.29 -54.58
N GLU A 683 21.43 15.21 -55.84
CA GLU A 683 21.40 16.35 -56.76
C GLU A 683 19.94 16.66 -57.13
N GLU A 684 19.36 17.61 -56.39
CA GLU A 684 17.92 17.87 -56.35
C GLU A 684 17.27 18.27 -57.70
N LYS A 685 18.06 18.80 -58.63
CA LYS A 685 17.56 19.29 -59.92
C LYS A 685 16.93 18.21 -60.82
N ASN A 686 17.47 16.99 -60.75
CA ASN A 686 16.97 15.85 -61.52
C ASN A 686 16.87 14.55 -60.70
N LYS A 687 17.49 14.56 -59.51
CA LYS A 687 17.48 13.45 -58.52
C LYS A 687 18.08 12.13 -59.02
N ARG A 688 18.98 12.22 -60.00
CA ARG A 688 19.62 11.06 -60.62
C ARG A 688 20.93 10.71 -59.92
N LYS A 689 21.91 11.61 -60.00
CA LYS A 689 23.26 11.37 -59.47
C LYS A 689 23.42 11.80 -58.01
N LEU A 690 24.59 11.51 -57.43
CA LEU A 690 24.85 11.75 -56.02
C LEU A 690 26.09 12.61 -55.78
N LEU A 691 25.96 13.58 -54.88
CA LEU A 691 27.02 14.54 -54.56
C LEU A 691 27.58 14.30 -53.16
N LYS A 692 28.89 14.48 -53.02
CA LYS A 692 29.58 14.39 -51.73
C LYS A 692 29.42 15.69 -50.95
N VAL A 693 28.95 15.58 -49.71
CA VAL A 693 28.79 16.73 -48.81
C VAL A 693 30.16 17.11 -48.24
N ASP A 694 30.51 18.39 -48.37
CA ASP A 694 31.75 18.93 -47.80
C ASP A 694 31.63 19.08 -46.28
N LEU A 695 31.79 17.95 -45.60
CA LEU A 695 31.75 17.84 -44.14
C LEU A 695 32.96 18.52 -43.48
N PRO A 696 32.80 19.03 -42.24
CA PRO A 696 33.92 19.68 -41.54
C PRO A 696 35.08 18.72 -41.26
N GLU A 697 36.30 19.17 -41.57
CA GLU A 697 37.51 18.34 -41.46
C GLU A 697 37.97 18.04 -40.03
N ILE A 698 37.33 18.72 -39.07
CA ILE A 698 37.64 18.57 -37.63
C ILE A 698 37.33 17.16 -37.08
N LEU A 699 36.30 16.51 -37.63
CA LEU A 699 35.90 15.17 -37.19
C LEU A 699 36.66 14.02 -37.87
N ASN A 700 37.45 14.35 -38.90
CA ASN A 700 38.29 13.38 -39.60
C ASN A 700 39.42 12.87 -38.70
N GLU A 701 39.91 13.75 -37.82
CA GLU A 701 40.87 13.40 -36.77
C GLU A 701 40.18 12.62 -35.65
N MET A 702 38.91 12.92 -35.42
CA MET A 702 38.10 12.26 -34.38
C MET A 702 37.71 10.84 -34.79
N VAL A 703 37.55 9.97 -33.79
CA VAL A 703 37.15 8.58 -34.00
C VAL A 703 35.63 8.46 -33.81
N ILE A 704 34.93 8.26 -34.92
CA ILE A 704 33.46 8.19 -34.93
C ILE A 704 33.00 6.74 -34.85
N THR A 705 32.13 6.46 -33.89
CA THR A 705 31.52 5.13 -33.73
C THR A 705 30.28 5.00 -34.61
N SER A 706 29.28 5.84 -34.38
CA SER A 706 28.02 5.81 -35.13
C SER A 706 27.48 7.20 -35.41
N GLY A 707 27.07 7.40 -36.66
CA GLY A 707 26.47 8.66 -37.10
C GLY A 707 25.02 8.51 -37.50
N LEU A 708 24.23 9.55 -37.21
CA LEU A 708 22.81 9.59 -37.57
C LEU A 708 22.41 10.96 -38.10
N ILE A 709 21.76 10.99 -39.25
CA ILE A 709 21.18 12.24 -39.77
C ILE A 709 19.90 12.52 -38.99
N LEU A 710 19.73 13.79 -38.61
CA LEU A 710 18.65 14.18 -37.72
C LEU A 710 18.05 15.52 -38.09
N LYS A 711 16.74 15.65 -37.91
CA LYS A 711 16.03 16.88 -38.22
C LYS A 711 15.19 17.32 -37.02
N SER A 712 15.79 18.16 -36.18
CA SER A 712 15.11 18.76 -35.03
C SER A 712 15.62 20.16 -34.73
N ASN A 713 14.76 20.98 -34.12
CA ASN A 713 15.12 22.33 -33.68
C ASN A 713 15.82 22.29 -32.32
N MET A 714 16.93 21.55 -32.25
CA MET A 714 17.71 21.42 -31.03
C MET A 714 18.81 22.49 -30.92
N CYS A 715 19.58 22.66 -31.99
CA CYS A 715 20.65 23.66 -32.01
C CYS A 715 20.41 24.79 -33.01
N ASN A 716 19.13 25.02 -33.34
CA ASN A 716 18.72 26.12 -34.20
C ASN A 716 18.90 27.49 -33.53
N GLU A 717 18.89 27.51 -32.20
CA GLU A 717 19.18 28.71 -31.40
C GLU A 717 20.65 29.14 -31.52
N PHE A 718 21.54 28.15 -31.64
CA PHE A 718 22.97 28.38 -31.81
C PHE A 718 23.38 28.74 -33.24
N LEU A 719 22.55 28.35 -34.20
CA LEU A 719 22.79 28.61 -35.62
C LEU A 719 22.57 30.08 -35.98
N ILE A 720 23.33 30.54 -36.99
CA ILE A 720 23.22 31.91 -37.52
C ILE A 720 21.87 32.19 -38.20
N GLY A 721 21.32 31.16 -38.86
CA GLY A 721 20.01 31.22 -39.48
C GLY A 721 18.94 30.60 -38.60
N LEU A 722 17.80 31.29 -38.54
CA LEU A 722 16.62 30.88 -37.75
C LEU A 722 16.90 30.72 -36.25
N SER A 723 17.66 31.66 -35.68
CA SER A 723 17.92 31.73 -34.25
C SER A 723 16.68 32.21 -33.51
N LYS A 724 16.22 31.37 -32.57
CA LYS A 724 14.92 31.53 -31.89
C LYS A 724 13.77 31.65 -32.90
N SER A 725 13.53 30.55 -33.62
CA SER A 725 12.50 30.48 -34.64
C SER A 725 11.68 29.18 -34.56
N GLN A 726 12.28 28.16 -33.94
CA GLN A 726 11.69 26.83 -33.74
C GLN A 726 11.27 26.14 -35.05
N GLU A 727 12.26 25.79 -35.85
CA GLU A 727 12.08 24.98 -37.05
C GLU A 727 13.19 23.93 -37.15
N GLU A 728 12.78 22.71 -37.48
CA GLU A 728 13.68 21.56 -37.55
C GLU A 728 14.75 21.67 -38.65
N GLN A 729 15.92 22.17 -38.25
CA GLN A 729 17.09 22.22 -39.11
C GLN A 729 17.76 20.86 -39.17
N LEU A 730 18.08 20.42 -40.38
CA LEU A 730 18.65 19.09 -40.61
C LEU A 730 20.13 19.06 -40.20
N LEU A 731 20.40 18.37 -39.09
CA LEU A 731 21.74 18.32 -38.51
C LEU A 731 22.27 16.88 -38.34
N PHE A 732 23.49 16.66 -38.82
CA PHE A 732 24.09 15.33 -38.84
C PHE A 732 24.76 15.00 -37.52
N THR A 733 24.06 14.23 -36.67
CA THR A 733 24.59 13.78 -35.38
C THR A 733 25.61 12.64 -35.55
N PHE A 734 26.59 12.62 -34.66
CA PHE A 734 27.63 11.60 -34.64
C PHE A 734 27.97 11.29 -33.20
N VAL A 735 28.42 10.06 -32.97
CA VAL A 735 28.94 9.68 -31.67
C VAL A 735 30.43 9.44 -31.79
N THR A 736 31.21 10.21 -31.03
CA THR A 736 32.65 10.03 -30.92
C THR A 736 32.95 8.84 -30.00
N ALA A 737 34.09 8.20 -30.22
CA ALA A 737 34.56 7.08 -29.40
C ALA A 737 34.76 7.44 -27.91
N ASP A 738 34.97 8.73 -27.66
CA ASP A 738 35.01 9.28 -26.29
C ASP A 738 33.65 9.76 -25.78
N ASN A 739 32.59 9.25 -26.41
CA ASN A 739 31.18 9.43 -26.00
C ASN A 739 30.71 10.88 -25.90
N GLN A 740 30.52 11.51 -27.06
CA GLN A 740 29.86 12.82 -27.15
C GLN A 740 29.22 13.04 -28.51
N ILE A 741 27.93 13.37 -28.48
CA ILE A 741 27.15 13.55 -29.70
C ILE A 741 27.50 14.86 -30.39
N ILE A 742 28.31 14.77 -31.44
CA ILE A 742 28.69 15.93 -32.26
C ILE A 742 27.81 16.05 -33.50
N PHE A 743 27.40 17.27 -33.82
CA PHE A 743 26.51 17.54 -34.96
C PHE A 743 26.73 18.89 -35.64
N PHE A 744 26.18 19.00 -36.85
CA PHE A 744 26.28 20.19 -37.69
C PHE A 744 25.22 20.15 -38.79
N THR A 745 24.78 21.33 -39.22
CA THR A 745 23.88 21.47 -40.38
C THR A 745 24.72 21.37 -41.68
N LYS A 746 24.05 21.27 -42.82
CA LYS A 746 24.69 21.33 -44.15
C LYS A 746 25.51 22.61 -44.33
N ASP A 747 24.93 23.73 -43.92
CA ASP A 747 25.60 25.04 -43.92
C ASP A 747 26.31 25.29 -42.58
N HIS A 748 27.23 24.38 -42.24
CA HIS A 748 27.97 24.42 -40.97
C HIS A 748 29.02 25.52 -40.90
N ASN A 749 29.69 25.78 -42.03
CA ASN A 749 30.85 26.68 -42.13
C ASN A 749 31.95 26.32 -41.10
N ASP A 750 32.24 25.01 -41.05
CA ASP A 750 33.21 24.39 -40.13
C ASP A 750 32.93 24.57 -38.62
N ARG A 751 31.77 25.15 -38.30
CA ARG A 751 31.33 25.36 -36.93
C ARG A 751 30.48 24.17 -36.47
N ILE A 752 31.12 23.30 -35.71
CA ILE A 752 30.51 22.06 -35.22
C ILE A 752 29.95 22.22 -33.81
N PHE A 753 28.75 21.70 -33.59
CA PHE A 753 28.11 21.69 -32.27
C PHE A 753 28.23 20.31 -31.63
N GLN A 754 28.16 20.28 -30.30
CA GLN A 754 28.17 19.02 -29.54
C GLN A 754 27.12 19.03 -28.44
N LEU A 755 26.70 17.84 -28.03
CA LEU A 755 25.96 17.67 -26.80
C LEU A 755 26.98 17.55 -25.68
N ASN A 756 27.05 18.59 -24.85
CA ASN A 756 28.07 18.70 -23.82
C ASN A 756 27.71 17.88 -22.60
N GLY A 757 28.70 17.13 -22.10
CA GLY A 757 28.53 16.28 -20.92
C GLY A 757 27.77 15.00 -21.21
N VAL A 758 28.26 14.23 -22.18
CA VAL A 758 27.74 12.88 -22.46
C VAL A 758 28.80 11.83 -22.10
N ASP A 759 30.07 12.25 -22.13
CA ASP A 759 31.21 11.48 -21.58
C ASP A 759 31.02 11.18 -20.10
N GLN A 760 30.30 12.06 -19.41
CA GLN A 760 29.80 11.84 -18.06
C GLN A 760 28.32 11.43 -18.07
N LEU A 761 27.60 11.81 -19.12
CA LEU A 761 26.13 11.69 -19.24
C LEU A 761 25.33 12.10 -18.00
N ASN A 762 25.61 13.32 -17.54
CA ASN A 762 24.93 13.92 -16.38
C ASN A 762 23.50 14.35 -16.71
N GLU A 763 22.72 14.64 -15.67
CA GLU A 763 21.30 15.02 -15.76
C GLU A 763 20.97 16.10 -16.80
N SER A 764 21.73 17.20 -16.76
CA SER A 764 21.61 18.27 -17.76
C SER A 764 22.49 17.94 -18.96
N LEU A 765 22.08 18.41 -20.13
CA LEU A 765 22.71 18.04 -21.39
C LEU A 765 22.58 19.16 -22.42
N TYR A 766 23.27 20.27 -22.16
CA TYR A 766 23.22 21.46 -23.00
C TYR A 766 24.03 21.32 -24.28
N ILE A 767 23.55 21.92 -25.36
CA ILE A 767 24.31 22.00 -26.62
C ILE A 767 25.25 23.20 -26.57
N SER A 768 26.50 22.95 -26.96
CA SER A 768 27.51 24.00 -27.11
C SER A 768 28.42 23.67 -28.29
N THR A 769 29.18 24.65 -28.75
CA THR A 769 30.20 24.44 -29.79
C THR A 769 31.28 23.47 -29.31
N TYR A 770 31.69 22.56 -30.19
CA TYR A 770 32.66 21.54 -29.86
C TYR A 770 34.09 22.09 -29.83
N GLN A 771 34.84 21.70 -28.80
CA GLN A 771 36.24 22.06 -28.65
C GLN A 771 37.10 20.79 -28.54
N LEU A 772 37.99 20.62 -29.52
CA LEU A 772 38.89 19.47 -29.56
C LEU A 772 40.24 19.76 -28.90
N GLY A 773 40.68 18.82 -28.06
CA GLY A 773 41.97 18.91 -27.38
C GLY A 773 42.67 17.56 -27.36
N ASP A 774 43.06 17.13 -26.17
CA ASP A 774 43.67 15.81 -25.96
C ASP A 774 43.08 15.12 -24.71
N GLU A 775 41.76 15.18 -24.60
CA GLU A 775 41.00 14.52 -23.54
C GLU A 775 40.39 13.21 -24.06
N ILE A 776 40.93 12.73 -25.18
CA ILE A 776 40.40 11.56 -25.90
C ILE A 776 40.70 10.25 -25.14
N VAL A 777 39.64 9.72 -24.53
CA VAL A 777 39.66 8.38 -23.93
C VAL A 777 38.64 7.50 -24.68
N PRO A 778 39.14 6.63 -25.58
CA PRO A 778 38.27 5.78 -26.40
C PRO A 778 37.59 4.66 -25.60
N ASP A 779 36.58 5.04 -24.82
CA ASP A 779 35.72 4.10 -24.10
C ASP A 779 34.31 4.24 -24.69
N PRO A 780 34.00 3.44 -25.74
CA PRO A 780 32.72 3.59 -26.44
C PRO A 780 31.56 3.02 -25.63
N SER A 781 30.59 3.89 -25.32
CA SER A 781 29.40 3.54 -24.55
C SER A 781 28.13 4.27 -25.02
N ILE A 782 28.16 4.77 -26.27
CA ILE A 782 26.97 5.24 -26.95
C ILE A 782 26.94 4.56 -28.32
N LYS A 783 26.35 3.37 -28.35
CA LYS A 783 26.23 2.56 -29.57
C LYS A 783 25.30 3.20 -30.59
N GLN A 784 24.15 3.66 -30.12
CA GLN A 784 23.14 4.29 -30.96
C GLN A 784 22.57 5.50 -30.23
N VAL A 785 22.45 6.61 -30.96
CA VAL A 785 21.81 7.82 -30.44
C VAL A 785 20.76 8.35 -31.41
N MET A 786 19.65 8.87 -30.87
CA MET A 786 18.56 9.42 -31.69
C MET A 786 17.64 10.38 -30.94
N ILE A 787 17.42 11.55 -31.54
CA ILE A 787 16.44 12.52 -31.07
C ILE A 787 15.15 12.31 -31.85
N ASN A 788 14.10 11.96 -31.13
CA ASN A 788 12.82 11.55 -31.74
C ASN A 788 11.64 12.15 -31.00
N LYS A 789 10.63 12.55 -31.78
CA LYS A 789 9.34 12.93 -31.22
C LYS A 789 8.60 11.68 -30.78
N LEU A 790 8.02 11.72 -29.57
CA LEU A 790 7.36 10.53 -28.99
C LEU A 790 6.02 10.87 -28.33
N GLY A 791 5.13 9.88 -28.29
CA GLY A 791 3.77 10.08 -27.78
C GLY A 791 2.76 10.21 -28.92
N HIS A 792 1.54 9.74 -28.69
CA HIS A 792 0.52 9.75 -29.75
C HIS A 792 -0.03 11.13 -30.11
N ASP A 793 -0.09 12.02 -29.12
CA ASP A 793 -0.59 13.37 -29.34
C ASP A 793 0.47 14.45 -29.12
N ASN A 794 1.04 14.51 -27.93
CA ASN A 794 2.11 15.48 -27.62
C ASN A 794 3.47 14.90 -28.02
N LYS A 795 3.87 15.18 -29.26
CA LYS A 795 5.10 14.64 -29.84
C LYS A 795 6.32 15.37 -29.29
N GLU A 796 6.73 15.00 -28.08
CA GLU A 796 7.88 15.59 -27.41
C GLU A 796 9.18 15.00 -27.95
N GLU A 797 10.13 15.87 -28.27
CA GLU A 797 11.46 15.46 -28.74
C GLU A 797 12.27 14.85 -27.61
N TYR A 798 12.93 13.75 -27.91
CA TYR A 798 13.66 12.97 -26.93
C TYR A 798 14.96 12.40 -27.47
N LEU A 799 16.08 12.93 -26.97
CA LEU A 799 17.39 12.36 -27.21
C LEU A 799 17.44 11.03 -26.48
N THR A 800 17.78 9.97 -27.22
CA THR A 800 17.74 8.62 -26.68
C THR A 800 19.05 7.89 -26.93
N ILE A 801 19.93 7.96 -25.93
CA ILE A 801 21.19 7.24 -25.91
C ILE A 801 20.94 5.75 -25.75
N LEU A 802 21.73 4.94 -26.47
CA LEU A 802 21.81 3.51 -26.22
C LEU A 802 23.27 3.10 -26.10
N THR A 803 23.58 2.48 -24.97
CA THR A 803 24.94 2.04 -24.61
C THR A 803 25.26 0.68 -25.26
N PHE A 804 26.55 0.46 -25.54
CA PHE A 804 27.09 -0.83 -25.97
C PHE A 804 26.78 -1.97 -25.01
N GLY A 805 26.49 -1.62 -23.76
CA GLY A 805 26.01 -2.57 -22.75
C GLY A 805 24.49 -2.69 -22.70
N GLY A 806 23.84 -2.29 -23.80
CA GLY A 806 22.38 -2.39 -23.96
C GLY A 806 21.58 -1.54 -22.97
N GLU A 807 22.15 -0.41 -22.57
CA GLU A 807 21.55 0.49 -21.60
C GLU A 807 20.97 1.71 -22.31
N ILE A 808 19.69 1.98 -22.08
CA ILE A 808 19.00 3.10 -22.71
C ILE A 808 18.86 4.27 -21.73
N TYR A 809 19.52 5.38 -22.06
CA TYR A 809 19.27 6.65 -21.39
C TYR A 809 18.43 7.52 -22.31
N GLN A 810 17.50 8.26 -21.72
CA GLN A 810 16.59 9.08 -22.51
C GLN A 810 16.43 10.49 -21.95
N TYR A 811 16.95 11.45 -22.71
CA TYR A 811 16.91 12.86 -22.36
C TYR A 811 15.79 13.57 -23.10
N ARG A 812 15.16 14.53 -22.41
CA ARG A 812 14.09 15.34 -22.99
C ARG A 812 14.63 16.66 -23.51
N LYS A 813 14.21 17.03 -24.72
CA LYS A 813 14.41 18.38 -25.24
C LYS A 813 13.36 19.27 -24.62
N LEU A 814 13.82 20.26 -23.86
CA LEU A 814 12.94 21.16 -23.11
C LEU A 814 12.35 22.23 -24.03
N PRO A 815 11.00 22.36 -24.06
CA PRO A 815 10.29 23.36 -24.86
C PRO A 815 10.80 24.80 -24.64
N GLN A 816 11.02 25.18 -23.39
CA GLN A 816 11.75 26.40 -23.05
C GLN A 816 13.24 26.07 -22.96
N ARG A 817 14.05 26.86 -23.65
CA ARG A 817 15.49 26.58 -23.89
C ARG A 817 15.66 25.23 -24.58
N ARG A 818 15.52 25.23 -25.91
CA ARG A 818 15.53 24.02 -26.73
C ARG A 818 16.93 23.44 -26.96
N SER A 819 17.95 24.26 -26.67
CA SER A 819 19.35 23.84 -26.73
C SER A 819 19.70 22.87 -25.60
N ARG A 820 19.03 23.02 -24.46
CA ARG A 820 19.31 22.21 -23.28
C ARG A 820 18.43 20.98 -23.22
N PHE A 821 19.08 19.82 -23.08
CA PHE A 821 18.40 18.54 -22.84
C PHE A 821 18.49 18.18 -21.36
N TYR A 822 17.49 17.47 -20.87
CA TYR A 822 17.40 17.11 -19.46
C TYR A 822 16.66 15.80 -19.27
N ARG A 823 17.18 14.95 -18.39
CA ARG A 823 16.44 13.77 -17.94
C ARG A 823 16.16 13.81 -16.45
N ASN A 824 14.93 13.44 -16.09
CA ASN A 824 14.54 13.29 -14.68
C ASN A 824 15.22 12.05 -14.09
N VAL A 825 16.32 12.28 -13.39
CA VAL A 825 17.14 11.22 -12.78
C VAL A 825 16.40 10.64 -11.57
N THR A 826 15.80 11.53 -10.79
CA THR A 826 15.00 11.18 -9.61
C THR A 826 13.80 10.28 -9.95
N ARG A 827 13.10 10.60 -11.05
CA ARG A 827 12.03 9.78 -11.58
C ARG A 827 12.63 8.55 -12.26
N ASN A 828 12.13 7.38 -11.87
CA ASN A 828 12.60 6.13 -12.44
C ASN A 828 11.61 5.61 -13.48
N ASP A 829 11.40 6.42 -14.51
CA ASP A 829 10.52 6.11 -15.63
C ASP A 829 11.05 4.96 -16.48
N LEU A 830 12.24 5.14 -17.05
CA LEU A 830 12.91 4.11 -17.82
C LEU A 830 13.62 3.16 -16.87
N ALA A 831 13.19 1.91 -16.89
CA ALA A 831 13.88 0.84 -16.17
C ALA A 831 15.18 0.52 -16.89
N ILE A 832 16.18 0.08 -16.14
CA ILE A 832 17.48 -0.26 -16.70
C ILE A 832 17.41 -1.47 -17.60
N THR A 833 17.72 -1.25 -18.89
CA THR A 833 17.65 -2.28 -19.91
C THR A 833 18.95 -3.09 -19.99
N GLY A 834 20.03 -2.48 -19.53
CA GLY A 834 21.34 -3.11 -19.48
C GLY A 834 22.20 -2.52 -18.39
N ALA A 835 23.51 -2.62 -18.59
CA ALA A 835 24.51 -2.10 -17.66
C ALA A 835 25.75 -1.69 -18.43
N PRO A 836 26.37 -0.55 -18.07
CA PRO A 836 27.46 0.03 -18.86
C PRO A 836 28.77 -0.76 -18.80
N ASP A 837 29.12 -1.25 -17.62
CA ASP A 837 30.42 -1.91 -17.40
C ASP A 837 30.39 -3.40 -17.80
N ASN A 838 29.93 -3.64 -19.03
CA ASN A 838 29.80 -4.98 -19.65
C ASN A 838 28.89 -5.98 -18.91
N ALA A 839 28.39 -5.58 -17.74
CA ALA A 839 27.43 -6.38 -16.96
C ALA A 839 26.10 -6.51 -17.71
N TYR A 840 25.38 -7.57 -17.41
CA TYR A 840 24.23 -8.04 -18.21
C TYR A 840 24.59 -8.08 -19.71
N ALA A 841 25.62 -8.87 -20.01
CA ALA A 841 26.08 -9.09 -21.38
C ALA A 841 25.13 -9.97 -22.18
N LYS A 842 24.36 -10.79 -21.46
CA LYS A 842 23.36 -11.70 -22.04
C LYS A 842 22.31 -10.99 -22.90
N GLY A 843 21.97 -9.77 -22.50
CA GLY A 843 20.98 -8.95 -23.21
C GLY A 843 21.50 -8.20 -24.42
N VAL A 844 22.80 -8.30 -24.70
CA VAL A 844 23.43 -7.58 -25.80
C VAL A 844 24.28 -8.47 -26.73
N SER A 845 24.83 -9.56 -26.19
CA SER A 845 25.72 -10.45 -26.95
C SER A 845 25.01 -11.33 -27.99
N SER A 846 23.72 -11.60 -27.76
CA SER A 846 22.92 -12.44 -28.65
C SER A 846 22.60 -11.73 -29.97
N ILE A 847 21.75 -10.71 -29.90
CA ILE A 847 21.40 -9.87 -31.03
C ILE A 847 21.79 -8.42 -30.69
N GLU A 848 22.45 -7.77 -31.64
CA GLU A 848 22.94 -6.39 -31.48
C GLU A 848 21.82 -5.40 -31.23
N ARG A 849 21.97 -4.61 -30.16
CA ARG A 849 21.01 -3.58 -29.79
C ARG A 849 21.10 -2.42 -30.76
N ILE A 850 20.09 -2.31 -31.63
CA ILE A 850 19.95 -1.14 -32.51
C ILE A 850 18.54 -0.57 -32.40
N MET A 851 18.47 0.72 -32.09
CA MET A 851 17.21 1.43 -31.90
C MET A 851 16.60 1.77 -33.25
N HIS A 852 15.28 1.68 -33.32
CA HIS A 852 14.53 2.10 -34.50
C HIS A 852 13.37 2.96 -34.07
N TYR A 853 13.37 4.19 -34.53
CA TYR A 853 12.30 5.13 -34.25
C TYR A 853 11.22 5.03 -35.31
N PHE A 854 9.97 5.01 -34.83
CA PHE A 854 8.80 5.00 -35.69
C PHE A 854 7.88 6.15 -35.34
N PRO A 855 7.62 7.06 -36.31
CA PRO A 855 6.79 8.25 -36.08
C PRO A 855 5.33 7.91 -35.79
N ASP A 856 4.87 6.76 -36.27
CA ASP A 856 3.51 6.29 -36.03
C ASP A 856 3.47 4.77 -35.99
N TYR A 857 3.14 4.23 -34.81
CA TYR A 857 3.04 2.79 -34.61
C TYR A 857 1.59 2.35 -34.34
N ASN A 858 0.84 3.18 -33.63
CA ASN A 858 -0.61 3.09 -33.59
C ASN A 858 -1.16 4.46 -33.22
N GLY A 859 -0.62 5.47 -33.90
CA GLY A 859 -0.71 6.87 -33.47
C GLY A 859 0.49 7.17 -32.60
N TYR A 860 0.80 6.24 -31.69
CA TYR A 860 1.94 6.31 -30.79
C TYR A 860 3.24 6.32 -31.56
N SER A 861 4.06 7.33 -31.29
CA SER A 861 5.41 7.38 -31.80
C SER A 861 6.32 6.65 -30.84
N VAL A 862 7.06 5.66 -31.34
CA VAL A 862 7.86 4.78 -30.48
C VAL A 862 9.31 4.62 -30.93
N ILE A 863 10.15 4.20 -29.99
CA ILE A 863 11.47 3.70 -30.29
C ILE A 863 11.50 2.22 -29.95
N PHE A 864 11.51 1.40 -30.98
CA PHE A 864 11.76 -0.03 -30.84
C PHE A 864 13.24 -0.28 -30.64
N VAL A 865 13.55 -1.21 -29.75
CA VAL A 865 14.92 -1.57 -29.44
C VAL A 865 15.05 -3.06 -29.64
N THR A 866 15.78 -3.44 -30.68
CA THR A 866 15.97 -4.84 -31.04
C THR A 866 16.99 -5.49 -30.12
N GLY A 867 16.86 -6.81 -29.95
CA GLY A 867 17.81 -7.61 -29.17
C GLY A 867 17.23 -8.95 -28.76
N SER A 868 17.94 -9.64 -27.87
CA SER A 868 17.44 -10.84 -27.22
C SER A 868 16.23 -10.47 -26.36
N VAL A 869 16.34 -9.31 -25.72
CA VAL A 869 15.23 -8.70 -25.02
C VAL A 869 14.88 -7.40 -25.76
N PRO A 870 13.76 -7.42 -26.51
CA PRO A 870 13.30 -6.25 -27.25
C PRO A 870 12.60 -5.23 -26.34
N TYR A 871 12.86 -3.95 -26.59
CA TYR A 871 12.23 -2.89 -25.84
C TYR A 871 11.49 -1.92 -26.73
N ILE A 872 10.40 -1.39 -26.22
CA ILE A 872 9.61 -0.42 -26.94
C ILE A 872 9.42 0.83 -26.07
N LEU A 873 10.06 1.91 -26.47
CA LEU A 873 9.89 3.20 -25.80
C LEU A 873 8.57 3.81 -26.21
N ILE A 874 7.59 3.70 -25.33
CA ILE A 874 6.29 4.29 -25.58
C ILE A 874 6.10 5.45 -24.62
N LYS A 875 5.89 6.63 -25.19
CA LYS A 875 5.37 7.75 -24.46
C LYS A 875 3.86 7.75 -24.65
N GLU A 876 3.12 7.82 -23.55
CA GLU A 876 1.73 8.21 -23.62
C GLU A 876 1.70 9.70 -23.27
N ASP A 877 0.56 10.35 -23.52
CA ASP A 877 0.38 11.74 -23.12
C ASP A 877 0.49 11.89 -21.60
N ASP A 878 -0.02 10.89 -20.90
CA ASP A 878 -0.16 10.87 -19.44
C ASP A 878 1.17 10.73 -18.70
N SER A 879 2.23 10.27 -19.38
CA SER A 879 3.48 9.93 -18.71
C SER A 879 4.74 10.14 -19.53
N THR A 880 5.86 10.17 -18.81
CA THR A 880 7.21 10.12 -19.35
C THR A 880 7.42 8.82 -20.13
N PRO A 881 8.23 8.86 -21.23
CA PRO A 881 8.34 7.70 -22.10
C PRO A 881 9.12 6.59 -21.43
N LYS A 882 8.55 5.40 -21.47
CA LYS A 882 9.08 4.27 -20.74
C LYS A 882 9.42 3.14 -21.67
N ILE A 883 10.57 2.53 -21.43
CA ILE A 883 10.90 1.25 -22.04
C ILE A 883 9.96 0.20 -21.47
N PHE A 884 9.45 -0.66 -22.34
CA PHE A 884 8.75 -1.85 -21.90
C PHE A 884 9.35 -3.02 -22.64
N LYS A 885 9.35 -4.18 -22.01
CA LYS A 885 9.72 -5.42 -22.70
C LYS A 885 8.73 -5.65 -23.83
N PHE A 886 9.26 -5.91 -25.02
CA PHE A 886 8.41 -6.10 -26.19
C PHE A 886 8.29 -7.57 -26.56
N GLY A 887 7.23 -8.20 -26.03
CA GLY A 887 7.02 -9.65 -26.18
C GLY A 887 8.04 -10.47 -25.43
N ASN A 888 7.77 -11.77 -25.32
CA ASN A 888 8.70 -12.70 -24.71
C ASN A 888 9.77 -13.13 -25.73
N ILE A 889 9.40 -13.12 -27.01
CA ILE A 889 10.30 -13.50 -28.11
C ILE A 889 11.42 -12.48 -28.32
N PRO A 890 12.63 -12.94 -28.72
CA PRO A 890 13.67 -12.00 -29.14
C PRO A 890 13.35 -11.38 -30.49
N LEU A 891 13.86 -10.17 -30.73
CA LEU A 891 13.62 -9.44 -31.97
C LEU A 891 14.92 -8.96 -32.62
N VAL A 892 15.07 -9.30 -33.91
CA VAL A 892 16.31 -9.02 -34.64
C VAL A 892 16.27 -7.66 -35.34
N SER A 893 15.20 -7.40 -36.09
CA SER A 893 15.03 -6.14 -36.81
C SER A 893 13.56 -5.79 -37.02
N VAL A 894 13.26 -4.51 -36.81
CA VAL A 894 11.92 -3.94 -36.98
C VAL A 894 11.84 -3.06 -38.21
N THR A 895 10.66 -3.04 -38.84
CA THR A 895 10.40 -2.22 -40.01
C THR A 895 8.96 -1.69 -39.97
N PRO A 896 8.73 -0.42 -40.38
CA PRO A 896 7.36 0.10 -40.27
C PRO A 896 6.43 -0.40 -41.38
N TRP A 897 5.56 -1.35 -41.03
CA TRP A 897 4.59 -1.92 -41.96
C TRP A 897 3.47 -0.92 -42.31
N SER A 898 2.75 -1.19 -43.40
CA SER A 898 1.80 -0.26 -44.02
C SER A 898 0.85 0.45 -43.05
N GLU A 899 1.27 1.65 -42.64
CA GLU A 899 0.51 2.58 -41.77
C GLU A 899 0.12 2.02 -40.40
N ARG A 900 0.58 2.71 -39.35
CA ARG A 900 0.37 2.34 -37.94
C ARG A 900 0.48 0.84 -37.62
N SER A 901 1.61 0.27 -38.03
CA SER A 901 1.99 -1.13 -37.78
C SER A 901 3.48 -1.31 -37.99
N VAL A 902 4.09 -2.24 -37.25
CA VAL A 902 5.52 -2.53 -37.37
C VAL A 902 5.75 -4.04 -37.46
N MET A 903 6.43 -4.46 -38.53
CA MET A 903 6.84 -5.85 -38.72
C MET A 903 8.13 -6.12 -37.98
N CYS A 904 8.11 -7.17 -37.15
CA CYS A 904 9.23 -7.55 -36.31
C CYS A 904 9.61 -9.01 -36.56
N VAL A 905 10.89 -9.25 -36.78
CA VAL A 905 11.38 -10.60 -37.04
C VAL A 905 12.06 -11.25 -35.82
N ASP A 906 11.66 -12.50 -35.55
CA ASP A 906 12.18 -13.31 -34.46
C ASP A 906 13.59 -13.84 -34.80
N ASP A 907 14.29 -14.33 -33.76
CA ASP A 907 15.58 -15.02 -33.91
C ASP A 907 15.44 -16.30 -34.74
N ILE A 908 14.29 -16.96 -34.62
CA ILE A 908 13.93 -18.14 -35.42
C ILE A 908 13.44 -17.78 -36.83
N LYS A 909 13.58 -16.49 -37.19
CA LYS A 909 13.23 -15.93 -38.51
C LYS A 909 11.73 -16.03 -38.83
N ASN A 910 10.91 -15.69 -37.83
CA ASN A 910 9.45 -15.69 -37.95
C ASN A 910 8.92 -14.26 -37.83
N ALA A 911 8.84 -13.57 -38.96
CA ALA A 911 8.44 -12.16 -39.00
C ALA A 911 6.94 -11.97 -38.80
N ARG A 912 6.61 -11.13 -37.83
CA ARG A 912 5.22 -10.85 -37.47
C ARG A 912 4.98 -9.34 -37.49
N VAL A 913 3.91 -8.93 -38.17
CA VAL A 913 3.48 -7.53 -38.17
C VAL A 913 2.68 -7.27 -36.90
N TYR A 914 3.31 -6.55 -35.99
CA TYR A 914 2.67 -6.13 -34.75
C TYR A 914 2.13 -4.72 -34.85
N THR A 915 1.12 -4.43 -34.05
CA THR A 915 0.65 -3.07 -33.79
C THR A 915 0.14 -3.04 -32.36
N LEU A 916 0.65 -2.09 -31.56
CA LEU A 916 0.27 -2.03 -30.15
C LEU A 916 -1.23 -1.78 -30.00
N THR A 917 -1.82 -2.50 -29.06
CA THR A 917 -3.20 -2.27 -28.68
C THR A 917 -3.29 -1.01 -27.85
N THR A 918 -4.28 -0.17 -28.17
CA THR A 918 -4.52 1.06 -27.44
C THR A 918 -5.94 1.10 -26.85
N ASP A 919 -6.75 0.11 -27.24
CA ASP A 919 -8.17 0.01 -26.89
C ASP A 919 -8.45 0.07 -25.37
N ASN A 920 -7.56 -0.53 -24.59
CA ASN A 920 -7.68 -0.56 -23.13
C ASN A 920 -6.33 -0.55 -22.43
N MET A 921 -5.26 -0.61 -23.22
CA MET A 921 -3.89 -0.56 -22.71
C MET A 921 -3.50 0.83 -22.24
N TYR A 922 -2.56 0.88 -21.29
CA TYR A 922 -1.95 2.12 -20.84
C TYR A 922 -0.44 1.96 -20.72
N TYR A 923 0.28 2.94 -21.23
CA TYR A 923 1.73 2.86 -21.35
C TYR A 923 2.50 3.88 -20.52
N GLY A 924 2.01 4.11 -19.30
CA GLY A 924 2.78 4.78 -18.25
C GLY A 924 3.09 3.76 -17.18
N ASN A 925 3.10 4.19 -15.92
CA ASN A 925 3.23 3.31 -14.75
C ASN A 925 4.46 2.38 -14.74
N LYS A 926 5.48 2.75 -15.51
CA LYS A 926 6.75 2.01 -15.71
C LYS A 926 6.66 0.51 -16.04
N LEU A 927 5.44 0.05 -16.31
CA LEU A 927 5.17 -1.30 -16.80
C LEU A 927 3.84 -1.24 -17.52
N PRO A 928 3.75 -1.81 -18.75
CA PRO A 928 2.54 -1.65 -19.55
C PRO A 928 1.38 -2.44 -18.97
N LEU A 929 0.21 -1.81 -18.88
CA LEU A 929 -0.92 -2.42 -18.23
C LEU A 929 -2.22 -2.35 -19.02
N LYS A 930 -2.97 -3.44 -18.93
CA LYS A 930 -4.16 -3.66 -19.74
C LYS A 930 -5.39 -3.65 -18.83
N GLN A 931 -6.23 -2.64 -18.99
CA GLN A 931 -7.52 -2.57 -18.29
C GLN A 931 -8.48 -3.58 -18.90
N ILE A 932 -9.00 -4.48 -18.06
CA ILE A 932 -9.95 -5.49 -18.50
C ILE A 932 -11.27 -5.30 -17.76
N LYS A 933 -12.20 -4.62 -18.41
CA LYS A 933 -13.53 -4.44 -17.85
C LYS A 933 -14.40 -5.65 -18.18
N ILE A 934 -14.50 -6.55 -17.20
CA ILE A 934 -15.35 -7.73 -17.30
C ILE A 934 -16.80 -7.40 -16.92
N SER A 935 -16.95 -6.35 -16.12
CA SER A 935 -18.26 -5.78 -15.79
C SER A 935 -18.79 -5.03 -17.01
N ASN A 936 -19.55 -5.74 -17.84
CA ASN A 936 -20.13 -5.19 -19.07
C ASN A 936 -21.49 -4.51 -18.81
N VAL A 937 -22.26 -4.31 -19.88
CA VAL A 937 -23.52 -3.54 -19.83
C VAL A 937 -24.70 -4.26 -19.16
N LEU A 938 -24.84 -5.57 -19.41
CA LEU A 938 -25.98 -6.35 -18.91
C LEU A 938 -25.86 -6.73 -17.43
N ASP A 939 -24.63 -6.92 -16.96
CA ASP A 939 -24.34 -7.11 -15.53
C ASP A 939 -22.99 -6.52 -15.11
N ASP A 940 -23.05 -5.55 -14.21
CA ASP A 940 -21.84 -4.94 -13.65
C ASP A 940 -21.48 -5.56 -12.31
N TYR A 941 -20.34 -6.24 -12.28
CA TYR A 941 -19.84 -6.87 -11.07
C TYR A 941 -18.98 -5.85 -10.33
N LYS A 942 -19.65 -4.95 -9.63
CA LYS A 942 -19.01 -3.83 -8.93
C LYS A 942 -18.05 -4.28 -7.83
N THR A 943 -16.80 -3.82 -7.94
CA THR A 943 -15.65 -4.23 -7.13
C THR A 943 -15.27 -5.70 -7.33
N LEU A 944 -14.08 -5.90 -7.89
CA LEU A 944 -13.50 -7.21 -8.10
C LEU A 944 -12.41 -7.43 -7.08
N GLN A 945 -12.59 -8.47 -6.27
CA GLN A 945 -11.73 -8.74 -5.14
C GLN A 945 -11.10 -10.11 -5.27
N LYS A 946 -9.87 -10.21 -4.76
CA LYS A 946 -9.15 -11.47 -4.59
C LYS A 946 -9.18 -12.36 -5.84
N LEU A 947 -8.60 -11.82 -6.90
CA LEU A 947 -8.41 -12.51 -8.16
C LEU A 947 -7.41 -13.63 -8.01
N VAL A 948 -7.71 -14.77 -8.62
CA VAL A 948 -6.83 -15.91 -8.60
C VAL A 948 -6.86 -16.70 -9.91
N TYR A 949 -5.66 -17.03 -10.38
CA TYR A 949 -5.48 -17.77 -11.63
C TYR A 949 -5.41 -19.26 -11.35
N HIS A 950 -6.00 -20.04 -12.25
CA HIS A 950 -6.14 -21.48 -12.09
C HIS A 950 -5.49 -22.19 -13.29
N GLU A 951 -4.26 -22.67 -13.08
CA GLU A 951 -3.40 -23.21 -14.16
C GLU A 951 -3.90 -24.49 -14.84
N ARG A 952 -4.65 -25.31 -14.10
CA ARG A 952 -5.20 -26.58 -14.60
C ARG A 952 -6.29 -26.34 -15.66
N ALA A 953 -6.80 -25.11 -15.71
CA ALA A 953 -7.77 -24.68 -16.70
C ALA A 953 -7.28 -23.47 -17.51
N GLN A 954 -6.11 -22.96 -17.13
CA GLN A 954 -5.49 -21.74 -17.71
C GLN A 954 -6.40 -20.51 -17.72
N LEU A 955 -7.11 -20.31 -16.61
CA LEU A 955 -8.09 -19.22 -16.51
C LEU A 955 -8.22 -18.58 -15.12
N PHE A 956 -8.72 -17.35 -15.13
CA PHE A 956 -8.85 -16.53 -13.94
C PHE A 956 -10.17 -16.71 -13.23
N LEU A 957 -10.10 -16.52 -11.92
CA LEU A 957 -11.26 -16.46 -11.07
C LEU A 957 -11.16 -15.21 -10.23
N VAL A 958 -12.21 -14.41 -10.25
CA VAL A 958 -12.27 -13.23 -9.42
C VAL A 958 -13.55 -13.20 -8.61
N SER A 959 -13.43 -12.82 -7.35
CA SER A 959 -14.58 -12.70 -6.49
C SER A 959 -15.10 -11.28 -6.46
N TYR A 960 -16.18 -11.04 -7.21
CA TYR A 960 -16.88 -9.78 -7.18
C TYR A 960 -17.59 -9.60 -5.85
N CYS A 961 -17.78 -8.35 -5.44
CA CYS A 961 -18.53 -8.05 -4.22
C CYS A 961 -19.33 -6.77 -4.35
N LYS A 962 -20.58 -6.95 -4.78
CA LYS A 962 -21.56 -5.86 -4.89
C LYS A 962 -21.88 -5.33 -3.51
N ARG A 963 -21.71 -4.02 -3.32
CA ARG A 963 -22.04 -3.39 -2.05
C ARG A 963 -23.57 -3.23 -1.95
N VAL A 964 -24.18 -4.26 -1.40
CA VAL A 964 -25.64 -4.34 -1.24
C VAL A 964 -26.08 -3.48 -0.04
N PRO A 965 -27.33 -2.97 -0.04
CA PRO A 965 -27.91 -2.42 1.19
C PRO A 965 -27.94 -3.49 2.30
N TYR A 966 -27.24 -3.20 3.39
CA TYR A 966 -27.06 -4.15 4.49
C TYR A 966 -28.32 -4.32 5.34
N GLU A 967 -28.62 -5.58 5.64
CA GLU A 967 -29.74 -5.93 6.50
C GLU A 967 -29.19 -6.38 7.85
N ALA A 968 -29.49 -5.60 8.88
CA ALA A 968 -29.00 -5.86 10.24
C ALA A 968 -29.93 -6.79 11.01
N LEU A 969 -29.53 -8.07 11.07
CA LEU A 969 -30.33 -9.12 11.71
C LEU A 969 -29.46 -10.22 12.31
N GLY A 970 -29.95 -10.84 13.38
CA GLY A 970 -29.26 -11.96 14.04
C GLY A 970 -29.38 -13.27 13.28
N GLU A 971 -29.38 -14.38 14.03
CA GLU A 971 -29.59 -15.71 13.47
C GLU A 971 -31.05 -15.90 13.04
N ASP A 972 -31.96 -15.40 13.87
CA ASP A 972 -33.39 -15.34 13.54
C ASP A 972 -33.68 -14.26 12.50
N GLY A 973 -34.77 -14.44 11.75
CA GLY A 973 -35.15 -13.54 10.66
C GLY A 973 -35.59 -12.13 11.06
N GLU A 974 -35.78 -11.91 12.35
CA GLU A 974 -36.17 -10.61 12.91
C GLU A 974 -34.99 -9.63 12.87
N LYS A 975 -35.28 -8.41 12.41
CA LYS A 975 -34.32 -7.30 12.41
C LYS A 975 -34.11 -6.78 13.83
N VAL A 976 -32.91 -6.25 14.09
CA VAL A 976 -32.60 -5.60 15.37
C VAL A 976 -33.39 -4.29 15.53
N ILE A 977 -33.73 -3.95 16.77
CA ILE A 977 -34.78 -2.99 17.13
C ILE A 977 -34.75 -1.60 16.45
N GLY A 978 -33.58 -1.18 15.98
CA GLY A 978 -33.44 0.10 15.28
C GLY A 978 -33.77 0.06 13.79
N TYR A 979 -34.68 -0.83 13.42
CA TYR A 979 -35.08 -1.08 12.03
C TYR A 979 -35.85 0.09 11.43
N ASP A 980 -35.29 0.70 10.38
CA ASP A 980 -35.92 1.78 9.63
C ASP A 980 -35.70 1.60 8.13
N GLU A 981 -36.80 1.76 7.37
CA GLU A 981 -36.80 1.55 5.93
C GLU A 981 -36.68 2.86 5.14
N ASN A 982 -37.20 3.95 5.71
CA ASN A 982 -37.19 5.28 5.09
C ASN A 982 -35.76 5.84 4.90
N VAL A 983 -34.90 5.56 5.87
CA VAL A 983 -33.49 5.99 5.85
C VAL A 983 -32.68 5.27 4.76
N PRO A 984 -31.55 5.87 4.31
CA PRO A 984 -30.65 5.09 3.45
C PRO A 984 -29.83 4.10 4.28
N HIS A 985 -29.87 2.83 3.88
CA HIS A 985 -29.13 1.77 4.57
C HIS A 985 -27.63 1.85 4.30
N ALA A 986 -26.85 1.23 5.17
CA ALA A 986 -25.40 1.15 5.02
C ALA A 986 -24.99 0.13 3.97
N GLU A 987 -23.80 0.33 3.42
CA GLU A 987 -23.23 -0.57 2.43
C GLU A 987 -22.75 -1.86 3.10
N GLY A 988 -23.45 -2.94 2.80
CA GLY A 988 -23.07 -4.28 3.23
C GLY A 988 -22.26 -4.98 2.17
N PHE A 989 -22.46 -6.29 2.04
CA PHE A 989 -21.73 -7.10 1.08
C PHE A 989 -22.59 -8.14 0.39
N GLN A 990 -22.35 -8.34 -0.90
CA GLN A 990 -22.96 -9.40 -1.67
C GLN A 990 -21.93 -9.85 -2.69
N SER A 991 -21.17 -10.87 -2.30
CA SER A 991 -20.06 -11.35 -3.09
C SER A 991 -20.48 -12.35 -4.18
N GLY A 992 -19.52 -13.18 -4.59
CA GLY A 992 -19.71 -14.12 -5.67
C GLY A 992 -18.45 -14.23 -6.47
N ILE A 993 -18.20 -15.40 -7.05
CA ILE A 993 -17.03 -15.60 -7.90
C ILE A 993 -17.42 -15.57 -9.37
N LEU A 994 -16.54 -14.97 -10.16
CA LEU A 994 -16.61 -15.03 -11.61
C LEU A 994 -15.44 -15.85 -12.10
N LEU A 995 -15.73 -16.83 -12.95
CA LEU A 995 -14.71 -17.54 -13.68
C LEU A 995 -14.54 -16.82 -15.01
N ILE A 996 -13.33 -16.33 -15.27
CA ILE A 996 -13.02 -15.61 -16.51
C ILE A 996 -11.97 -16.38 -17.31
N ASN A 997 -12.30 -16.72 -18.55
CA ASN A 997 -11.33 -17.26 -19.48
C ASN A 997 -10.62 -16.10 -20.18
N PRO A 998 -9.32 -15.89 -19.89
CA PRO A 998 -8.58 -14.69 -20.32
C PRO A 998 -8.33 -14.59 -21.82
N LYS A 999 -8.50 -15.69 -22.55
CA LYS A 999 -8.45 -15.70 -24.01
C LYS A 999 -9.48 -14.73 -24.60
N SER A 1000 -10.70 -14.77 -24.07
CA SER A 1000 -11.80 -13.90 -24.50
C SER A 1000 -12.10 -12.79 -23.50
N TRP A 1001 -11.71 -13.01 -22.24
CA TRP A 1001 -12.01 -12.15 -21.09
C TRP A 1001 -13.49 -11.89 -20.82
N LYS A 1002 -14.34 -12.78 -21.30
CA LYS A 1002 -15.75 -12.80 -20.95
C LYS A 1002 -15.89 -13.62 -19.68
N VAL A 1003 -16.78 -13.19 -18.80
CA VAL A 1003 -17.10 -13.95 -17.60
C VAL A 1003 -17.89 -15.19 -18.01
N ILE A 1004 -17.30 -16.35 -17.70
CA ILE A 1004 -17.84 -17.63 -18.13
C ILE A 1004 -18.89 -18.14 -17.13
N ASP A 1005 -18.48 -18.28 -15.88
CA ASP A 1005 -19.34 -18.84 -14.84
C ASP A 1005 -19.40 -17.96 -13.60
N LYS A 1006 -20.60 -17.44 -13.32
CA LYS A 1006 -20.85 -16.65 -12.12
C LYS A 1006 -21.45 -17.55 -11.05
N ILE A 1007 -20.72 -17.70 -9.95
CA ILE A 1007 -21.22 -18.41 -8.77
C ILE A 1007 -21.40 -17.40 -7.64
N ASP A 1008 -22.64 -16.93 -7.50
CA ASP A 1008 -23.02 -15.94 -6.50
C ASP A 1008 -23.13 -16.52 -5.09
N PHE A 1009 -22.90 -15.68 -4.09
CA PHE A 1009 -23.07 -16.04 -2.69
C PHE A 1009 -24.24 -15.30 -2.06
N PRO A 1010 -24.77 -15.80 -0.91
CA PRO A 1010 -25.85 -15.10 -0.19
C PRO A 1010 -25.49 -13.68 0.26
N LYS A 1011 -26.52 -12.93 0.69
CA LYS A 1011 -26.36 -11.57 1.19
C LYS A 1011 -25.51 -11.55 2.47
N ASN A 1012 -24.85 -10.41 2.71
CA ASN A 1012 -23.90 -10.20 3.82
C ASN A 1012 -22.55 -10.91 3.65
N SER A 1013 -22.50 -11.89 2.74
CA SER A 1013 -21.28 -12.64 2.45
C SER A 1013 -20.29 -11.85 1.60
N VAL A 1014 -19.01 -11.97 1.96
CA VAL A 1014 -17.90 -11.42 1.18
C VAL A 1014 -16.74 -12.41 1.19
N VAL A 1015 -16.24 -12.72 0.00
CA VAL A 1015 -15.07 -13.59 -0.15
C VAL A 1015 -13.87 -12.75 0.25
N ASN A 1016 -13.47 -12.88 1.51
CA ASN A 1016 -12.38 -12.10 2.07
C ASN A 1016 -11.05 -12.46 1.44
N GLU A 1017 -10.79 -13.76 1.30
CA GLU A 1017 -9.68 -14.27 0.50
C GLU A 1017 -10.05 -15.52 -0.29
N MET A 1018 -9.50 -15.61 -1.50
CA MET A 1018 -9.73 -16.74 -2.40
C MET A 1018 -8.42 -17.12 -3.08
N ARG A 1019 -8.04 -18.38 -2.95
CA ARG A 1019 -6.81 -18.89 -3.54
C ARG A 1019 -7.01 -20.20 -4.27
N SER A 1020 -6.37 -20.30 -5.43
CA SER A 1020 -6.20 -21.57 -6.13
C SER A 1020 -5.06 -22.30 -5.46
N SER A 1021 -5.24 -23.61 -5.28
CA SER A 1021 -4.31 -24.42 -4.52
C SER A 1021 -3.72 -25.56 -5.33
N MET A 1022 -2.84 -26.32 -4.70
CA MET A 1022 -2.44 -27.64 -5.20
C MET A 1022 -2.69 -28.64 -4.07
N ILE A 1023 -3.96 -28.75 -3.65
CA ILE A 1023 -4.34 -29.63 -2.55
C ILE A 1023 -4.32 -31.10 -2.96
N GLN A 1024 -3.88 -31.94 -2.03
CA GLN A 1024 -3.82 -33.39 -2.25
C GLN A 1024 -5.20 -34.01 -2.19
N ILE A 1025 -5.50 -34.83 -3.19
CA ILE A 1025 -6.76 -35.58 -3.26
C ILE A 1025 -6.61 -36.87 -2.45
N ASN A 1026 -5.51 -37.58 -2.69
CA ASN A 1026 -5.10 -38.72 -1.87
C ASN A 1026 -3.75 -38.43 -1.24
N SER A 1027 -3.65 -38.63 0.07
CA SER A 1027 -2.44 -38.35 0.85
C SER A 1027 -1.26 -39.27 0.47
N LYS A 1028 -1.57 -40.52 0.15
CA LYS A 1028 -0.57 -41.51 -0.22
C LYS A 1028 -0.12 -41.35 -1.67
N THR A 1029 -1.10 -41.18 -2.57
CA THR A 1029 -0.85 -41.03 -4.02
C THR A 1029 -0.19 -39.69 -4.37
N LYS A 1030 -0.51 -38.66 -3.58
CA LYS A 1030 -0.03 -37.28 -3.75
C LYS A 1030 -0.48 -36.67 -5.09
N ARG A 1031 -1.73 -36.93 -5.46
CA ARG A 1031 -2.33 -36.39 -6.68
C ARG A 1031 -2.87 -35.00 -6.41
N LYS A 1032 -1.99 -34.01 -6.53
CA LYS A 1032 -2.35 -32.62 -6.28
C LYS A 1032 -3.14 -32.04 -7.46
N ARG A 1033 -4.47 -32.14 -7.36
CA ARG A 1033 -5.37 -31.49 -8.32
C ARG A 1033 -5.60 -30.06 -7.87
N GLU A 1034 -5.55 -29.14 -8.84
CA GLU A 1034 -5.67 -27.71 -8.57
C GLU A 1034 -7.13 -27.32 -8.31
N TYR A 1035 -7.42 -27.04 -7.05
CA TYR A 1035 -8.74 -26.59 -6.61
C TYR A 1035 -8.60 -25.15 -6.16
N ILE A 1036 -9.62 -24.35 -6.43
CA ILE A 1036 -9.70 -23.03 -5.81
C ILE A 1036 -10.52 -23.16 -4.54
N ILE A 1037 -10.12 -22.43 -3.50
CA ILE A 1037 -10.95 -22.34 -2.29
C ILE A 1037 -11.25 -20.88 -2.03
N ALA A 1038 -12.55 -20.57 -2.03
CA ALA A 1038 -13.01 -19.24 -1.72
C ALA A 1038 -13.41 -19.21 -0.25
N GLY A 1039 -12.73 -18.37 0.51
CA GLY A 1039 -13.08 -18.11 1.90
C GLY A 1039 -14.08 -16.99 1.99
N VAL A 1040 -15.36 -17.34 1.97
CA VAL A 1040 -16.42 -16.35 2.12
C VAL A 1040 -16.75 -16.19 3.60
N ALA A 1041 -17.06 -14.96 3.98
CA ALA A 1041 -17.40 -14.63 5.34
C ALA A 1041 -18.58 -13.69 5.36
N ASN A 1042 -19.62 -14.10 6.07
CA ASN A 1042 -20.81 -13.27 6.22
C ASN A 1042 -20.48 -12.09 7.14
N ALA A 1043 -19.96 -11.03 6.50
CA ALA A 1043 -19.60 -9.80 7.16
C ALA A 1043 -20.84 -9.13 7.73
N THR A 1044 -20.93 -9.14 9.05
CA THR A 1044 -22.09 -8.65 9.77
C THR A 1044 -21.67 -7.72 10.91
N THR A 1045 -22.59 -7.43 11.82
CA THR A 1045 -22.32 -6.62 13.01
C THR A 1045 -21.42 -7.36 13.99
N GLU A 1046 -20.83 -6.63 14.93
CA GLU A 1046 -19.96 -7.19 15.95
C GLU A 1046 -20.70 -8.19 16.86
N ASP A 1047 -21.92 -7.85 17.24
CA ASP A 1047 -22.69 -8.63 18.22
C ASP A 1047 -23.47 -9.81 17.62
N THR A 1048 -23.62 -9.82 16.30
CA THR A 1048 -24.17 -10.97 15.58
C THR A 1048 -23.12 -12.09 15.49
N PRO A 1049 -23.54 -13.36 15.65
CA PRO A 1049 -22.60 -14.50 15.56
C PRO A 1049 -21.89 -14.57 14.22
N PRO A 1050 -20.55 -14.72 14.22
CA PRO A 1050 -19.76 -14.72 12.98
C PRO A 1050 -20.03 -15.96 12.13
N THR A 1051 -20.58 -15.72 10.94
CA THR A 1051 -20.86 -16.77 9.97
C THR A 1051 -19.86 -16.66 8.83
N GLY A 1052 -19.41 -17.81 8.34
CA GLY A 1052 -18.51 -17.88 7.20
C GLY A 1052 -18.63 -19.22 6.52
N ALA A 1053 -18.20 -19.26 5.26
CA ALA A 1053 -18.20 -20.52 4.50
C ALA A 1053 -17.00 -20.59 3.58
N PHE A 1054 -16.31 -21.73 3.63
CA PHE A 1054 -15.26 -22.00 2.66
C PHE A 1054 -15.86 -22.82 1.51
N HIS A 1055 -15.74 -22.27 0.31
CA HIS A 1055 -16.28 -22.88 -0.89
C HIS A 1055 -15.14 -23.35 -1.78
N ILE A 1056 -15.02 -24.66 -1.93
CA ILE A 1056 -13.97 -25.26 -2.76
C ILE A 1056 -14.54 -25.58 -4.14
N TYR A 1057 -13.82 -25.17 -5.18
CA TYR A 1057 -14.26 -25.37 -6.56
C TYR A 1057 -13.23 -26.05 -7.45
N ASP A 1058 -13.69 -27.08 -8.14
CA ASP A 1058 -12.93 -27.75 -9.18
C ASP A 1058 -13.43 -27.25 -10.54
N VAL A 1059 -12.51 -26.75 -11.35
CA VAL A 1059 -12.84 -26.26 -12.69
C VAL A 1059 -12.80 -27.44 -13.67
N ILE A 1060 -13.96 -27.74 -14.24
CA ILE A 1060 -14.14 -28.91 -15.12
C ILE A 1060 -14.35 -28.47 -16.57
N GLU A 1061 -13.73 -29.20 -17.50
CA GLU A 1061 -13.97 -29.06 -18.93
C GLU A 1061 -15.39 -29.52 -19.27
N VAL A 1062 -16.29 -28.56 -19.41
CA VAL A 1062 -17.69 -28.81 -19.75
C VAL A 1062 -17.87 -28.56 -21.26
N VAL A 1063 -18.86 -29.22 -21.86
CA VAL A 1063 -19.24 -28.98 -23.26
C VAL A 1063 -19.68 -27.52 -23.48
N PRO A 1064 -19.06 -26.82 -24.46
CA PRO A 1064 -19.31 -25.38 -24.63
C PRO A 1064 -20.69 -25.09 -25.24
N GLU A 1065 -21.18 -23.87 -25.00
CA GLU A 1065 -22.43 -23.39 -25.57
C GLU A 1065 -22.34 -23.28 -27.09
N PRO A 1066 -23.37 -23.74 -27.83
CA PRO A 1066 -23.36 -23.83 -29.31
C PRO A 1066 -22.88 -22.57 -30.05
N GLY A 1067 -23.21 -21.39 -29.51
CA GLY A 1067 -22.82 -20.12 -30.10
C GLY A 1067 -21.37 -19.76 -29.81
N LYS A 1068 -21.14 -19.11 -28.67
CA LYS A 1068 -19.81 -18.62 -28.28
C LYS A 1068 -18.88 -19.75 -27.78
N PRO A 1069 -17.59 -19.68 -28.17
CA PRO A 1069 -16.60 -20.60 -27.60
C PRO A 1069 -16.02 -20.10 -26.27
N ASP A 1070 -14.96 -20.75 -25.79
CA ASP A 1070 -14.23 -20.40 -24.55
C ASP A 1070 -15.02 -20.57 -23.25
N THR A 1071 -16.33 -20.79 -23.37
CA THR A 1071 -17.22 -21.06 -22.24
C THR A 1071 -17.24 -22.55 -21.85
N ASN A 1072 -16.14 -23.23 -22.15
CA ASN A 1072 -15.99 -24.68 -21.94
C ASN A 1072 -15.55 -25.08 -20.53
N TYR A 1073 -15.69 -24.16 -19.58
CA TYR A 1073 -15.36 -24.39 -18.17
C TYR A 1073 -16.45 -23.88 -17.26
N LYS A 1074 -16.73 -24.63 -16.18
CA LYS A 1074 -17.69 -24.21 -15.17
C LYS A 1074 -17.19 -24.57 -13.79
N LEU A 1075 -17.44 -23.68 -12.82
CA LEU A 1075 -17.11 -23.92 -11.43
C LEU A 1075 -18.04 -24.95 -10.82
N LYS A 1076 -17.44 -26.01 -10.27
CA LYS A 1076 -18.19 -27.08 -9.64
C LYS A 1076 -18.01 -27.04 -8.13
N GLU A 1077 -19.11 -26.80 -7.44
CA GLU A 1077 -19.17 -26.78 -5.97
C GLU A 1077 -18.98 -28.20 -5.46
N ILE A 1078 -17.71 -28.60 -5.30
CA ILE A 1078 -17.38 -29.95 -4.82
C ILE A 1078 -17.66 -30.11 -3.32
N PHE A 1079 -17.43 -29.02 -2.57
CA PHE A 1079 -17.66 -28.98 -1.13
C PHE A 1079 -17.77 -27.53 -0.66
N GLN A 1080 -18.82 -27.29 0.13
CA GLN A 1080 -19.00 -26.04 0.87
C GLN A 1080 -19.52 -26.35 2.26
N GLU A 1081 -19.12 -25.53 3.23
CA GLU A 1081 -19.53 -25.72 4.62
C GLU A 1081 -19.66 -24.38 5.34
N GLU A 1082 -20.91 -23.99 5.60
CA GLU A 1082 -21.21 -22.79 6.36
C GLU A 1082 -20.83 -22.99 7.83
N VAL A 1083 -19.58 -22.65 8.13
CA VAL A 1083 -18.93 -22.93 9.42
C VAL A 1083 -18.98 -21.75 10.40
N SER A 1084 -18.89 -22.09 11.70
CA SER A 1084 -18.86 -21.11 12.78
C SER A 1084 -17.56 -20.31 12.73
N GLY A 1085 -17.70 -18.99 12.60
CA GLY A 1085 -16.56 -18.09 12.46
C GLY A 1085 -16.38 -17.63 11.03
N THR A 1086 -15.78 -16.44 10.88
CA THR A 1086 -15.57 -15.83 9.56
C THR A 1086 -14.39 -16.46 8.86
N VAL A 1087 -14.64 -17.04 7.69
CA VAL A 1087 -13.57 -17.56 6.85
C VAL A 1087 -12.94 -16.35 6.16
N SER A 1088 -11.85 -15.88 6.74
CA SER A 1088 -11.22 -14.63 6.36
C SER A 1088 -10.02 -14.79 5.45
N THR A 1089 -9.43 -15.98 5.46
CA THR A 1089 -8.32 -16.34 4.60
C THR A 1089 -8.32 -17.83 4.26
N VAL A 1090 -7.70 -18.15 3.13
CA VAL A 1090 -7.40 -19.53 2.78
C VAL A 1090 -5.95 -19.56 2.33
N CYS A 1091 -5.22 -20.59 2.75
CA CYS A 1091 -3.95 -20.93 2.11
C CYS A 1091 -3.68 -22.42 2.08
N GLU A 1092 -3.14 -22.85 0.94
CA GLU A 1092 -2.77 -24.24 0.70
C GLU A 1092 -1.43 -24.59 1.35
N VAL A 1093 -1.51 -25.06 2.59
CA VAL A 1093 -0.32 -25.52 3.31
C VAL A 1093 0.00 -26.98 2.95
N SER A 1094 0.90 -27.12 1.98
CA SER A 1094 1.41 -28.41 1.48
C SER A 1094 0.34 -29.49 1.27
N GLY A 1095 -0.44 -29.31 0.20
CA GLY A 1095 -1.47 -30.27 -0.20
C GLY A 1095 -2.71 -30.31 0.68
N ARG A 1096 -2.68 -29.52 1.74
CA ARG A 1096 -3.82 -29.34 2.64
C ARG A 1096 -4.10 -27.86 2.64
N PHE A 1097 -5.35 -27.47 2.82
CA PHE A 1097 -5.66 -26.04 2.90
C PHE A 1097 -6.20 -25.66 4.27
N MET A 1098 -5.61 -24.61 4.83
CA MET A 1098 -6.10 -24.02 6.06
C MET A 1098 -7.07 -22.89 5.73
N ILE A 1099 -8.15 -22.84 6.48
CA ILE A 1099 -9.03 -21.68 6.48
C ILE A 1099 -9.09 -21.10 7.88
N SER A 1100 -9.28 -19.79 7.95
CA SER A 1100 -9.47 -19.11 9.22
C SER A 1100 -10.93 -19.21 9.67
N GLN A 1101 -11.14 -18.96 10.96
CA GLN A 1101 -12.46 -18.87 11.58
C GLN A 1101 -12.41 -17.67 12.54
N SER A 1102 -13.35 -17.62 13.47
CA SER A 1102 -13.29 -16.66 14.57
C SER A 1102 -12.22 -17.13 15.57
N GLN A 1103 -11.04 -16.53 15.45
CA GLN A 1103 -9.86 -16.83 16.30
C GLN A 1103 -9.28 -18.24 16.13
N LYS A 1104 -9.86 -19.01 15.21
CA LYS A 1104 -9.43 -20.39 14.91
C LYS A 1104 -8.93 -20.52 13.49
N VAL A 1105 -7.98 -21.45 13.30
CA VAL A 1105 -7.51 -21.82 11.98
C VAL A 1105 -7.55 -23.34 11.89
N LEU A 1106 -8.35 -23.85 10.95
CA LEU A 1106 -8.49 -25.28 10.75
C LEU A 1106 -7.92 -25.66 9.40
N VAL A 1107 -6.89 -26.50 9.44
CA VAL A 1107 -6.36 -27.11 8.23
C VAL A 1107 -7.34 -28.22 7.83
N ARG A 1108 -7.89 -28.09 6.62
CA ARG A 1108 -8.80 -29.09 6.07
C ARG A 1108 -8.04 -29.93 5.06
N ASP A 1109 -8.37 -31.23 5.03
CA ASP A 1109 -7.80 -32.17 4.06
C ASP A 1109 -8.92 -32.71 3.18
N ILE A 1110 -8.67 -32.70 1.87
CA ILE A 1110 -9.64 -33.19 0.89
C ILE A 1110 -9.35 -34.65 0.56
N GLN A 1111 -10.36 -35.50 0.76
CA GLN A 1111 -10.30 -36.92 0.41
C GLN A 1111 -10.78 -37.13 -1.03
N GLU A 1112 -10.57 -38.34 -1.55
CA GLU A 1112 -10.97 -38.70 -2.93
C GLU A 1112 -12.48 -38.71 -3.14
N ASP A 1113 -13.23 -38.93 -2.06
CA ASP A 1113 -14.69 -38.88 -2.07
C ASP A 1113 -15.25 -37.45 -2.04
N ASN A 1114 -14.33 -36.47 -2.08
CA ASN A 1114 -14.61 -35.03 -1.89
C ASN A 1114 -15.23 -34.68 -0.53
N SER A 1115 -15.10 -35.61 0.43
CA SER A 1115 -15.47 -35.38 1.81
C SER A 1115 -14.31 -34.68 2.51
N VAL A 1116 -14.54 -33.42 2.86
CA VAL A 1116 -13.48 -32.56 3.41
C VAL A 1116 -13.55 -32.54 4.93
N ILE A 1117 -12.48 -33.02 5.55
CA ILE A 1117 -12.36 -33.08 7.02
C ILE A 1117 -11.26 -32.16 7.53
N PRO A 1118 -11.55 -31.38 8.60
CA PRO A 1118 -10.49 -30.67 9.29
C PRO A 1118 -9.54 -31.67 9.96
N VAL A 1119 -8.24 -31.44 9.80
CA VAL A 1119 -7.23 -32.37 10.30
C VAL A 1119 -6.33 -31.76 11.38
N ALA A 1120 -5.95 -30.51 11.19
CA ALA A 1120 -5.13 -29.79 12.15
C ALA A 1120 -5.78 -28.48 12.55
N PHE A 1121 -5.50 -28.03 13.77
CA PHE A 1121 -6.18 -26.90 14.36
C PHE A 1121 -5.21 -25.98 15.10
N LEU A 1122 -5.44 -24.68 15.00
CA LEU A 1122 -4.61 -23.69 15.66
C LEU A 1122 -5.43 -22.48 16.10
N ASP A 1123 -5.31 -22.13 17.38
CA ASP A 1123 -5.91 -20.92 17.91
C ASP A 1123 -5.01 -19.73 17.60
N ILE A 1124 -5.53 -18.80 16.80
CA ILE A 1124 -4.81 -17.57 16.48
C ILE A 1124 -5.30 -16.39 17.33
N PRO A 1125 -4.43 -15.40 17.56
CA PRO A 1125 -4.91 -14.14 18.14
C PRO A 1125 -5.79 -13.36 17.18
N VAL A 1126 -6.96 -12.97 17.68
CA VAL A 1126 -7.95 -12.09 17.02
C VAL A 1126 -7.82 -11.86 15.51
N PHE A 1127 -8.61 -12.62 14.75
CA PHE A 1127 -8.81 -12.46 13.29
C PHE A 1127 -7.57 -12.58 12.40
N VAL A 1128 -7.70 -13.38 11.34
CA VAL A 1128 -6.64 -13.49 10.35
C VAL A 1128 -6.94 -12.58 9.17
N THR A 1129 -6.01 -11.68 8.88
CA THR A 1129 -6.12 -10.82 7.71
C THR A 1129 -5.63 -11.56 6.47
N ASP A 1130 -4.44 -12.16 6.61
CA ASP A 1130 -3.74 -12.75 5.50
C ASP A 1130 -2.94 -13.95 5.96
N SER A 1131 -3.02 -15.03 5.19
CA SER A 1131 -2.21 -16.22 5.42
C SER A 1131 -1.49 -16.63 4.16
N LYS A 1132 -0.21 -16.93 4.30
CA LYS A 1132 0.55 -17.54 3.22
C LYS A 1132 1.32 -18.77 3.66
N SER A 1133 1.49 -19.69 2.72
CA SER A 1133 2.17 -20.94 2.98
C SER A 1133 3.40 -21.10 2.12
N PHE A 1134 4.47 -21.59 2.75
CA PHE A 1134 5.70 -21.93 2.06
C PHE A 1134 5.98 -23.39 2.32
N GLY A 1135 5.37 -24.24 1.49
CA GLY A 1135 5.37 -25.66 1.69
C GLY A 1135 4.52 -25.98 2.91
N ASN A 1136 5.15 -26.57 3.92
CA ASN A 1136 4.46 -26.93 5.16
C ASN A 1136 4.62 -25.89 6.27
N LEU A 1137 5.05 -24.69 5.87
CA LEU A 1137 5.09 -23.54 6.77
C LEU A 1137 3.94 -22.59 6.48
N LEU A 1138 3.61 -21.73 7.44
CA LEU A 1138 2.51 -20.79 7.34
C LEU A 1138 2.83 -19.50 8.06
N ILE A 1139 2.31 -18.40 7.52
CA ILE A 1139 2.33 -17.14 8.26
C ILE A 1139 0.93 -16.59 8.37
N ILE A 1140 0.33 -16.83 9.53
CA ILE A 1140 -1.08 -16.58 9.76
C ILE A 1140 -1.23 -15.24 10.48
N GLY A 1141 -1.57 -14.22 9.70
CA GLY A 1141 -1.52 -12.83 10.13
C GLY A 1141 -2.64 -12.32 11.01
N ASP A 1142 -2.29 -12.05 12.26
CA ASP A 1142 -3.23 -11.58 13.28
C ASP A 1142 -3.56 -10.10 13.06
N ALA A 1143 -4.86 -9.80 13.09
CA ALA A 1143 -5.41 -8.47 12.73
C ALA A 1143 -4.84 -7.28 13.49
N MET A 1144 -4.24 -7.54 14.65
CA MET A 1144 -3.56 -6.52 15.46
C MET A 1144 -2.46 -7.11 16.34
N GLN A 1145 -2.42 -8.43 16.43
CA GLN A 1145 -1.44 -9.14 17.25
C GLN A 1145 -0.27 -9.68 16.42
N GLY A 1146 0.15 -8.90 15.42
CA GLY A 1146 1.25 -9.25 14.52
C GLY A 1146 0.92 -10.43 13.64
N PHE A 1147 1.76 -11.47 13.69
CA PHE A 1147 1.47 -12.74 13.02
C PHE A 1147 2.17 -13.95 13.61
N GLN A 1148 1.43 -15.06 13.63
CA GLN A 1148 1.94 -16.37 13.98
C GLN A 1148 2.68 -16.92 12.77
N PHE A 1149 3.91 -17.39 12.96
CA PHE A 1149 4.59 -18.21 11.97
C PHE A 1149 4.44 -19.66 12.39
N ILE A 1150 3.81 -20.45 11.53
CA ILE A 1150 3.30 -21.76 11.90
C ILE A 1150 3.81 -22.87 11.01
N GLY A 1151 4.48 -23.85 11.62
CA GLY A 1151 4.81 -25.09 10.94
C GLY A 1151 3.62 -26.03 10.94
N PHE A 1152 3.56 -26.90 9.94
CA PHE A 1152 2.47 -27.84 9.81
C PHE A 1152 2.93 -29.25 9.44
N ASP A 1153 2.65 -30.20 10.33
CA ASP A 1153 3.01 -31.61 10.14
C ASP A 1153 1.80 -32.41 9.61
N ALA A 1154 2.06 -33.58 9.04
CA ALA A 1154 1.00 -34.37 8.38
C ALA A 1154 0.52 -35.65 9.10
N GLU A 1155 1.31 -36.72 9.07
CA GLU A 1155 0.89 -38.04 9.61
C GLU A 1155 0.33 -37.99 11.05
N PRO A 1156 0.98 -37.20 11.95
CA PRO A 1156 0.20 -36.65 13.04
C PRO A 1156 -0.02 -35.15 12.83
N TYR A 1157 -1.24 -34.79 12.40
CA TYR A 1157 -1.59 -33.42 12.04
C TYR A 1157 -1.42 -32.42 13.18
N ARG A 1158 -0.23 -31.83 13.21
CA ARG A 1158 0.16 -30.88 14.23
C ARG A 1158 0.48 -29.55 13.56
N MET A 1159 -0.32 -28.54 13.90
CA MET A 1159 -0.01 -27.16 13.51
C MET A 1159 0.87 -26.55 14.58
N ILE A 1160 2.16 -26.82 14.46
CA ILE A 1160 3.14 -26.39 15.44
C ILE A 1160 3.46 -24.90 15.32
N SER A 1161 3.20 -24.18 16.42
CA SER A 1161 3.49 -22.76 16.51
C SER A 1161 4.99 -22.58 16.62
N LEU A 1162 5.56 -21.87 15.65
CA LEU A 1162 7.01 -21.74 15.54
C LEU A 1162 7.54 -20.39 16.00
N GLY A 1163 6.81 -19.32 15.71
CA GLY A 1163 7.24 -17.98 16.08
C GLY A 1163 6.21 -16.89 15.93
N ARG A 1164 5.87 -16.26 17.05
CA ARG A 1164 5.07 -15.04 17.04
C ARG A 1164 5.97 -13.88 16.66
N SER A 1165 5.43 -12.94 15.90
CA SER A 1165 6.13 -11.70 15.58
C SER A 1165 6.19 -10.83 16.83
N MET A 1166 7.41 -10.55 17.30
CA MET A 1166 7.64 -9.86 18.57
C MET A 1166 6.96 -8.50 18.61
N SER A 1167 7.22 -7.68 17.59
CA SER A 1167 6.48 -6.46 17.36
C SER A 1167 5.08 -6.87 16.93
N LYS A 1168 4.09 -6.55 17.76
CA LYS A 1168 2.70 -6.76 17.38
C LYS A 1168 2.18 -5.53 16.65
N PHE A 1169 1.52 -5.77 15.53
CA PHE A 1169 1.03 -4.72 14.65
C PHE A 1169 -0.22 -5.18 13.91
N GLN A 1170 -1.04 -4.21 13.50
CA GLN A 1170 -2.17 -4.46 12.62
C GLN A 1170 -1.62 -4.93 11.30
N THR A 1171 -1.56 -6.24 11.11
CA THR A 1171 -0.99 -6.79 9.89
C THR A 1171 -1.95 -6.68 8.71
N MET A 1172 -1.39 -6.44 7.54
CA MET A 1172 -2.14 -6.03 6.37
C MET A 1172 -2.14 -7.14 5.33
N SER A 1173 -0.93 -7.56 4.94
CA SER A 1173 -0.75 -8.71 4.06
C SER A 1173 0.59 -9.37 4.31
N LEU A 1174 0.53 -10.61 4.77
CA LEU A 1174 1.70 -11.45 4.94
C LEU A 1174 2.17 -11.99 3.62
N GLU A 1175 3.48 -12.24 3.53
CA GLU A 1175 4.08 -13.07 2.50
C GLU A 1175 5.56 -13.30 2.75
N PHE A 1176 5.98 -14.53 2.45
CA PHE A 1176 7.38 -14.96 2.58
C PHE A 1176 8.30 -14.27 1.60
N LEU A 1177 9.56 -14.15 2.01
CA LEU A 1177 10.68 -13.86 1.09
C LEU A 1177 11.90 -14.57 1.65
N VAL A 1178 12.49 -15.42 0.83
CA VAL A 1178 13.36 -16.47 1.36
C VAL A 1178 14.87 -16.25 1.19
N ASN A 1179 15.28 -15.78 0.00
CA ASN A 1179 16.70 -15.53 -0.36
C ASN A 1179 17.75 -16.60 0.01
N GLY A 1180 17.28 -17.81 0.28
CA GLY A 1180 18.15 -18.91 0.72
C GLY A 1180 18.54 -18.81 2.18
N GLY A 1181 18.90 -19.97 2.75
CA GLY A 1181 19.25 -20.08 4.16
C GLY A 1181 18.03 -19.85 5.04
N ASP A 1182 18.19 -18.97 6.04
CA ASP A 1182 17.08 -18.57 6.91
C ASP A 1182 16.01 -17.81 6.13
N MET A 1183 14.76 -18.05 6.49
CA MET A 1183 13.63 -17.42 5.82
C MET A 1183 13.14 -16.17 6.54
N TYR A 1184 12.57 -15.27 5.76
CA TYR A 1184 12.11 -13.96 6.23
C TYR A 1184 10.66 -13.80 5.81
N PHE A 1185 9.89 -13.06 6.61
CA PHE A 1185 8.49 -12.78 6.28
C PHE A 1185 8.27 -11.29 6.16
N ALA A 1186 7.70 -10.88 5.04
CA ALA A 1186 7.22 -9.52 4.90
C ALA A 1186 5.76 -9.47 5.28
N ALA A 1187 5.48 -8.71 6.30
CA ALA A 1187 4.12 -8.44 6.73
C ALA A 1187 3.94 -6.94 6.74
N THR A 1188 3.01 -6.46 5.93
CA THR A 1188 2.69 -5.05 5.88
C THR A 1188 1.70 -4.64 6.97
N ASP A 1189 1.53 -3.34 7.14
CA ASP A 1189 0.71 -2.78 8.21
C ASP A 1189 -0.45 -1.96 7.71
N ALA A 1190 -1.36 -1.66 8.64
CA ALA A 1190 -2.35 -0.61 8.46
C ALA A 1190 -1.64 0.75 8.38
N ASP A 1191 -0.49 0.84 9.04
CA ASP A 1191 0.33 2.05 9.07
C ASP A 1191 1.27 2.16 7.86
N ARG A 1192 0.87 1.54 6.75
CA ARG A 1192 1.62 1.51 5.47
C ARG A 1192 3.10 1.19 5.72
N ASN A 1193 3.36 0.01 6.26
CA ASN A 1193 4.69 -0.33 6.75
C ASN A 1193 4.99 -1.80 6.58
N VAL A 1194 5.93 -2.11 5.69
CA VAL A 1194 6.42 -3.48 5.54
C VAL A 1194 7.31 -3.82 6.72
N HIS A 1195 6.98 -4.91 7.39
CA HIS A 1195 7.84 -5.46 8.41
C HIS A 1195 8.40 -6.78 7.90
N VAL A 1196 9.72 -6.79 7.66
CA VAL A 1196 10.41 -8.03 7.38
C VAL A 1196 10.93 -8.59 8.70
N LEU A 1197 10.42 -9.77 9.04
CA LEU A 1197 10.81 -10.50 10.22
C LEU A 1197 11.37 -11.83 9.79
N LYS A 1198 12.55 -12.19 10.29
CA LYS A 1198 13.12 -13.50 10.02
C LYS A 1198 12.98 -14.46 11.18
N TYR A 1199 12.70 -15.71 10.85
CA TYR A 1199 12.65 -16.79 11.82
C TYR A 1199 14.08 -17.25 12.07
N ALA A 1200 14.62 -16.86 13.22
CA ALA A 1200 15.99 -17.17 13.57
C ALA A 1200 16.10 -17.89 14.91
N PRO A 1201 15.83 -19.22 14.92
CA PRO A 1201 15.92 -19.96 16.18
C PRO A 1201 17.36 -20.21 16.64
N ASP A 1202 18.32 -19.92 15.76
CA ASP A 1202 19.75 -20.01 16.07
C ASP A 1202 20.19 -18.87 17.00
N GLU A 1203 19.53 -17.72 16.88
CA GLU A 1203 19.80 -16.54 17.72
C GLU A 1203 19.24 -16.72 19.14
N PRO A 1204 20.06 -16.43 20.18
CA PRO A 1204 19.64 -16.61 21.59
C PRO A 1204 18.58 -15.62 22.07
N ASN A 1205 18.59 -14.41 21.51
CA ASN A 1205 17.61 -13.36 21.84
C ASN A 1205 16.22 -13.63 21.26
N SER A 1206 16.17 -14.50 20.25
CA SER A 1206 14.94 -14.89 19.55
C SER A 1206 14.14 -15.97 20.29
N LEU A 1207 14.73 -16.52 21.36
CA LEU A 1207 14.12 -17.53 22.24
C LEU A 1207 13.57 -18.74 21.48
N SER A 1208 14.48 -19.65 21.12
CA SER A 1208 14.18 -20.90 20.37
C SER A 1208 13.38 -20.72 19.06
N GLY A 1209 13.31 -19.49 18.58
CA GLY A 1209 12.54 -19.15 17.38
C GLY A 1209 11.14 -18.65 17.64
N GLN A 1210 10.61 -18.94 18.84
CA GLN A 1210 9.26 -18.53 19.25
C GLN A 1210 8.97 -17.03 19.16
N ARG A 1211 10.05 -16.24 19.11
CA ARG A 1211 9.97 -14.81 18.97
C ARG A 1211 10.76 -14.43 17.71
N LEU A 1212 10.04 -14.02 16.68
CA LEU A 1212 10.64 -13.65 15.39
C LEU A 1212 11.37 -12.33 15.50
N VAL A 1213 12.61 -12.32 15.02
CA VAL A 1213 13.42 -11.10 15.07
C VAL A 1213 13.01 -10.14 13.95
N HIS A 1214 12.49 -8.98 14.37
CA HIS A 1214 12.06 -7.92 13.48
C HIS A 1214 13.28 -7.20 12.94
N CYS A 1215 13.79 -7.69 11.82
CA CYS A 1215 15.05 -7.19 11.26
C CYS A 1215 14.91 -5.89 10.47
N SER A 1216 13.77 -5.72 9.81
CA SER A 1216 13.56 -4.54 8.97
C SER A 1216 12.12 -4.03 8.94
N SER A 1217 11.97 -2.74 9.17
CA SER A 1217 10.72 -2.02 8.88
C SER A 1217 10.94 -1.12 7.66
N PHE A 1218 9.87 -0.85 6.94
CA PHE A 1218 9.92 -0.07 5.70
C PHE A 1218 8.58 0.58 5.41
N THR A 1219 8.51 1.90 5.64
CA THR A 1219 7.26 2.65 5.50
C THR A 1219 6.88 2.85 4.04
N LEU A 1220 5.90 2.08 3.59
CA LEU A 1220 5.30 2.21 2.24
C LEU A 1220 4.58 3.53 2.01
N HIS A 1221 4.18 3.76 0.76
CA HIS A 1221 3.40 4.93 0.40
C HIS A 1221 1.91 4.63 0.32
N SER A 1222 1.55 3.38 0.66
CA SER A 1222 0.15 2.95 0.75
C SER A 1222 -0.01 1.71 1.61
N THR A 1223 -1.25 1.44 2.01
CA THR A 1223 -1.59 0.16 2.62
C THR A 1223 -1.49 -0.92 1.55
N ASN A 1224 -0.63 -1.91 1.79
CA ASN A 1224 -0.43 -3.01 0.86
C ASN A 1224 -1.64 -3.94 0.87
N SER A 1225 -2.41 -3.85 -0.21
CA SER A 1225 -3.64 -4.57 -0.36
C SER A 1225 -3.40 -6.07 -0.44
N CYS A 1226 -2.60 -6.50 -1.41
CA CYS A 1226 -2.27 -7.90 -1.56
C CYS A 1226 -0.82 -8.10 -1.91
N MET A 1227 -0.08 -8.69 -0.98
CA MET A 1227 1.27 -9.14 -1.22
C MET A 1227 1.21 -10.58 -1.70
N MET A 1228 2.10 -10.93 -2.62
CA MET A 1228 2.03 -12.21 -3.32
C MET A 1228 3.42 -12.66 -3.77
N LEU A 1229 3.74 -13.91 -3.47
CA LEU A 1229 5.02 -14.51 -3.83
C LEU A 1229 4.99 -15.10 -5.23
N LEU A 1230 6.08 -14.85 -5.95
CA LEU A 1230 6.35 -15.46 -7.25
C LEU A 1230 7.86 -15.55 -7.43
N PRO A 1231 8.36 -16.51 -8.25
CA PRO A 1231 9.80 -16.68 -8.45
C PRO A 1231 10.46 -15.46 -9.10
N ARG A 1232 11.74 -15.26 -8.83
CA ARG A 1232 12.52 -14.18 -9.42
C ARG A 1232 13.56 -14.69 -10.40
N ASN A 1233 13.77 -13.93 -11.47
CA ASN A 1233 14.72 -14.30 -12.51
C ASN A 1233 16.12 -13.85 -12.14
N GLU A 1234 16.98 -14.82 -11.87
CA GLU A 1234 18.41 -14.56 -11.64
C GLU A 1234 19.12 -14.48 -12.99
N GLU A 1235 19.13 -13.28 -13.57
CA GLU A 1235 19.58 -13.05 -14.94
C GLU A 1235 21.07 -13.17 -15.14
N PHE A 1236 21.85 -12.51 -14.29
CA PHE A 1236 23.31 -12.57 -14.38
C PHE A 1236 23.86 -13.88 -13.80
N GLY A 1237 23.42 -14.23 -12.59
CA GLY A 1237 23.88 -15.44 -11.89
C GLY A 1237 23.19 -16.71 -12.36
N SER A 1238 23.49 -17.81 -11.66
CA SER A 1238 22.90 -19.12 -11.91
C SER A 1238 21.98 -19.54 -10.76
N PRO A 1239 20.78 -20.06 -11.08
CA PRO A 1239 19.84 -20.45 -10.02
C PRO A 1239 20.06 -21.88 -9.51
N GLN A 1240 20.74 -21.98 -8.37
CA GLN A 1240 20.97 -23.24 -7.67
C GLN A 1240 19.75 -23.57 -6.82
N VAL A 1241 19.36 -22.61 -5.98
CA VAL A 1241 18.12 -22.68 -5.20
C VAL A 1241 17.09 -21.71 -5.82
N PRO A 1242 15.85 -22.19 -6.09
CA PRO A 1242 14.81 -21.32 -6.66
C PRO A 1242 14.43 -20.17 -5.72
N SER A 1243 14.94 -18.98 -6.02
CA SER A 1243 14.69 -17.79 -5.21
C SER A 1243 13.34 -17.17 -5.53
N PHE A 1244 12.70 -16.62 -4.50
CA PHE A 1244 11.38 -16.02 -4.63
C PHE A 1244 11.39 -14.56 -4.22
N GLN A 1245 10.95 -13.70 -5.13
CA GLN A 1245 10.71 -12.29 -4.83
C GLN A 1245 9.28 -12.10 -4.32
N ASN A 1246 9.02 -10.94 -3.72
CA ASN A 1246 7.75 -10.70 -3.06
C ASN A 1246 7.00 -9.51 -3.65
N VAL A 1247 6.05 -9.81 -4.53
CA VAL A 1247 5.32 -8.78 -5.29
C VAL A 1247 4.01 -8.40 -4.61
N GLY A 1248 4.00 -7.19 -4.08
CA GLY A 1248 2.86 -6.66 -3.34
C GLY A 1248 2.16 -5.53 -4.04
N GLY A 1249 0.83 -5.58 -4.02
CA GLY A 1249 -0.01 -4.48 -4.51
C GLY A 1249 -0.07 -3.34 -3.52
N GLN A 1250 -0.66 -2.23 -3.96
CA GLN A 1250 -0.84 -1.07 -3.11
C GLN A 1250 -2.19 -0.45 -3.40
N VAL A 1251 -2.80 0.09 -2.34
CA VAL A 1251 -4.07 0.80 -2.42
C VAL A 1251 -3.96 2.07 -3.26
N ASP A 1252 -2.76 2.64 -3.32
CA ASP A 1252 -2.49 3.78 -4.20
C ASP A 1252 -2.24 3.37 -5.66
N GLY A 1253 -2.47 2.09 -5.96
CA GLY A 1253 -2.29 1.55 -7.30
C GLY A 1253 -0.84 1.30 -7.70
N SER A 1254 0.07 1.36 -6.74
CA SER A 1254 1.43 0.90 -6.95
C SER A 1254 1.45 -0.62 -6.85
N VAL A 1255 2.47 -1.22 -7.44
CA VAL A 1255 2.81 -2.61 -7.19
C VAL A 1255 4.30 -2.62 -6.89
N PHE A 1256 4.66 -3.13 -5.71
CA PHE A 1256 6.05 -3.23 -5.31
C PHE A 1256 6.57 -4.66 -5.33
N LYS A 1257 7.88 -4.79 -5.46
CA LYS A 1257 8.55 -6.06 -5.27
C LYS A 1257 9.51 -5.93 -4.09
N ILE A 1258 9.37 -6.82 -3.11
CA ILE A 1258 10.35 -6.95 -2.05
C ILE A 1258 11.22 -8.14 -2.45
N VAL A 1259 12.03 -7.90 -3.47
CA VAL A 1259 13.00 -8.89 -3.94
C VAL A 1259 14.12 -8.98 -2.90
N PRO A 1260 14.36 -10.19 -2.36
CA PRO A 1260 15.38 -10.36 -1.35
C PRO A 1260 16.75 -10.64 -1.98
N LEU A 1261 17.80 -10.47 -1.19
CA LEU A 1261 19.18 -10.51 -1.69
C LEU A 1261 20.07 -11.42 -0.85
N SER A 1262 21.18 -11.85 -1.45
CA SER A 1262 22.28 -12.49 -0.73
C SER A 1262 22.97 -11.46 0.15
N GLU A 1263 23.53 -11.92 1.27
CA GLU A 1263 24.15 -11.03 2.26
C GLU A 1263 25.40 -10.29 1.75
N GLU A 1264 26.03 -10.85 0.71
CA GLU A 1264 27.10 -10.19 -0.04
C GLU A 1264 26.50 -9.18 -1.02
N LYS A 1265 25.48 -9.64 -1.75
CA LYS A 1265 24.78 -8.87 -2.78
C LYS A 1265 24.13 -7.60 -2.22
N TYR A 1266 23.49 -7.74 -1.05
CA TYR A 1266 22.83 -6.64 -0.34
C TYR A 1266 23.84 -5.62 0.18
N ARG A 1267 24.93 -6.11 0.77
CA ARG A 1267 25.94 -5.27 1.40
C ARG A 1267 26.62 -4.33 0.39
N ARG A 1268 26.66 -4.77 -0.86
CA ARG A 1268 27.12 -3.95 -1.98
C ARG A 1268 26.15 -2.79 -2.26
N LEU A 1269 24.87 -3.11 -2.33
CA LEU A 1269 23.81 -2.13 -2.59
C LEU A 1269 23.57 -1.18 -1.41
N TYR A 1270 23.72 -1.69 -0.19
CA TYR A 1270 23.57 -0.87 1.01
C TYR A 1270 24.71 0.14 1.16
N VAL A 1271 25.87 -0.23 0.63
CA VAL A 1271 26.99 0.70 0.46
C VAL A 1271 26.61 1.78 -0.56
N ILE A 1272 25.97 1.37 -1.66
CA ILE A 1272 25.49 2.28 -2.70
C ILE A 1272 24.40 3.22 -2.15
N GLN A 1273 23.36 2.63 -1.56
CA GLN A 1273 22.23 3.38 -0.99
C GLN A 1273 22.69 4.47 -0.02
N GLN A 1274 23.55 4.09 0.93
CA GLN A 1274 24.09 5.02 1.93
C GLN A 1274 25.02 6.06 1.31
N GLN A 1275 25.63 5.71 0.17
CA GLN A 1275 26.48 6.65 -0.58
C GLN A 1275 25.69 7.51 -1.56
N ILE A 1276 24.53 7.04 -2.00
CA ILE A 1276 23.63 7.83 -2.85
C ILE A 1276 22.92 8.90 -2.04
N ILE A 1277 22.32 8.50 -0.92
CA ILE A 1277 21.58 9.41 -0.02
C ILE A 1277 22.46 10.53 0.53
N ASP A 1278 23.68 10.19 0.94
CA ASP A 1278 24.62 11.14 1.51
C ASP A 1278 25.18 12.13 0.47
N ARG A 1279 25.77 11.60 -0.61
CA ARG A 1279 26.44 12.43 -1.61
C ARG A 1279 25.48 13.14 -2.56
N GLU A 1280 24.57 12.38 -3.16
CA GLU A 1280 23.60 12.93 -4.12
C GLU A 1280 22.31 13.36 -3.43
N LEU A 1281 21.88 14.58 -3.73
CA LEU A 1281 20.69 15.19 -3.12
C LEU A 1281 19.39 14.59 -3.64
N GLN A 1282 18.39 14.53 -2.75
CA GLN A 1282 17.04 14.09 -3.11
C GLN A 1282 16.14 15.30 -3.41
N LEU A 1283 14.94 15.01 -3.92
CA LEU A 1283 14.00 16.04 -4.38
C LEU A 1283 13.48 16.99 -3.31
N GLY A 1284 12.72 16.45 -2.36
CA GLY A 1284 12.18 17.23 -1.25
C GLY A 1284 13.14 17.34 -0.08
N GLY A 1285 14.42 17.06 -0.35
CA GLY A 1285 15.47 16.99 0.67
C GLY A 1285 15.34 15.78 1.59
N LEU A 1286 14.36 14.92 1.28
CA LEU A 1286 13.96 13.80 2.12
C LEU A 1286 14.98 12.68 2.01
N ASN A 1287 15.61 12.35 3.15
CA ASN A 1287 16.49 11.20 3.23
C ASN A 1287 15.60 9.95 3.25
N PRO A 1288 15.67 9.12 2.18
CA PRO A 1288 14.79 7.96 2.03
C PRO A 1288 14.94 6.93 3.16
N ARG A 1289 16.18 6.72 3.62
CA ARG A 1289 16.47 5.82 4.74
C ARG A 1289 15.84 6.34 6.05
N MET A 1290 15.84 7.66 6.21
CA MET A 1290 15.17 8.33 7.34
C MET A 1290 13.65 8.33 7.16
N GLU A 1291 13.20 8.40 5.90
CA GLU A 1291 11.78 8.48 5.56
C GLU A 1291 11.07 7.14 5.73
N ARG A 1292 11.64 6.08 5.16
CA ARG A 1292 11.02 4.75 5.15
C ARG A 1292 11.10 4.03 6.51
N LEU A 1293 10.93 4.80 7.58
CA LEU A 1293 10.96 4.26 8.94
C LEU A 1293 9.90 4.88 9.86
N ALA A 1294 9.10 4.01 10.45
CA ALA A 1294 8.24 4.34 11.59
C ALA A 1294 8.57 3.37 12.73
N ASN A 1295 8.17 3.73 13.95
CA ASN A 1295 8.53 2.97 15.15
C ASN A 1295 7.93 1.55 15.18
N ASP A 1296 8.66 0.61 14.58
CA ASP A 1296 8.35 -0.83 14.55
C ASP A 1296 6.91 -1.16 14.15
N SER A 1303 16.97 -4.25 14.17
CA SER A 1303 18.28 -4.40 13.52
C SER A 1303 18.60 -3.20 12.62
N MET A 1304 19.89 -2.88 12.52
CA MET A 1304 20.38 -1.79 11.68
C MET A 1304 20.86 -2.30 10.31
N ARG A 1305 19.99 -3.09 9.67
CA ARG A 1305 20.20 -3.61 8.33
C ARG A 1305 18.89 -3.43 7.55
N PRO A 1306 18.62 -2.19 7.07
CA PRO A 1306 17.29 -1.83 6.55
C PRO A 1306 17.00 -2.32 5.14
N MET A 1307 15.72 -2.50 4.84
CA MET A 1307 15.26 -2.80 3.49
C MET A 1307 15.56 -1.62 2.58
N LEU A 1308 16.12 -1.92 1.41
CA LEU A 1308 16.64 -0.90 0.52
C LEU A 1308 15.58 -0.37 -0.44
N ASP A 1309 15.43 0.95 -0.47
CA ASP A 1309 14.57 1.59 -1.44
C ASP A 1309 15.31 1.60 -2.77
N PHE A 1310 14.89 0.72 -3.68
CA PHE A 1310 15.48 0.62 -5.01
C PHE A 1310 15.21 1.87 -5.84
N ASN A 1311 14.17 2.63 -5.46
CA ASN A 1311 13.91 3.96 -6.02
C ASN A 1311 15.08 4.90 -5.84
N VAL A 1312 15.86 4.69 -4.77
CA VAL A 1312 17.08 5.46 -4.55
C VAL A 1312 18.34 4.74 -5.09
N ILE A 1313 18.21 3.44 -5.37
CA ILE A 1313 19.27 2.68 -6.04
C ILE A 1313 19.29 2.99 -7.54
N ARG A 1314 18.11 3.06 -8.15
CA ARG A 1314 18.00 3.39 -9.57
C ARG A 1314 18.39 4.85 -9.87
N ARG A 1315 18.66 5.61 -8.80
CA ARG A 1315 19.28 6.94 -8.89
C ARG A 1315 20.77 6.81 -9.20
N PHE A 1316 21.39 5.73 -8.72
CA PHE A 1316 22.76 5.34 -9.08
C PHE A 1316 22.83 4.99 -10.57
N CYS A 1317 21.76 4.39 -11.09
CA CYS A 1317 21.61 4.09 -12.50
C CYS A 1317 21.43 5.35 -13.35
N GLY A 1318 20.71 6.32 -12.79
CA GLY A 1318 20.49 7.62 -13.43
C GLY A 1318 21.64 8.60 -13.22
N LEU A 1319 22.54 8.25 -12.30
CA LEU A 1319 23.70 9.07 -11.97
C LEU A 1319 24.70 9.14 -13.13
N ALA A 1320 25.48 10.23 -13.16
CA ALA A 1320 26.52 10.44 -14.16
C ALA A 1320 27.59 9.35 -14.09
N ILE A 1321 27.88 8.74 -15.25
CA ILE A 1321 28.77 7.57 -15.38
C ILE A 1321 30.17 7.75 -14.73
N ASP A 1322 30.63 9.00 -14.65
CA ASP A 1322 31.89 9.35 -13.98
C ASP A 1322 31.75 9.24 -12.46
N ARG A 1323 30.65 9.78 -11.93
CA ARG A 1323 30.34 9.75 -10.49
C ARG A 1323 29.83 8.36 -10.06
N ARG A 1324 29.22 7.66 -11.01
CA ARG A 1324 28.70 6.30 -10.83
C ARG A 1324 29.84 5.31 -10.56
N LYS A 1325 30.90 5.41 -11.36
CA LYS A 1325 32.10 4.57 -11.20
C LYS A 1325 32.92 5.03 -9.98
N SER A 1326 32.77 6.30 -9.62
CA SER A 1326 33.36 6.86 -8.40
C SER A 1326 32.70 6.28 -7.14
N ILE A 1327 31.38 6.09 -7.19
CA ILE A 1327 30.65 5.42 -6.11
C ILE A 1327 30.77 3.90 -6.28
N ALA A 1328 31.87 3.38 -5.76
CA ALA A 1328 32.18 1.96 -5.71
C ALA A 1328 33.03 1.71 -4.48
N GLN A 1329 32.37 1.28 -3.40
CA GLN A 1329 33.01 1.15 -2.09
C GLN A 1329 32.60 -0.16 -1.41
N HIS A 1334 35.85 -3.97 -10.02
CA HIS A 1334 35.75 -5.13 -9.11
C HIS A 1334 34.41 -5.14 -8.36
N ALA A 1335 33.91 -3.96 -8.02
CA ALA A 1335 32.68 -3.80 -7.22
C ALA A 1335 31.61 -3.00 -7.96
N HIS A 1336 32.03 -2.09 -8.85
CA HIS A 1336 31.12 -1.30 -9.70
C HIS A 1336 30.36 -2.19 -10.69
N PHE A 1337 31.10 -3.08 -11.35
CA PHE A 1337 30.55 -4.11 -12.23
C PHE A 1337 29.70 -5.09 -11.43
N GLU A 1338 30.21 -5.49 -10.26
CA GLU A 1338 29.55 -6.43 -9.36
C GLU A 1338 28.24 -5.87 -8.81
N ALA A 1339 28.19 -4.53 -8.67
CA ALA A 1339 26.99 -3.81 -8.26
C ALA A 1339 25.94 -3.85 -9.35
N TRP A 1340 26.32 -3.39 -10.55
CA TRP A 1340 25.44 -3.34 -11.72
C TRP A 1340 24.80 -4.68 -12.07
N ARG A 1341 25.60 -5.75 -11.99
CA ARG A 1341 25.15 -7.10 -12.33
C ARG A 1341 24.09 -7.65 -11.37
N ASP A 1342 23.91 -6.98 -10.23
CA ASP A 1342 22.83 -7.31 -9.31
C ASP A 1342 21.73 -6.26 -9.23
N ILE A 1343 22.02 -5.04 -9.67
CA ILE A 1343 20.98 -4.00 -9.82
C ILE A 1343 20.05 -4.40 -10.97
N ILE A 1344 20.63 -4.99 -12.02
CA ILE A 1344 19.84 -5.62 -13.09
C ILE A 1344 19.05 -6.81 -12.56
N ASN A 1345 19.68 -7.60 -11.68
CA ASN A 1345 19.05 -8.77 -11.05
C ASN A 1345 17.81 -8.42 -10.23
N ILE A 1346 17.72 -7.16 -9.80
CA ILE A 1346 16.56 -6.62 -9.11
C ILE A 1346 15.49 -6.15 -10.10
N GLU A 1347 15.91 -5.40 -11.12
CA GLU A 1347 15.00 -4.86 -12.13
C GLU A 1347 14.44 -5.96 -13.04
N PHE A 1348 15.29 -6.95 -13.33
CA PHE A 1348 14.93 -8.08 -14.16
C PHE A 1348 14.35 -9.25 -13.38
N SER A 1349 14.13 -9.05 -12.08
CA SER A 1349 13.55 -10.08 -11.22
C SER A 1349 12.13 -10.45 -11.67
N MET A 1350 11.43 -9.48 -12.25
CA MET A 1350 10.10 -9.68 -12.79
C MET A 1350 10.07 -10.46 -14.09
N ARG A 1351 11.20 -10.53 -14.79
CA ARG A 1351 11.32 -11.23 -16.08
C ARG A 1351 11.24 -12.76 -15.96
N SER A 1352 11.04 -13.24 -14.73
CA SER A 1352 10.71 -14.63 -14.46
C SER A 1352 9.33 -14.96 -15.00
N LEU A 1353 8.47 -13.94 -15.04
CA LEU A 1353 7.15 -14.00 -15.69
C LEU A 1353 7.25 -14.29 -17.18
N CYS A 1354 8.45 -14.17 -17.75
CA CYS A 1354 8.71 -14.52 -19.14
C CYS A 1354 9.28 -15.93 -19.31
N GLN A 1355 9.08 -16.78 -18.31
CA GLN A 1355 9.45 -18.20 -18.38
C GLN A 1355 8.28 -19.08 -17.96
N GLY A 1356 7.91 -20.01 -18.84
CA GLY A 1356 6.79 -20.93 -18.60
C GLY A 1356 7.20 -22.36 -18.33
N LYS A 1357 6.29 -23.10 -17.68
CA LYS A 1357 6.45 -24.52 -17.29
C LYS A 1357 7.84 -24.94 -16.78
N PRO B 1 9.59 -20.90 -13.77
CA PRO B 1 9.05 -22.26 -13.80
C PRO B 1 7.51 -22.27 -13.66
N SER B 2 6.99 -22.97 -12.65
CA SER B 2 5.55 -22.99 -12.35
C SER B 2 5.22 -21.82 -11.42
N LEU B 3 5.09 -20.64 -12.01
CA LEU B 3 5.09 -19.35 -11.30
C LEU B 3 3.87 -19.05 -10.42
N ILE B 4 2.72 -19.61 -10.78
CA ILE B 4 1.45 -19.19 -10.17
C ILE B 4 1.18 -19.72 -8.75
N HIS B 5 1.60 -20.96 -8.49
CA HIS B 5 1.69 -21.49 -7.12
C HIS B 5 2.90 -22.40 -6.88
N PRO B 6 4.09 -21.79 -6.64
CA PRO B 6 5.31 -22.53 -6.36
C PRO B 6 5.67 -22.48 -4.87
N ASP B 7 4.78 -23.00 -4.03
CA ASP B 7 4.97 -23.00 -2.57
C ASP B 7 6.24 -23.71 -2.12
N THR B 8 6.63 -24.74 -2.88
CA THR B 8 7.90 -25.49 -2.75
C THR B 8 8.23 -26.03 -1.35
N ALA B 9 7.80 -27.27 -1.12
CA ALA B 9 8.05 -27.98 0.14
C ALA B 9 9.52 -28.40 0.28
N LYS B 10 10.19 -28.59 -0.85
CA LYS B 10 11.61 -28.96 -0.89
C LYS B 10 12.54 -27.74 -1.02
N TYR B 11 12.39 -26.81 -0.08
CA TYR B 11 13.29 -25.66 0.05
C TYR B 11 14.25 -25.88 1.22
N PRO B 12 15.57 -25.70 0.99
CA PRO B 12 16.54 -25.88 2.08
C PRO B 12 16.67 -24.65 2.98
N PHE B 13 16.61 -24.87 4.29
CA PHE B 13 16.71 -23.80 5.28
C PHE B 13 17.82 -24.03 6.29
N LYS B 14 18.26 -22.94 6.92
CA LYS B 14 19.22 -23.00 8.02
C LYS B 14 18.59 -23.52 9.32
N PHE B 15 17.26 -23.39 9.42
CA PHE B 15 16.51 -23.87 10.58
C PHE B 15 15.91 -25.27 10.40
N GLU B 16 16.10 -25.85 9.22
CA GLU B 16 15.75 -27.24 8.93
C GLU B 16 16.43 -28.26 9.88
N PRO B 17 17.72 -28.06 10.23
CA PRO B 17 18.30 -28.90 11.29
C PRO B 17 17.75 -28.61 12.68
N PHE B 18 17.37 -27.35 12.94
CA PHE B 18 16.79 -26.96 14.23
C PHE B 18 15.42 -27.60 14.46
N LEU B 19 14.57 -27.52 13.44
CA LEU B 19 13.18 -27.99 13.52
C LEU B 19 13.04 -29.51 13.66
N ARG B 20 14.14 -30.23 13.43
CA ARG B 20 14.20 -31.67 13.72
C ARG B 20 14.51 -31.90 15.20
N GLN B 21 15.38 -31.06 15.76
CA GLN B 21 15.77 -31.10 17.18
C GLN B 21 14.60 -30.70 18.08
N GLU B 22 14.12 -29.46 17.93
CA GLU B 22 12.93 -28.96 18.63
C GLU B 22 11.69 -29.17 17.77
N TYR B 23 10.53 -29.24 18.41
CA TYR B 23 9.21 -29.39 17.76
C TYR B 23 8.96 -30.72 17.01
N SER B 24 10.04 -31.44 16.67
CA SER B 24 10.02 -32.71 15.92
C SER B 24 9.29 -32.61 14.56
N PHE B 25 9.63 -31.56 13.81
CA PHE B 25 8.93 -31.17 12.59
C PHE B 25 9.90 -30.81 11.48
N SER B 26 9.95 -31.64 10.43
CA SER B 26 10.82 -31.38 9.28
C SER B 26 10.07 -30.63 8.17
N LEU B 27 10.83 -30.19 7.17
CA LEU B 27 10.26 -29.41 6.06
C LEU B 27 9.51 -30.23 5.01
N ASP B 28 9.66 -31.56 5.07
CA ASP B 28 8.85 -32.48 4.30
C ASP B 28 7.59 -32.82 5.12
N PRO B 29 6.40 -32.39 4.66
CA PRO B 29 5.15 -32.54 5.43
C PRO B 29 4.75 -34.00 5.68
N ASP B 30 4.48 -34.76 4.62
CA ASP B 30 4.02 -36.14 4.73
C ASP B 30 5.16 -37.15 4.49
N ARG B 31 6.26 -36.95 5.22
CA ARG B 31 7.38 -37.89 5.26
C ARG B 31 6.97 -39.17 6.00
N PRO B 32 7.58 -40.34 5.65
CA PRO B 32 7.23 -41.59 6.34
C PRO B 32 7.59 -41.62 7.83
N ILE B 33 6.88 -42.45 8.59
CA ILE B 33 7.19 -42.69 10.01
C ILE B 33 8.42 -43.60 10.07
N CYS B 34 9.44 -43.17 10.82
CA CYS B 34 10.73 -43.87 10.84
C CYS B 34 10.71 -45.19 11.60
N GLU B 35 11.45 -46.16 11.07
CA GLU B 35 11.62 -47.48 11.67
C GLU B 35 12.57 -47.42 12.85
N PHE B 36 12.44 -48.41 13.75
CA PHE B 36 13.26 -48.56 14.97
C PHE B 36 13.14 -47.37 15.93
N TYR B 37 11.90 -46.89 16.09
CA TYR B 37 11.57 -45.82 17.04
C TYR B 37 10.30 -46.14 17.81
N ASN B 38 10.37 -45.94 19.13
CA ASN B 38 9.21 -46.08 20.01
C ASN B 38 9.02 -44.80 20.83
N SER B 39 7.76 -44.44 21.03
CA SER B 39 7.38 -43.19 21.71
C SER B 39 7.70 -43.17 23.22
N ARG B 40 7.72 -44.36 23.84
CA ARG B 40 7.94 -44.51 25.28
C ARG B 40 9.33 -44.09 25.76
N GLU B 41 10.34 -44.33 24.93
CA GLU B 41 11.74 -44.00 25.25
C GLU B 41 12.12 -42.59 24.80
N GLY B 42 11.81 -42.27 23.54
CA GLY B 42 12.13 -40.97 22.94
C GLY B 42 13.27 -41.06 21.93
N PRO B 43 14.20 -40.08 21.96
CA PRO B 43 15.33 -40.03 21.01
C PRO B 43 16.35 -41.18 21.16
N LYS B 44 16.30 -41.89 22.28
CA LYS B 44 17.20 -43.01 22.55
C LYS B 44 16.92 -44.26 21.70
N SER B 45 15.66 -44.42 21.27
CA SER B 45 15.24 -45.56 20.46
C SER B 45 15.82 -45.54 19.04
N CYS B 46 15.72 -44.38 18.39
CA CYS B 46 16.19 -44.21 17.01
C CYS B 46 17.71 -44.04 16.94
N PRO B 47 18.37 -44.78 16.01
CA PRO B 47 19.82 -44.63 15.79
C PRO B 47 20.21 -43.27 15.19
N ARG B 48 19.30 -42.68 14.40
CA ARG B 48 19.49 -41.37 13.78
C ARG B 48 19.36 -40.24 14.81
N GLY B 49 18.46 -40.43 15.78
CA GLY B 49 18.28 -39.49 16.89
C GLY B 49 17.32 -38.35 16.60
N PRO B 50 17.65 -37.13 17.09
CA PRO B 50 16.80 -35.94 16.88
C PRO B 50 16.83 -35.41 15.45
N LEU B 51 17.99 -35.49 14.80
CA LEU B 51 18.17 -35.04 13.42
C LEU B 51 17.71 -36.08 12.39
N CYS B 52 16.60 -36.74 12.69
CA CYS B 52 16.03 -37.79 11.87
C CYS B 52 15.26 -37.19 10.67
N PRO B 53 15.63 -37.61 9.43
CA PRO B 53 14.97 -37.13 8.20
C PRO B 53 13.48 -37.51 8.13
N LYS B 54 13.13 -38.65 8.71
CA LYS B 54 11.75 -39.10 8.85
C LYS B 54 11.16 -38.62 10.18
N LYS B 55 9.84 -38.72 10.32
CA LYS B 55 9.13 -38.16 11.49
C LYS B 55 9.05 -39.06 12.72
N HIS B 56 8.96 -38.41 13.88
CA HIS B 56 8.89 -39.06 15.19
C HIS B 56 7.55 -38.76 15.86
N VAL B 57 6.73 -39.80 15.99
CA VAL B 57 5.42 -39.70 16.65
C VAL B 57 5.57 -39.63 18.17
N LEU B 58 5.04 -38.55 18.75
CA LEU B 58 5.05 -38.35 20.20
C LEU B 58 3.93 -39.16 20.86
N PRO B 59 4.08 -39.52 22.17
CA PRO B 59 3.06 -40.31 22.89
C PRO B 59 1.66 -39.66 22.91
N ILE B 60 1.62 -38.33 22.80
CA ILE B 60 0.37 -37.56 22.73
C ILE B 60 -0.34 -37.80 21.39
N PHE B 61 0.45 -38.03 20.34
CA PHE B 61 -0.08 -38.17 18.98
C PHE B 61 -0.49 -39.59 18.60
N GLN B 62 0.07 -40.59 19.29
CA GLN B 62 -0.34 -41.98 19.13
C GLN B 62 -1.46 -42.36 20.12
N ASN B 63 -1.90 -41.39 20.91
CA ASN B 63 -3.02 -41.55 21.84
C ASN B 63 -4.35 -41.61 21.07
N LYS B 64 -5.31 -42.34 21.62
CA LYS B 64 -6.56 -42.65 20.92
C LYS B 64 -7.54 -41.48 20.88
N ILE B 65 -8.28 -41.28 21.97
CA ILE B 65 -9.35 -40.28 22.04
C ILE B 65 -8.79 -38.86 22.23
N VAL B 66 -9.41 -37.89 21.55
CA VAL B 66 -8.94 -36.50 21.52
C VAL B 66 -9.22 -35.73 22.83
N CYS B 67 -8.39 -34.71 23.07
CA CYS B 67 -8.49 -33.85 24.24
C CYS B 67 -9.58 -32.80 24.05
N ARG B 68 -10.47 -32.71 25.04
CA ARG B 68 -11.51 -31.67 25.06
C ARG B 68 -10.90 -30.32 25.44
N HIS B 69 -9.88 -30.37 26.32
CA HIS B 69 -9.22 -29.18 26.84
C HIS B 69 -8.32 -28.49 25.81
N TRP B 70 -7.56 -29.30 25.07
CA TRP B 70 -6.67 -28.81 24.01
C TRP B 70 -7.46 -28.27 22.81
N LEU B 71 -8.64 -28.85 22.58
CA LEU B 71 -9.56 -28.41 21.53
C LEU B 71 -10.06 -26.98 21.80
N ARG B 72 -10.20 -26.63 23.08
CA ARG B 72 -10.50 -25.27 23.51
C ARG B 72 -9.24 -24.50 23.92
N GLY B 73 -8.08 -25.02 23.52
CA GLY B 73 -6.78 -24.35 23.68
C GLY B 73 -6.26 -24.14 25.09
N LEU B 74 -6.68 -25.00 26.02
CA LEU B 74 -6.27 -24.91 27.42
C LEU B 74 -6.15 -26.26 28.12
N CYS B 75 -5.21 -27.07 27.64
CA CYS B 75 -4.87 -28.34 28.30
C CYS B 75 -3.66 -28.15 29.20
N LYS B 76 -3.81 -28.54 30.47
CA LYS B 76 -2.74 -28.51 31.46
C LYS B 76 -1.56 -29.38 31.02
N LYS B 77 -1.87 -30.59 30.58
CA LYS B 77 -0.88 -31.52 30.06
C LYS B 77 -0.63 -31.23 28.59
N ASN B 78 0.23 -30.24 28.33
CA ASN B 78 0.66 -29.88 26.97
C ASN B 78 1.49 -30.99 26.33
N ASP B 79 2.23 -31.71 27.18
CA ASP B 79 2.89 -32.96 26.83
C ASP B 79 2.35 -34.05 27.77
N GLN B 80 2.75 -35.30 27.53
CA GLN B 80 2.35 -36.50 28.31
C GLN B 80 0.84 -36.60 28.69
N CYS B 81 -0.01 -36.08 27.81
CA CYS B 81 -1.45 -36.08 28.00
C CYS B 81 -2.04 -37.47 27.73
N GLU B 82 -2.98 -37.88 28.58
CA GLU B 82 -3.71 -39.14 28.42
C GLU B 82 -4.76 -39.07 27.28
N TYR B 83 -4.78 -37.94 26.59
CA TYR B 83 -5.65 -37.70 25.44
C TYR B 83 -4.82 -37.25 24.23
N LEU B 84 -5.48 -37.11 23.08
CA LEU B 84 -4.82 -36.77 21.82
C LEU B 84 -4.85 -35.27 21.52
N HIS B 85 -3.77 -34.77 20.91
CA HIS B 85 -3.70 -33.38 20.45
C HIS B 85 -3.65 -33.27 18.92
N GLU B 86 -4.63 -33.89 18.28
CA GLU B 86 -4.78 -33.90 16.83
C GLU B 86 -6.26 -33.77 16.51
N TYR B 87 -6.63 -32.66 15.88
CA TYR B 87 -8.03 -32.33 15.63
C TYR B 87 -8.59 -33.05 14.38
N ASN B 88 -8.82 -34.35 14.54
CA ASN B 88 -9.48 -35.15 13.50
C ASN B 88 -10.77 -35.76 14.03
N LEU B 89 -11.84 -35.64 13.24
CA LEU B 89 -13.19 -36.07 13.62
C LEU B 89 -13.37 -37.59 13.72
N ARG B 90 -12.41 -38.34 13.18
CA ARG B 90 -12.36 -39.80 13.31
C ARG B 90 -12.18 -40.24 14.75
N LYS B 91 -11.34 -39.51 15.49
CA LYS B 91 -11.12 -39.72 16.92
C LYS B 91 -11.70 -38.52 17.68
N MET B 92 -12.97 -38.63 18.05
CA MET B 92 -13.72 -37.52 18.66
C MET B 92 -14.89 -38.03 19.53
N PRO B 93 -15.02 -37.51 20.77
CA PRO B 93 -16.23 -37.72 21.58
C PRO B 93 -17.21 -36.55 21.42
N GLU B 94 -17.72 -36.39 20.19
CA GLU B 94 -18.62 -35.29 19.77
C GLU B 94 -18.01 -33.90 20.01
N VAL C 27 -27.05 -24.82 18.70
CA VAL C 27 -28.52 -24.74 18.46
C VAL C 27 -29.12 -23.52 19.18
N THR C 28 -28.84 -23.41 20.48
CA THR C 28 -29.31 -22.29 21.30
C THR C 28 -28.48 -21.04 21.02
N GLN C 29 -29.16 -19.92 20.80
CA GLN C 29 -28.52 -18.65 20.42
C GLN C 29 -28.10 -17.81 21.63
N ARG C 30 -26.93 -17.18 21.51
CA ARG C 30 -26.32 -16.40 22.57
C ARG C 30 -25.67 -15.14 22.01
N ARG C 31 -25.52 -14.12 22.86
CA ARG C 31 -24.87 -12.86 22.50
C ARG C 31 -23.40 -13.10 22.18
N SER C 32 -23.06 -12.97 20.89
CA SER C 32 -21.71 -13.25 20.41
C SER C 32 -21.02 -11.98 19.90
N VAL C 33 -20.38 -11.27 20.82
CA VAL C 33 -19.58 -10.10 20.47
C VAL C 33 -18.24 -10.59 19.93
N ASP C 34 -18.15 -10.54 18.60
CA ASP C 34 -17.01 -11.11 17.89
C ASP C 34 -16.55 -10.16 16.79
N VAL C 35 -15.31 -9.69 16.94
CA VAL C 35 -14.70 -8.70 16.05
C VAL C 35 -14.36 -9.21 14.66
N SER C 36 -14.40 -10.53 14.48
CA SER C 36 -13.99 -11.16 13.22
C SER C 36 -14.78 -10.65 12.01
N SER C 37 -16.09 -10.46 12.19
CA SER C 37 -16.95 -9.92 11.13
C SER C 37 -16.64 -8.44 10.80
N PRO C 38 -16.56 -7.55 11.83
CA PRO C 38 -16.12 -6.18 11.54
C PRO C 38 -14.73 -6.07 10.92
N TYR C 39 -13.81 -6.95 11.31
CA TYR C 39 -12.45 -6.95 10.77
C TYR C 39 -12.39 -7.26 9.28
N ILE C 40 -13.28 -8.14 8.81
CA ILE C 40 -13.46 -8.38 7.37
C ILE C 40 -13.82 -7.05 6.72
N ASN C 41 -14.89 -6.43 7.22
CA ASN C 41 -15.37 -5.13 6.75
C ASN C 41 -14.27 -4.06 6.82
N LEU C 42 -13.41 -4.15 7.83
CA LEU C 42 -12.23 -3.30 7.90
C LEU C 42 -11.21 -3.68 6.83
N TYR C 43 -10.68 -4.90 6.89
CA TYR C 43 -9.66 -5.35 5.92
C TYR C 43 -10.22 -5.63 4.54
N TYR C 44 -11.39 -5.05 4.27
CA TYR C 44 -11.89 -4.85 2.94
C TYR C 44 -11.71 -3.36 2.66
N ASN C 45 -12.30 -2.53 3.52
CA ASN C 45 -12.25 -1.08 3.41
C ASN C 45 -10.81 -0.55 3.40
N ARG C 46 -9.94 -1.22 4.15
CA ARG C 46 -8.51 -0.90 4.18
C ARG C 46 -7.79 -1.44 2.94
N ARG C 47 -8.22 -2.62 2.46
CA ARG C 47 -7.62 -3.26 1.28
C ARG C 47 -8.10 -2.67 -0.05
N HIS C 48 -9.00 -1.70 0.02
CA HIS C 48 -9.48 -0.99 -1.16
C HIS C 48 -9.22 0.49 -1.01
N GLY C 49 -8.74 0.89 0.16
CA GLY C 49 -8.53 2.31 0.49
C GLY C 49 -9.80 3.10 0.63
N LEU C 50 -10.94 2.40 0.62
CA LEU C 50 -12.24 2.98 0.89
C LEU C 50 -12.23 3.37 2.37
N PRO C 51 -12.16 4.69 2.68
CA PRO C 51 -11.91 5.11 4.06
C PRO C 51 -13.00 4.68 5.04
N ASN C 52 -12.64 4.61 6.33
CA ASN C 52 -13.55 4.22 7.41
C ASN C 52 -14.79 5.11 7.39
N LEU C 53 -15.86 4.58 6.80
CA LEU C 53 -17.11 5.31 6.58
C LEU C 53 -17.73 5.77 7.90
N VAL C 54 -18.11 7.04 7.95
CA VAL C 54 -18.77 7.61 9.14
C VAL C 54 -20.14 6.95 9.28
N VAL C 55 -20.33 6.33 10.44
CA VAL C 55 -21.57 5.63 10.77
C VAL C 55 -22.73 6.60 11.00
N GLU C 56 -23.91 6.19 10.55
CA GLU C 56 -25.12 6.98 10.72
C GLU C 56 -26.00 6.34 11.78
N PRO C 57 -26.81 7.15 12.52
CA PRO C 57 -27.64 6.67 13.62
C PRO C 57 -28.39 5.34 13.45
N GLU C 58 -28.84 5.01 12.23
CA GLU C 58 -29.60 3.76 12.01
C GLU C 58 -28.72 2.50 12.07
N THR C 59 -29.31 1.44 12.63
CA THR C 59 -28.62 0.20 12.99
C THR C 59 -28.04 -0.64 11.83
N SER C 60 -28.33 -0.25 10.60
CA SER C 60 -27.70 -0.88 9.43
C SER C 60 -26.21 -0.51 9.37
N TYR C 61 -25.88 0.67 9.89
CA TYR C 61 -24.51 1.19 9.90
C TYR C 61 -23.60 0.51 10.92
N THR C 62 -24.17 -0.41 11.69
CA THR C 62 -23.43 -1.23 12.65
C THR C 62 -22.36 -2.10 11.96
N ILE C 63 -22.55 -2.39 10.67
CA ILE C 63 -21.52 -3.03 9.85
C ILE C 63 -20.24 -2.18 9.75
N ASP C 64 -20.41 -0.86 9.59
CA ASP C 64 -19.28 0.04 9.41
C ASP C 64 -18.70 0.60 10.71
N ILE C 65 -19.15 0.06 11.85
CA ILE C 65 -18.44 0.22 13.12
C ILE C 65 -17.25 -0.74 13.04
N MET C 66 -16.12 -0.21 12.59
CA MET C 66 -14.92 -1.00 12.41
C MET C 66 -14.26 -1.31 13.76
N PRO C 67 -13.60 -2.48 13.86
CA PRO C 67 -13.05 -2.98 15.13
C PRO C 67 -11.96 -2.09 15.73
N PRO C 68 -12.02 -1.85 17.05
CA PRO C 68 -11.39 -0.73 17.77
C PRO C 68 -10.17 -0.05 17.16
N ASN C 69 -9.08 -0.79 16.94
CA ASN C 69 -7.82 -0.19 16.45
C ASN C 69 -7.89 0.39 15.03
N ALA C 70 -9.05 0.24 14.39
CA ALA C 70 -9.37 0.98 13.18
C ALA C 70 -9.61 2.45 13.48
N TYR C 71 -10.06 2.73 14.70
CA TYR C 71 -10.39 4.07 15.13
C TYR C 71 -9.32 4.70 16.02
N ARG C 72 -8.73 5.77 15.51
CA ARG C 72 -7.76 6.59 16.23
C ARG C 72 -8.02 8.07 15.96
N GLY C 73 -7.99 8.87 17.03
CA GLY C 73 -8.16 10.32 16.92
C GLY C 73 -9.60 10.76 17.12
N ARG C 74 -10.10 11.58 16.20
CA ARG C 74 -11.43 12.20 16.30
C ARG C 74 -12.62 11.23 16.08
N ASP C 75 -12.36 9.95 16.29
CA ASP C 75 -13.38 8.89 16.20
C ASP C 75 -13.07 7.74 17.17
N ARG C 76 -12.26 8.04 18.18
CA ARG C 76 -11.92 7.08 19.23
C ARG C 76 -13.11 6.73 20.11
N VAL C 77 -14.02 7.70 20.27
CA VAL C 77 -15.22 7.59 21.11
C VAL C 77 -16.17 6.47 20.63
N ILE C 78 -15.88 5.93 19.44
CA ILE C 78 -16.63 4.80 18.92
C ILE C 78 -16.34 3.54 19.76
N ASN C 79 -15.05 3.22 19.91
CA ASN C 79 -14.64 2.02 20.65
C ASN C 79 -14.60 2.22 22.17
N LEU C 80 -15.03 3.39 22.63
CA LEU C 80 -15.28 3.65 24.04
C LEU C 80 -16.51 2.84 24.46
N PRO C 81 -16.35 1.96 25.48
CA PRO C 81 -17.38 0.99 25.85
C PRO C 81 -18.47 1.55 26.77
N SER C 82 -19.68 1.62 26.24
CA SER C 82 -20.83 2.15 26.97
C SER C 82 -21.96 1.16 27.06
N LYS C 83 -22.14 0.39 25.98
CA LYS C 83 -23.21 -0.61 25.88
C LYS C 83 -22.94 -1.76 26.84
N PHE C 84 -23.83 -1.92 27.81
CA PHE C 84 -23.84 -3.09 28.68
C PHE C 84 -24.12 -4.30 27.80
N THR C 85 -23.31 -5.32 27.96
CA THR C 85 -23.36 -6.49 27.09
C THR C 85 -23.87 -7.70 27.83
N HIS C 86 -23.15 -8.09 28.88
CA HIS C 86 -23.41 -9.31 29.61
C HIS C 86 -22.91 -9.23 31.04
N LEU C 87 -23.76 -9.63 31.98
CA LEU C 87 -23.31 -9.93 33.33
C LEU C 87 -23.23 -11.45 33.46
N SER C 88 -22.13 -11.90 34.04
CA SER C 88 -21.92 -13.31 34.34
C SER C 88 -21.50 -13.50 35.78
N SER C 89 -21.89 -14.64 36.35
CA SER C 89 -21.45 -15.05 37.69
C SER C 89 -20.89 -16.47 37.60
N ASN C 90 -19.81 -16.72 38.32
CA ASN C 90 -19.07 -17.98 38.26
C ASN C 90 -19.77 -19.18 38.94
N LYS C 91 -21.11 -19.14 38.93
CA LYS C 91 -22.02 -20.18 39.48
C LYS C 91 -21.97 -20.33 41.02
N VAL C 92 -20.76 -20.50 41.56
CA VAL C 92 -20.53 -20.61 43.01
C VAL C 92 -20.58 -19.26 43.75
N LYS C 93 -20.55 -18.16 42.99
CA LYS C 93 -20.61 -16.78 43.48
C LYS C 93 -19.51 -16.44 44.50
N HIS C 94 -18.31 -16.19 43.98
CA HIS C 94 -17.16 -15.80 44.80
C HIS C 94 -16.65 -14.40 44.43
N VAL C 95 -16.09 -13.73 45.44
CA VAL C 95 -15.53 -12.39 45.27
C VAL C 95 -14.28 -12.42 44.39
N ILE C 96 -14.35 -11.71 43.27
CA ILE C 96 -13.28 -11.63 42.28
C ILE C 96 -12.22 -10.64 42.76
N PRO C 97 -10.95 -11.09 42.87
CA PRO C 97 -9.88 -10.16 43.23
C PRO C 97 -9.30 -9.43 42.02
N ALA C 98 -9.14 -10.15 40.90
CA ALA C 98 -8.51 -9.59 39.70
C ALA C 98 -9.14 -10.08 38.40
N ILE C 99 -9.00 -9.26 37.37
CA ILE C 99 -9.56 -9.50 36.05
C ILE C 99 -8.50 -9.16 35.01
N GLN C 100 -8.22 -10.13 34.13
CA GLN C 100 -7.28 -9.93 33.03
C GLN C 100 -7.70 -10.77 31.85
N TRP C 101 -7.66 -10.17 30.66
CA TRP C 101 -7.95 -10.88 29.42
C TRP C 101 -6.72 -11.58 28.88
N THR C 102 -6.94 -12.77 28.32
CA THR C 102 -5.95 -13.48 27.51
C THR C 102 -5.69 -12.62 26.26
N PRO C 103 -4.44 -12.15 26.07
CA PRO C 103 -4.02 -11.07 25.15
C PRO C 103 -4.47 -11.25 23.70
N GLU C 104 -4.73 -12.48 23.29
CA GLU C 104 -5.34 -12.79 22.01
C GLU C 104 -6.81 -12.30 21.92
N GLY C 105 -7.33 -11.85 23.06
CA GLY C 105 -8.69 -11.33 23.19
C GLY C 105 -9.75 -12.39 23.38
N ARG C 106 -9.31 -13.65 23.40
CA ARG C 106 -10.22 -14.79 23.34
C ARG C 106 -10.94 -15.07 24.66
N ARG C 107 -10.19 -15.08 25.75
CA ARG C 107 -10.75 -15.40 27.06
C ARG C 107 -10.46 -14.33 28.09
N LEU C 108 -11.38 -14.19 29.04
CA LEU C 108 -11.14 -13.38 30.21
C LEU C 108 -10.83 -14.32 31.37
N VAL C 109 -9.61 -14.20 31.89
CA VAL C 109 -9.20 -14.97 33.05
C VAL C 109 -9.70 -14.26 34.30
N VAL C 110 -10.47 -14.99 35.10
CA VAL C 110 -11.09 -14.47 36.31
C VAL C 110 -10.43 -15.16 37.49
N ALA C 111 -9.75 -14.36 38.32
CA ALA C 111 -9.18 -14.85 39.57
C ALA C 111 -10.31 -15.16 40.56
N THR C 112 -10.03 -16.06 41.50
CA THR C 112 -11.02 -16.46 42.51
C THR C 112 -10.41 -16.35 43.91
N TYR C 113 -11.25 -15.98 44.87
CA TYR C 113 -10.87 -15.98 46.29
C TYR C 113 -10.61 -17.39 46.81
N SER C 114 -11.26 -18.37 46.17
CA SER C 114 -10.97 -19.79 46.38
C SER C 114 -9.57 -20.17 45.89
N GLY C 115 -9.10 -19.44 44.86
CA GLY C 115 -7.78 -19.65 44.28
C GLY C 115 -7.87 -20.42 42.98
N GLU C 116 -8.65 -19.88 42.05
CA GLU C 116 -8.93 -20.54 40.76
C GLU C 116 -8.96 -19.55 39.60
N PHE C 117 -8.75 -20.07 38.40
CA PHE C 117 -8.90 -19.29 37.17
C PHE C 117 -10.16 -19.67 36.41
N SER C 118 -11.25 -18.95 36.69
CA SER C 118 -12.46 -19.05 35.89
C SER C 118 -12.17 -18.40 34.54
N LEU C 119 -12.60 -19.03 33.46
CA LEU C 119 -12.24 -18.55 32.11
C LEU C 119 -13.44 -18.28 31.22
N TRP C 120 -13.95 -17.05 31.31
CA TRP C 120 -15.07 -16.60 30.49
C TRP C 120 -14.56 -16.16 29.13
N ASN C 121 -14.92 -16.93 28.09
CA ASN C 121 -14.53 -16.61 26.72
C ASN C 121 -15.32 -15.45 26.14
N ALA C 122 -14.71 -14.71 25.23
CA ALA C 122 -15.31 -13.55 24.59
C ALA C 122 -16.41 -13.92 23.60
N SER C 123 -16.25 -15.08 22.96
CA SER C 123 -17.11 -15.53 21.87
C SER C 123 -18.58 -15.77 22.23
N SER C 124 -18.84 -16.08 23.50
CA SER C 124 -20.19 -16.44 23.96
C SER C 124 -20.51 -16.03 25.39
N PHE C 125 -19.51 -15.52 26.11
CA PHE C 125 -19.58 -15.21 27.55
C PHE C 125 -19.98 -16.43 28.40
N THR C 126 -19.36 -17.56 28.08
CA THR C 126 -19.55 -18.82 28.80
C THR C 126 -18.23 -19.22 29.45
N PHE C 127 -18.29 -19.74 30.67
CA PHE C 127 -17.08 -20.10 31.40
C PHE C 127 -16.55 -21.47 30.99
N GLU C 128 -15.25 -21.49 30.71
CA GLU C 128 -14.50 -22.72 30.54
C GLU C 128 -13.95 -23.13 31.91
N THR C 129 -13.45 -24.37 32.00
CA THR C 129 -13.06 -25.00 33.28
C THR C 129 -12.16 -24.13 34.17
N LEU C 130 -12.42 -24.20 35.48
CA LEU C 130 -11.62 -23.51 36.49
C LEU C 130 -10.30 -24.25 36.70
N MET C 131 -9.20 -23.51 36.60
CA MET C 131 -7.84 -24.09 36.60
C MET C 131 -7.30 -24.44 37.99
N GLN C 132 -7.89 -23.82 39.03
CA GLN C 132 -7.42 -23.92 40.43
C GLN C 132 -5.94 -23.59 40.54
N ALA C 133 -5.65 -22.30 40.43
CA ALA C 133 -4.30 -21.77 40.26
C ALA C 133 -3.43 -21.88 41.51
N HIS C 134 -3.83 -21.20 42.57
CA HIS C 134 -3.02 -21.06 43.79
C HIS C 134 -3.67 -21.69 45.01
N ASP C 135 -2.88 -21.85 46.07
CA ASP C 135 -3.35 -22.37 47.36
C ASP C 135 -4.33 -21.42 48.05
N SER C 136 -4.07 -20.11 47.90
CA SER C 136 -4.96 -19.06 48.40
C SER C 136 -5.44 -18.18 47.22
N ALA C 137 -6.09 -17.06 47.54
CA ALA C 137 -6.68 -16.15 46.56
C ALA C 137 -5.64 -15.52 45.63
N VAL C 138 -5.92 -15.57 44.32
CA VAL C 138 -5.05 -14.95 43.31
C VAL C 138 -5.29 -13.44 43.32
N THR C 139 -4.35 -12.70 43.89
CA THR C 139 -4.49 -11.26 44.07
C THR C 139 -4.47 -10.52 42.73
N THR C 140 -3.59 -10.96 41.83
CA THR C 140 -3.45 -10.37 40.49
C THR C 140 -2.92 -11.37 39.47
N MET C 141 -3.21 -11.10 38.20
CA MET C 141 -2.59 -11.82 37.10
C MET C 141 -2.36 -10.88 35.91
N LYS C 142 -1.32 -11.17 35.14
CA LYS C 142 -0.91 -10.34 34.01
C LYS C 142 -0.17 -11.18 32.98
N TYR C 143 -0.54 -11.00 31.71
CA TYR C 143 0.11 -11.70 30.60
C TYR C 143 1.30 -10.93 30.06
N SER C 144 2.24 -11.66 29.46
CA SER C 144 3.41 -11.08 28.79
C SER C 144 3.01 -10.33 27.53
N HIS C 145 3.83 -9.35 27.16
CA HIS C 145 3.63 -8.58 25.92
C HIS C 145 3.94 -9.42 24.67
N ASP C 146 4.66 -10.52 24.86
CA ASP C 146 4.90 -11.54 23.83
C ASP C 146 3.65 -12.41 23.60
N SER C 147 2.62 -12.16 24.42
CA SER C 147 1.29 -12.78 24.32
C SER C 147 1.26 -14.31 24.52
N ASP C 148 2.24 -14.82 25.26
CA ASP C 148 2.31 -16.24 25.61
C ASP C 148 2.17 -16.47 27.11
N TRP C 149 3.22 -16.20 27.87
CA TRP C 149 3.26 -16.47 29.30
C TRP C 149 2.45 -15.48 30.13
N MET C 150 2.03 -15.91 31.33
CA MET C 150 1.39 -15.02 32.30
C MET C 150 1.81 -15.27 33.75
N ILE C 151 2.13 -14.17 34.45
CA ILE C 151 2.39 -14.23 35.88
C ILE C 151 1.07 -14.08 36.60
N SER C 152 0.85 -14.93 37.60
CA SER C 152 -0.28 -14.79 38.52
C SER C 152 0.23 -14.31 39.88
N GLY C 153 -0.37 -14.83 40.95
CA GLY C 153 0.02 -14.46 42.31
C GLY C 153 -0.89 -15.03 43.38
N ASP C 154 -0.62 -14.64 44.63
CA ASP C 154 -1.28 -15.26 45.77
C ASP C 154 -1.62 -14.28 46.90
N ALA C 155 -2.57 -14.70 47.75
CA ALA C 155 -2.84 -14.08 49.04
C ALA C 155 -1.80 -14.54 50.07
N ASP C 156 -1.05 -15.58 49.71
CA ASP C 156 0.22 -15.91 50.33
C ASP C 156 1.33 -15.22 49.51
N GLY C 157 2.58 -15.56 49.78
CA GLY C 157 3.72 -14.93 49.12
C GLY C 157 3.86 -15.18 47.63
N MET C 158 3.56 -16.41 47.21
CA MET C 158 3.97 -16.95 45.90
C MET C 158 3.40 -16.28 44.65
N ILE C 159 4.14 -16.40 43.55
CA ILE C 159 3.64 -16.11 42.20
C ILE C 159 3.91 -17.32 41.30
N LYS C 160 3.09 -17.47 40.25
CA LYS C 160 3.24 -18.58 39.31
C LYS C 160 3.37 -18.10 37.87
N ILE C 161 4.37 -18.62 37.18
CA ILE C 161 4.54 -18.42 35.73
C ILE C 161 3.69 -19.46 35.02
N TRP C 162 2.81 -18.99 34.12
CA TRP C 162 1.90 -19.88 33.39
C TRP C 162 2.14 -19.86 31.89
N GLN C 163 1.86 -20.99 31.26
CA GLN C 163 1.68 -21.07 29.81
C GLN C 163 0.31 -20.52 29.43
N PRO C 164 0.09 -20.12 28.15
CA PRO C 164 -1.24 -19.64 27.75
C PRO C 164 -2.31 -20.73 27.82
N ASN C 165 -1.89 -21.99 27.70
CA ASN C 165 -2.76 -23.16 27.88
C ASN C 165 -2.87 -23.59 29.35
N PHE C 166 -2.40 -22.71 30.24
CA PHE C 166 -2.48 -22.85 31.70
C PHE C 166 -1.83 -24.11 32.27
N SER C 167 -0.52 -24.01 32.45
CA SER C 167 0.28 -25.01 33.14
C SER C 167 1.41 -24.29 33.86
N MET C 168 1.43 -24.42 35.19
CA MET C 168 2.40 -23.72 36.05
C MET C 168 3.85 -24.12 35.75
N VAL C 169 4.52 -23.25 34.98
CA VAL C 169 5.90 -23.46 34.54
C VAL C 169 6.86 -23.31 35.72
N LYS C 170 6.80 -22.17 36.40
CA LYS C 170 7.64 -21.90 37.57
C LYS C 170 6.81 -21.34 38.73
N GLU C 171 6.51 -22.22 39.68
CA GLU C 171 5.81 -21.83 40.90
C GLU C 171 6.81 -21.33 41.94
N ILE C 172 7.16 -20.05 41.83
CA ILE C 172 8.11 -19.40 42.73
C ILE C 172 7.42 -19.13 44.07
N ASP C 173 7.73 -19.99 45.05
CA ASP C 173 7.07 -19.99 46.36
C ASP C 173 7.46 -18.81 47.24
N ALA C 174 8.76 -18.53 47.33
CA ALA C 174 9.27 -17.41 48.12
C ALA C 174 9.42 -16.15 47.26
N ALA C 175 8.29 -15.71 46.70
CA ALA C 175 8.23 -14.52 45.86
C ALA C 175 8.32 -13.23 46.69
N HIS C 176 7.54 -13.19 47.77
CA HIS C 176 7.55 -12.10 48.74
C HIS C 176 7.21 -12.61 50.13
N THR C 177 7.56 -11.83 51.16
CA THR C 177 7.24 -12.17 52.55
C THR C 177 5.74 -12.07 52.86
N GLU C 178 5.06 -11.17 52.15
CA GLU C 178 3.61 -10.99 52.26
C GLU C 178 2.91 -11.25 50.92
N SER C 179 1.59 -11.06 50.91
CA SER C 179 0.77 -11.20 49.71
C SER C 179 1.14 -10.18 48.65
N ILE C 180 1.39 -10.66 47.42
CA ILE C 180 1.69 -9.79 46.28
C ILE C 180 0.48 -8.93 45.90
N ARG C 181 0.72 -7.86 45.13
CA ARG C 181 -0.34 -6.91 44.81
C ARG C 181 -0.57 -6.67 43.32
N ASP C 182 0.51 -6.44 42.57
CA ASP C 182 0.42 -6.25 41.12
C ASP C 182 1.66 -6.70 40.35
N MET C 183 1.42 -7.36 39.23
CA MET C 183 2.47 -7.85 38.32
C MET C 183 2.52 -6.96 37.09
N ALA C 184 3.71 -6.86 36.48
CA ALA C 184 3.89 -6.17 35.22
C ALA C 184 5.15 -6.63 34.50
N PHE C 185 5.00 -6.92 33.22
CA PHE C 185 6.10 -7.36 32.36
C PHE C 185 6.84 -6.20 31.71
N SER C 186 8.10 -6.45 31.35
CA SER C 186 8.87 -5.54 30.51
C SER C 186 8.33 -5.49 29.07
N SER C 187 8.79 -4.50 28.31
CA SER C 187 8.53 -4.40 26.88
C SER C 187 9.02 -5.65 26.13
N ASN C 188 10.22 -6.12 26.49
CA ASN C 188 10.79 -7.35 25.96
C ASN C 188 10.36 -8.59 26.75
N ASP C 189 9.54 -8.35 27.78
CA ASP C 189 9.02 -9.37 28.73
C ASP C 189 10.01 -10.44 29.21
N SER C 190 11.30 -10.09 29.14
CA SER C 190 12.41 -10.92 29.62
C SER C 190 12.54 -10.84 31.13
N LYS C 191 11.94 -9.81 31.71
CA LYS C 191 11.90 -9.58 33.15
C LYS C 191 10.61 -8.90 33.57
N PHE C 192 10.13 -9.21 34.77
CA PHE C 192 8.86 -8.67 35.28
C PHE C 192 8.94 -8.21 36.72
N VAL C 193 8.12 -7.22 37.08
CA VAL C 193 8.11 -6.65 38.43
C VAL C 193 6.96 -7.18 39.28
N THR C 194 7.30 -7.58 40.50
CA THR C 194 6.31 -7.90 41.53
C THR C 194 6.31 -6.81 42.60
N CYS C 195 5.15 -6.58 43.21
CA CYS C 195 5.01 -5.74 44.38
C CYS C 195 4.13 -6.45 45.40
N SER C 196 4.23 -6.06 46.67
CA SER C 196 3.54 -6.76 47.75
C SER C 196 3.09 -5.82 48.87
N ASP C 197 2.46 -6.40 49.91
CA ASP C 197 2.24 -5.71 51.19
C ASP C 197 3.56 -5.46 51.94
N ASP C 198 4.66 -5.93 51.36
CA ASP C 198 6.00 -5.54 51.76
C ASP C 198 6.40 -4.27 51.02
N ASN C 199 7.17 -3.42 51.70
CA ASN C 199 7.57 -2.10 51.20
C ASN C 199 8.52 -2.11 49.99
N ILE C 200 9.00 -3.30 49.61
CA ILE C 200 9.98 -3.46 48.53
C ILE C 200 9.36 -4.07 47.27
N LEU C 201 9.96 -3.76 46.11
CA LEU C 201 9.60 -4.37 44.82
C LEU C 201 10.70 -5.28 44.34
N LYS C 202 10.33 -6.30 43.57
CA LYS C 202 11.28 -7.26 43.01
C LYS C 202 11.13 -7.39 41.51
N ILE C 203 12.21 -7.09 40.78
CA ILE C 203 12.27 -7.37 39.34
C ILE C 203 12.83 -8.77 39.17
N TRP C 204 12.02 -9.66 38.61
CA TRP C 204 12.40 -11.03 38.38
C TRP C 204 12.83 -11.23 36.94
N ASN C 205 14.04 -11.74 36.73
CA ASN C 205 14.49 -12.17 35.42
C ASN C 205 13.70 -13.41 35.05
N PHE C 206 12.77 -13.21 34.12
CA PHE C 206 11.68 -14.15 33.84
C PHE C 206 12.12 -15.53 33.34
N SER C 207 13.07 -15.54 32.40
CA SER C 207 13.54 -16.77 31.76
C SER C 207 14.27 -17.75 32.69
N ASN C 208 14.77 -17.22 33.82
CA ASN C 208 15.44 -18.01 34.85
C ASN C 208 14.57 -18.24 36.08
N GLY C 209 13.62 -17.33 36.31
CA GLY C 209 12.74 -17.38 37.48
C GLY C 209 13.42 -16.92 38.76
N LYS C 210 14.46 -16.10 38.60
CA LYS C 210 15.21 -15.53 39.73
C LYS C 210 15.21 -14.01 39.66
N GLN C 211 15.20 -13.37 40.82
CA GLN C 211 15.14 -11.90 40.90
C GLN C 211 16.47 -11.23 40.53
N GLU C 212 16.40 -10.35 39.55
CA GLU C 212 17.58 -9.67 39.01
C GLU C 212 17.99 -8.50 39.91
N ARG C 213 17.12 -7.50 40.02
CA ARG C 213 17.37 -6.33 40.85
C ARG C 213 16.21 -6.04 41.79
N VAL C 214 16.53 -5.83 43.05
CA VAL C 214 15.54 -5.43 44.06
C VAL C 214 15.43 -3.90 44.09
N LEU C 215 14.22 -3.40 44.35
CA LEU C 215 13.96 -1.96 44.30
C LEU C 215 13.78 -1.33 45.68
N SER C 216 14.92 -0.97 46.28
CA SER C 216 14.98 -0.42 47.63
C SER C 216 14.45 1.02 47.68
N GLY C 217 13.27 1.16 48.29
CA GLY C 217 12.56 2.43 48.41
C GLY C 217 11.17 2.18 48.96
N HIS C 218 10.41 3.27 49.15
CA HIS C 218 9.08 3.28 49.80
C HIS C 218 9.15 2.87 51.29
N HIS C 219 8.72 3.79 52.14
CA HIS C 219 8.68 3.55 53.59
C HIS C 219 7.44 2.76 54.01
N TRP C 220 6.47 2.65 53.10
CA TRP C 220 5.27 1.83 53.28
C TRP C 220 5.09 0.87 52.10
N ASP C 221 4.09 -0.02 52.22
CA ASP C 221 3.82 -1.08 51.23
C ASP C 221 3.54 -0.56 49.82
N VAL C 222 4.05 -1.29 48.83
CA VAL C 222 3.85 -0.96 47.41
C VAL C 222 2.50 -1.54 46.97
N LYS C 223 1.48 -0.69 46.96
CA LYS C 223 0.09 -1.10 46.69
C LYS C 223 -0.14 -1.58 45.26
N SER C 224 0.63 -1.03 44.31
CA SER C 224 0.63 -1.48 42.91
C SER C 224 1.89 -1.04 42.19
N CYS C 225 2.14 -1.63 41.03
CA CYS C 225 3.25 -1.24 40.16
C CYS C 225 2.94 -1.53 38.70
N ASP C 226 3.57 -0.77 37.80
CA ASP C 226 3.48 -1.03 36.37
C ASP C 226 4.79 -0.74 35.66
N TRP C 227 5.06 -1.55 34.65
CA TRP C 227 6.22 -1.38 33.80
C TRP C 227 5.81 -0.65 32.53
N HIS C 228 6.61 0.33 32.14
CA HIS C 228 6.45 1.05 30.89
C HIS C 228 6.61 0.09 29.70
N PRO C 229 5.64 0.11 28.76
CA PRO C 229 5.59 -0.89 27.69
C PRO C 229 6.55 -0.67 26.50
N GLU C 230 7.47 0.27 26.62
CA GLU C 230 8.48 0.51 25.59
C GLU C 230 9.87 0.70 26.19
N MET C 231 10.08 1.82 26.88
CA MET C 231 11.34 2.11 27.56
C MET C 231 11.44 1.34 28.88
N GLY C 232 12.66 1.22 29.40
CA GLY C 232 12.90 0.61 30.70
C GLY C 232 12.56 1.57 31.82
N LEU C 233 11.34 1.46 32.33
CA LEU C 233 10.84 2.31 33.42
C LEU C 233 9.74 1.58 34.20
N ILE C 234 9.82 1.62 35.52
CA ILE C 234 8.84 0.95 36.38
C ILE C 234 8.23 1.93 37.39
N ALA C 235 6.95 2.23 37.21
CA ALA C 235 6.16 3.01 38.17
C ALA C 235 5.76 2.11 39.33
N SER C 236 5.56 2.72 40.50
CA SER C 236 5.24 1.98 41.72
C SER C 236 4.36 2.77 42.69
N ALA C 237 3.07 2.42 42.71
CA ALA C 237 2.10 2.98 43.64
C ALA C 237 2.34 2.45 45.05
N SER C 238 2.55 3.38 45.99
CA SER C 238 2.86 3.02 47.38
C SER C 238 1.91 3.69 48.38
N LYS C 239 1.79 3.07 49.55
CA LYS C 239 1.05 3.66 50.67
C LYS C 239 1.83 4.84 51.31
N ASP C 240 3.05 5.05 50.80
CA ASP C 240 3.88 6.21 51.14
C ASP C 240 3.45 7.45 50.35
N ASN C 241 2.27 7.38 49.73
CA ASN C 241 1.67 8.42 48.86
C ASN C 241 2.62 9.06 47.83
N LEU C 242 3.36 8.20 47.13
CA LEU C 242 4.28 8.60 46.06
C LEU C 242 4.52 7.47 45.06
N VAL C 243 4.56 7.83 43.78
CA VAL C 243 4.95 6.89 42.72
C VAL C 243 6.41 7.08 42.32
N LYS C 244 7.25 6.15 42.74
CA LYS C 244 8.66 6.15 42.36
C LYS C 244 8.85 5.45 41.03
N LEU C 245 9.61 6.08 40.14
CA LEU C 245 9.80 5.59 38.78
C LEU C 245 11.17 4.94 38.64
N TRP C 246 11.16 3.61 38.75
CA TRP C 246 12.37 2.79 38.85
C TRP C 246 12.98 2.47 37.49
N ASP C 247 14.29 2.19 37.52
CA ASP C 247 15.02 1.69 36.36
C ASP C 247 15.27 0.20 36.54
N PRO C 248 15.02 -0.61 35.48
CA PRO C 248 15.22 -2.07 35.58
C PRO C 248 16.68 -2.53 35.67
N ARG C 249 17.59 -1.72 35.10
CA ARG C 249 19.01 -2.06 35.03
C ARG C 249 19.68 -1.98 36.40
N SER C 250 19.39 -0.90 37.13
CA SER C 250 19.92 -0.67 38.47
C SER C 250 18.80 -0.23 39.42
N GLY C 251 18.78 -0.84 40.61
CA GLY C 251 17.72 -0.62 41.59
C GLY C 251 17.68 0.74 42.25
N ASN C 252 17.33 1.75 41.46
CA ASN C 252 17.15 3.12 41.94
C ASN C 252 16.11 3.86 41.09
N CYS C 253 15.29 4.66 41.76
CA CYS C 253 14.24 5.42 41.09
C CYS C 253 14.81 6.68 40.45
N ILE C 254 14.56 6.83 39.14
CA ILE C 254 15.06 7.97 38.36
C ILE C 254 14.31 9.27 38.71
N SER C 255 13.05 9.14 39.12
CA SER C 255 12.22 10.25 39.57
C SER C 255 11.13 9.78 40.52
N SER C 256 10.91 10.54 41.59
CA SER C 256 9.85 10.26 42.54
C SER C 256 8.80 11.37 42.48
N ILE C 257 7.59 11.00 42.04
CA ILE C 257 6.47 11.94 41.95
C ILE C 257 5.81 12.07 43.33
N LEU C 258 5.77 13.31 43.83
CA LEU C 258 5.28 13.60 45.18
C LEU C 258 3.96 14.37 45.18
N LYS C 259 3.22 14.27 44.07
CA LYS C 259 1.96 15.01 43.88
C LYS C 259 0.75 14.45 44.65
N PHE C 260 0.87 13.21 45.13
CA PHE C 260 -0.20 12.55 45.88
C PHE C 260 -0.15 12.82 47.38
N LYS C 261 -1.31 12.71 48.03
CA LYS C 261 -1.47 13.13 49.42
C LYS C 261 -1.72 11.99 50.41
N HIS C 262 -2.72 11.15 50.12
CA HIS C 262 -3.15 10.09 51.05
C HIS C 262 -2.39 8.78 50.82
N THR C 263 -2.71 8.09 49.71
CA THR C 263 -1.98 6.90 49.24
C THR C 263 -2.32 6.58 47.78
N VAL C 264 -1.29 6.31 46.99
CA VAL C 264 -1.45 5.93 45.59
C VAL C 264 -1.88 4.46 45.54
N LEU C 265 -3.10 4.24 45.05
CA LEU C 265 -3.73 2.92 45.12
C LEU C 265 -3.27 1.99 44.00
N LYS C 266 -3.23 2.52 42.77
CA LYS C 266 -2.74 1.80 41.59
C LYS C 266 -1.98 2.73 40.66
N THR C 267 -1.23 2.13 39.75
CA THR C 267 -0.54 2.84 38.68
C THR C 267 -0.50 2.03 37.40
N ARG C 268 -0.62 2.71 36.27
CA ARG C 268 -0.56 2.08 34.94
C ARG C 268 0.17 2.96 33.93
N PHE C 269 0.25 2.48 32.69
CA PHE C 269 0.74 3.25 31.55
C PHE C 269 -0.24 3.05 30.39
N GLN C 270 -0.13 3.88 29.36
CA GLN C 270 -0.77 3.57 28.08
C GLN C 270 -0.02 2.36 27.52
N PRO C 271 -0.70 1.20 27.40
CA PRO C 271 0.00 0.00 26.94
C PRO C 271 0.50 0.10 25.50
N THR C 272 -0.07 1.04 24.74
CA THR C 272 0.29 1.25 23.35
C THR C 272 1.62 2.01 23.24
N LYS C 273 1.60 3.30 23.55
CA LYS C 273 2.78 4.16 23.40
C LYS C 273 3.62 4.25 24.67
N GLY C 274 2.94 4.29 25.82
CA GLY C 274 3.60 4.40 27.12
C GLY C 274 3.90 5.82 27.55
N ASN C 275 3.65 6.77 26.65
CA ASN C 275 3.96 8.20 26.86
C ASN C 275 3.32 8.78 28.11
N LEU C 276 2.14 8.29 28.46
CA LEU C 276 1.47 8.72 29.68
C LEU C 276 1.45 7.63 30.73
N LEU C 277 2.06 7.94 31.88
CA LEU C 277 1.90 7.17 33.10
C LEU C 277 0.61 7.63 33.75
N MET C 278 -0.05 6.72 34.45
CA MET C 278 -1.22 7.09 35.23
C MET C 278 -1.16 6.50 36.61
N ALA C 279 -1.77 7.19 37.57
CA ALA C 279 -1.85 6.74 38.94
C ALA C 279 -3.16 7.15 39.58
N ILE C 280 -3.88 6.17 40.09
CA ILE C 280 -5.10 6.38 40.87
C ILE C 280 -4.71 6.51 42.34
N SER C 281 -5.56 7.16 43.13
CA SER C 281 -5.33 7.26 44.57
C SER C 281 -6.47 6.65 45.37
N LYS C 282 -6.17 6.22 46.60
CA LYS C 282 -7.21 5.84 47.56
C LYS C 282 -7.94 7.09 48.04
N ASP C 283 -7.24 8.22 47.98
CA ASP C 283 -7.84 9.55 48.06
C ASP C 283 -8.74 9.77 46.85
N LYS C 284 -9.74 10.63 47.02
CA LYS C 284 -10.64 11.09 45.94
C LYS C 284 -9.94 11.44 44.62
N SER C 285 -8.67 11.85 44.74
CA SER C 285 -7.84 12.31 43.61
C SER C 285 -7.41 11.19 42.66
N CYS C 286 -7.03 11.61 41.46
CA CYS C 286 -6.42 10.75 40.43
C CYS C 286 -5.63 11.63 39.47
N ARG C 287 -4.48 11.14 39.03
CA ARG C 287 -3.58 11.91 38.17
C ARG C 287 -3.04 11.10 36.99
N VAL C 288 -2.89 11.78 35.85
CA VAL C 288 -2.25 11.22 34.68
C VAL C 288 -1.00 12.03 34.39
N PHE C 289 0.14 11.34 34.24
CA PHE C 289 1.44 11.97 34.07
C PHE C 289 2.02 11.78 32.67
N ASP C 290 3.08 12.55 32.37
CA ASP C 290 3.89 12.32 31.18
C ASP C 290 5.29 11.93 31.62
N ILE C 291 5.69 10.69 31.32
CA ILE C 291 7.09 10.29 31.44
C ILE C 291 7.94 10.98 30.36
N ARG C 292 7.26 11.36 29.28
CA ARG C 292 7.85 12.08 28.15
C ARG C 292 8.30 13.48 28.54
N TYR C 293 7.52 14.14 29.39
CA TYR C 293 7.78 15.52 29.79
C TYR C 293 7.90 15.75 31.30
N SER C 294 9.15 15.70 31.77
CA SER C 294 9.58 16.08 33.14
C SER C 294 8.67 15.63 34.31
N MET C 295 7.98 14.50 34.12
CA MET C 295 7.00 13.93 35.06
C MET C 295 5.86 14.91 35.42
N LYS C 296 5.42 15.68 34.43
CA LYS C 296 4.32 16.63 34.56
C LYS C 296 2.99 15.91 34.62
N GLU C 297 2.07 16.43 35.44
CA GLU C 297 0.69 15.93 35.46
C GLU C 297 -0.16 16.66 34.42
N LEU C 298 -1.25 16.02 33.99
CA LEU C 298 -2.15 16.59 33.00
C LEU C 298 -3.54 16.87 33.55
N MET C 299 -4.05 15.94 34.35
CA MET C 299 -5.41 16.06 34.89
C MET C 299 -5.57 15.47 36.28
N CYS C 300 -5.82 16.36 37.24
CA CYS C 300 -6.07 15.98 38.62
C CYS C 300 -7.59 15.87 38.85
N VAL C 301 -8.14 14.72 38.46
CA VAL C 301 -9.57 14.46 38.63
C VAL C 301 -9.91 13.95 40.02
N ARG C 302 -10.92 14.58 40.62
CA ARG C 302 -11.39 14.23 41.95
C ARG C 302 -12.87 13.92 41.92
N ASP C 303 -13.23 12.69 42.28
CA ASP C 303 -14.62 12.28 42.41
C ASP C 303 -14.98 12.13 43.88
N GLU C 304 -16.16 12.63 44.24
CA GLU C 304 -16.68 12.59 45.61
C GLU C 304 -16.70 11.19 46.21
N THR C 305 -17.10 10.22 45.40
CA THR C 305 -16.94 8.79 45.72
C THR C 305 -15.56 8.34 45.26
N ASP C 306 -14.86 7.65 46.16
CA ASP C 306 -13.43 7.34 45.99
C ASP C 306 -13.14 6.34 44.87
N TYR C 307 -12.19 6.70 44.02
CA TYR C 307 -11.70 5.86 42.93
C TYR C 307 -11.01 4.60 43.46
N MET C 308 -11.08 3.51 42.69
CA MET C 308 -10.58 2.21 43.12
C MET C 308 -9.60 1.57 42.15
N THR C 309 -10.00 1.44 40.88
CA THR C 309 -9.15 0.82 39.86
C THR C 309 -9.24 1.49 38.49
N LEU C 310 -8.15 1.42 37.74
CA LEU C 310 -8.07 1.97 36.40
C LEU C 310 -7.57 0.96 35.38
N GLU C 311 -7.93 1.19 34.12
CA GLU C 311 -7.36 0.47 32.98
C GLU C 311 -7.47 1.35 31.76
N TRP C 312 -6.35 1.51 31.08
CA TRP C 312 -6.28 2.25 29.84
C TRP C 312 -6.90 1.46 28.70
N HIS C 313 -7.56 2.18 27.79
CA HIS C 313 -8.03 1.60 26.55
C HIS C 313 -6.80 1.05 25.82
N PRO C 314 -6.84 -0.24 25.42
CA PRO C 314 -5.61 -0.93 25.03
C PRO C 314 -5.02 -0.43 23.70
N ILE C 315 -5.87 0.19 22.88
CA ILE C 315 -5.49 0.64 21.56
C ILE C 315 -5.50 2.16 21.43
N ASN C 316 -6.41 2.80 22.16
CA ASN C 316 -6.57 4.24 22.14
C ASN C 316 -5.83 4.91 23.29
N GLU C 317 -4.66 5.45 22.96
CA GLU C 317 -3.88 6.29 23.87
C GLU C 317 -4.75 7.48 24.26
N SER C 318 -4.54 7.96 25.49
CA SER C 318 -5.34 9.05 26.07
C SER C 318 -6.83 8.72 26.12
N MET C 319 -7.12 7.49 26.53
CA MET C 319 -8.46 7.04 26.84
C MET C 319 -8.33 5.94 27.87
N PHE C 320 -9.03 6.09 28.99
CA PHE C 320 -9.00 5.10 30.06
C PHE C 320 -10.32 5.03 30.81
N THR C 321 -10.41 4.10 31.75
CA THR C 321 -11.61 3.94 32.57
C THR C 321 -11.24 3.79 34.03
N LEU C 322 -11.69 4.74 34.83
CA LEU C 322 -11.60 4.66 36.28
C LEU C 322 -12.89 4.03 36.82
N ALA C 323 -12.80 3.45 38.01
CA ALA C 323 -13.98 2.93 38.70
C ALA C 323 -13.96 3.27 40.17
N CYS C 324 -15.14 3.49 40.73
CA CYS C 324 -15.29 4.02 42.07
C CYS C 324 -15.83 2.99 43.07
N TYR C 325 -15.88 3.40 44.33
CA TYR C 325 -16.50 2.62 45.41
C TYR C 325 -18.02 2.54 45.25
N ASP C 326 -18.59 3.51 44.54
CA ASP C 326 -20.02 3.53 44.20
C ASP C 326 -20.26 2.90 42.82
N GLY C 327 -19.42 1.93 42.47
CA GLY C 327 -19.41 1.33 41.13
C GLY C 327 -18.79 2.35 40.19
N SER C 328 -19.66 3.13 39.54
CA SER C 328 -19.30 4.30 38.73
C SER C 328 -18.13 4.06 37.76
N LEU C 329 -18.43 3.38 36.66
CA LEU C 329 -17.46 3.07 35.62
C LEU C 329 -17.22 4.33 34.79
N LYS C 330 -16.25 5.14 35.25
CA LYS C 330 -16.00 6.46 34.67
C LYS C 330 -14.92 6.42 33.60
N HIS C 331 -15.36 6.57 32.35
CA HIS C 331 -14.49 6.57 31.18
C HIS C 331 -14.01 8.00 30.91
N PHE C 332 -12.74 8.12 30.56
CA PHE C 332 -12.10 9.42 30.38
C PHE C 332 -11.35 9.53 29.06
N ASP C 333 -11.02 10.76 28.68
CA ASP C 333 -10.13 11.06 27.56
C ASP C 333 -9.29 12.27 27.91
N LEU C 334 -8.01 12.19 27.61
CA LEU C 334 -7.09 13.30 27.86
C LEU C 334 -7.11 14.35 26.76
N LEU C 335 -7.92 14.10 25.72
CA LEU C 335 -8.03 15.02 24.59
C LEU C 335 -9.48 15.49 24.40
N GLN C 336 -10.32 15.29 25.41
CA GLN C 336 -11.71 15.72 25.37
C GLN C 336 -12.08 16.53 26.61
N ASN C 337 -11.97 15.91 27.78
CA ASN C 337 -12.20 16.58 29.05
C ASN C 337 -11.16 16.13 30.06
N LEU C 338 -10.28 17.05 30.42
CA LEU C 338 -9.26 16.78 31.43
C LEU C 338 -9.86 16.87 32.83
N ASN C 339 -10.73 17.85 33.04
CA ASN C 339 -11.40 18.05 34.33
C ASN C 339 -12.52 17.03 34.57
N GLU C 340 -13.11 16.52 33.50
CA GLU C 340 -14.34 15.73 33.58
C GLU C 340 -14.23 14.32 32.97
N PRO C 341 -15.05 13.36 33.45
CA PRO C 341 -15.28 12.11 32.72
C PRO C 341 -16.10 12.32 31.45
N ILE C 342 -15.76 11.56 30.42
CA ILE C 342 -16.46 11.59 29.13
C ILE C 342 -17.79 10.87 29.27
N LEU C 343 -17.69 9.60 29.66
CA LEU C 343 -18.83 8.75 29.84
C LEU C 343 -18.81 8.21 31.26
N THR C 344 -19.80 8.63 32.04
CA THR C 344 -20.04 8.05 33.35
C THR C 344 -21.08 6.96 33.21
N ILE C 345 -20.78 5.80 33.79
CA ILE C 345 -21.77 4.76 34.00
C ILE C 345 -21.94 4.66 35.52
N PRO C 346 -22.76 5.56 36.10
CA PRO C 346 -22.82 5.80 37.55
C PRO C 346 -23.34 4.62 38.36
N TYR C 347 -24.15 3.78 37.72
CA TYR C 347 -24.64 2.55 38.33
C TYR C 347 -24.32 1.37 37.43
N ALA C 348 -23.03 1.19 37.17
CA ALA C 348 -22.52 0.06 36.41
C ALA C 348 -22.64 -1.21 37.23
N HIS C 349 -22.08 -1.18 38.43
CA HIS C 349 -22.13 -2.29 39.38
C HIS C 349 -22.88 -1.90 40.63
N ASP C 350 -23.46 -2.91 41.30
CA ASP C 350 -24.16 -2.72 42.56
C ASP C 350 -23.23 -2.29 43.69
N LYS C 351 -22.03 -2.87 43.70
CA LYS C 351 -21.04 -2.61 44.73
C LYS C 351 -19.75 -2.00 44.16
N CYS C 352 -18.74 -1.87 45.02
CA CYS C 352 -17.44 -1.31 44.67
C CYS C 352 -16.69 -2.17 43.66
N ILE C 353 -16.38 -1.59 42.50
CA ILE C 353 -15.58 -2.25 41.47
C ILE C 353 -14.15 -2.42 41.95
N THR C 354 -13.67 -3.66 41.89
CA THR C 354 -12.33 -4.03 42.34
C THR C 354 -11.31 -4.12 41.20
N SER C 355 -11.76 -4.62 40.04
CA SER C 355 -10.86 -4.86 38.91
C SER C 355 -11.57 -4.75 37.56
N LEU C 356 -10.84 -4.24 36.57
CA LEU C 356 -11.35 -4.11 35.20
C LEU C 356 -10.25 -4.19 34.15
N SER C 357 -10.60 -4.77 33.01
CA SER C 357 -9.70 -4.91 31.88
C SER C 357 -10.43 -4.94 30.54
N TYR C 358 -9.82 -4.30 29.55
CA TYR C 358 -10.20 -4.45 28.15
C TYR C 358 -9.47 -5.67 27.60
N ASN C 359 -10.08 -6.39 26.65
CA ASN C 359 -9.29 -7.29 25.84
C ASN C 359 -8.46 -6.45 24.88
N PRO C 360 -7.19 -6.83 24.65
CA PRO C 360 -6.30 -6.02 23.82
C PRO C 360 -6.86 -5.67 22.45
N VAL C 361 -7.89 -6.40 22.03
CA VAL C 361 -8.70 -6.02 20.87
C VAL C 361 -9.34 -4.64 21.11
N GLY C 362 -10.11 -4.52 22.20
CA GLY C 362 -10.73 -3.27 22.60
C GLY C 362 -12.25 -3.32 22.56
N HIS C 363 -12.76 -4.38 21.93
CA HIS C 363 -14.19 -4.50 21.66
C HIS C 363 -15.05 -4.83 22.87
N ILE C 364 -14.48 -5.57 23.83
CA ILE C 364 -15.15 -5.81 25.10
C ILE C 364 -14.28 -5.31 26.24
N PHE C 365 -14.94 -4.69 27.22
CA PHE C 365 -14.29 -4.18 28.41
C PHE C 365 -14.97 -4.78 29.64
N ALA C 366 -14.31 -5.79 30.22
CA ALA C 366 -14.85 -6.50 31.37
C ALA C 366 -14.48 -5.78 32.66
N THR C 367 -15.42 -5.78 33.60
CA THR C 367 -15.22 -5.17 34.91
C THR C 367 -15.97 -5.94 36.00
N ALA C 368 -15.29 -6.13 37.13
CA ALA C 368 -15.82 -6.91 38.24
C ALA C 368 -15.81 -6.15 39.56
N ALA C 369 -16.84 -6.38 40.37
CA ALA C 369 -16.99 -5.73 41.66
C ALA C 369 -17.07 -6.72 42.81
N LYS C 370 -17.07 -6.20 44.04
CA LYS C 370 -17.25 -7.01 45.25
C LYS C 370 -18.69 -7.55 45.43
N ASP C 371 -19.54 -7.28 44.44
CA ASP C 371 -20.88 -7.88 44.36
C ASP C 371 -20.86 -9.30 43.78
N ARG C 372 -19.64 -9.81 43.53
CA ARG C 372 -19.36 -11.17 43.05
C ARG C 372 -19.84 -11.43 41.61
N THR C 373 -20.06 -10.34 40.86
CA THR C 373 -20.49 -10.42 39.46
C THR C 373 -19.55 -9.68 38.52
N ILE C 374 -19.24 -10.31 37.39
CA ILE C 374 -18.38 -9.73 36.36
C ILE C 374 -19.23 -9.28 35.16
N ARG C 375 -19.17 -7.97 34.88
CA ARG C 375 -19.93 -7.35 33.79
C ARG C 375 -19.03 -7.01 32.62
N PHE C 376 -19.52 -7.30 31.42
CA PHE C 376 -18.81 -7.03 30.17
C PHE C 376 -19.41 -5.83 29.48
N TRP C 377 -18.56 -4.98 28.95
CA TRP C 377 -19.00 -3.74 28.31
C TRP C 377 -18.45 -3.63 26.90
N THR C 378 -19.33 -3.79 25.93
CA THR C 378 -18.97 -3.63 24.53
C THR C 378 -19.07 -2.17 24.09
N ARG C 379 -18.66 -1.91 22.86
CA ARG C 379 -18.80 -0.61 22.20
C ARG C 379 -20.28 -0.37 21.90
N ALA C 380 -20.67 0.90 21.85
CA ALA C 380 -22.06 1.29 21.55
C ALA C 380 -22.47 0.91 20.13
N ARG C 381 -23.77 0.73 19.94
CA ARG C 381 -24.35 0.44 18.63
C ARG C 381 -25.27 1.61 18.28
N PRO C 382 -25.15 2.17 17.05
CA PRO C 382 -25.59 3.53 16.72
C PRO C 382 -27.01 3.93 17.15
N ILE C 383 -27.93 2.96 17.21
CA ILE C 383 -29.25 3.22 17.78
C ILE C 383 -29.73 2.10 18.70
N ASP C 384 -30.16 2.50 19.89
CA ASP C 384 -30.84 1.65 20.87
C ASP C 384 -31.50 2.53 21.93
N PRO C 385 -32.79 2.26 22.25
CA PRO C 385 -33.51 3.02 23.30
C PRO C 385 -32.96 2.81 24.72
N ASN C 386 -32.22 1.73 24.93
CA ASN C 386 -31.58 1.44 26.22
C ASN C 386 -30.08 1.79 26.24
N ALA C 387 -29.72 2.87 25.52
CA ALA C 387 -28.33 3.29 25.36
C ALA C 387 -27.73 3.87 26.64
N TYR C 388 -28.43 4.83 27.25
CA TYR C 388 -27.97 5.49 28.48
C TYR C 388 -29.13 5.72 29.44
N PRO C 391 -28.60 -0.05 32.54
CA PRO C 391 -28.92 1.37 32.37
C PRO C 391 -28.84 2.15 33.69
N THR C 392 -29.44 3.34 33.72
CA THR C 392 -29.41 4.23 34.89
C THR C 392 -30.28 3.69 36.04
N TYR C 393 -29.61 3.02 36.97
CA TYR C 393 -30.19 2.43 38.19
C TYR C 393 -31.37 1.46 37.94
N ASN C 394 -31.03 0.19 37.74
CA ASN C 394 -32.02 -0.89 37.61
C ASN C 394 -32.18 -1.56 38.97
N ASN C 395 -33.43 -1.68 39.41
CA ASN C 395 -33.76 -2.06 40.80
C ASN C 395 -33.59 -3.55 41.12
N LYS C 396 -34.14 -4.43 40.27
CA LYS C 396 -34.17 -5.87 40.56
C LYS C 396 -33.29 -6.73 39.65
N LYS C 397 -33.40 -6.52 38.33
CA LYS C 397 -32.66 -7.32 37.36
C LYS C 397 -31.90 -6.47 36.34
N ILE C 398 -30.69 -6.05 36.72
CA ILE C 398 -29.78 -5.31 35.82
C ILE C 398 -29.18 -6.26 34.78
N ASN C 399 -29.03 -7.53 35.17
CA ASN C 399 -28.62 -8.62 34.27
C ASN C 399 -29.82 -9.31 33.62
N GLY C 400 -30.88 -8.54 33.39
CA GLY C 400 -32.15 -9.06 32.89
C GLY C 400 -32.16 -9.51 31.44
N TRP C 401 -31.57 -10.69 31.21
CA TRP C 401 -31.58 -11.40 29.92
C TRP C 401 -31.17 -10.54 28.70
N PHE C 402 -29.86 -10.31 28.58
CA PHE C 402 -29.30 -9.51 27.48
C PHE C 402 -28.73 -10.35 26.34
N PHE C 403 -28.80 -11.68 26.49
CA PHE C 403 -28.32 -12.63 25.49
C PHE C 403 -29.41 -13.11 24.53
N GLY C 404 -30.49 -12.34 24.42
CA GLY C 404 -31.65 -12.69 23.60
C GLY C 404 -31.46 -12.47 22.11
N ILE C 405 -30.49 -13.20 21.54
CA ILE C 405 -30.18 -13.24 20.09
C ILE C 405 -29.70 -11.94 19.42
N ASN C 406 -30.15 -10.80 19.94
CA ASN C 406 -29.94 -9.49 19.32
C ASN C 406 -29.10 -8.54 20.18
N ASN C 407 -28.53 -7.53 19.53
CA ASN C 407 -27.70 -6.52 20.18
C ASN C 407 -28.52 -5.46 20.91
N ASP C 408 -29.48 -4.86 20.19
CA ASP C 408 -30.27 -3.73 20.69
C ASP C 408 -31.69 -4.14 21.09
N ILE C 409 -32.19 -3.52 22.16
CA ILE C 409 -33.55 -3.76 22.67
C ILE C 409 -34.25 -2.46 23.04
N ASN C 410 -35.58 -2.46 22.94
CA ASN C 410 -36.40 -1.28 23.21
C ASN C 410 -36.85 -1.16 24.67
N ALA C 411 -36.46 -0.04 25.29
CA ALA C 411 -36.85 0.34 26.67
C ALA C 411 -36.66 -0.74 27.75
N UNK C 466 -39.18 -0.66 31.42
CA UNK C 466 -38.58 0.67 31.41
C UNK C 466 -37.12 0.65 30.96
N UNK C 467 -36.34 -0.29 31.49
CA UNK C 467 -34.93 -0.46 31.16
C UNK C 467 -34.49 -1.93 31.24
N UNK C 468 -35.09 -2.66 32.17
CA UNK C 468 -34.78 -4.07 32.40
C UNK C 468 -35.79 -5.00 31.72
N UNK C 469 -35.29 -6.12 31.20
CA UNK C 469 -36.14 -7.13 30.57
C UNK C 469 -36.32 -8.35 31.48
N UNK C 470 -37.58 -8.69 31.75
CA UNK C 470 -38.00 -9.80 32.63
C UNK C 470 -37.35 -9.78 34.02
ZN ZN D . -4.44 -32.72 26.35
ZN ZN E . 13.93 -41.69 13.64
#